data_5QS4
# 
_entry.id   5QS4 
# 
_audit_conform.dict_name       mmcif_pdbx.dic 
_audit_conform.dict_version    5.387 
_audit_conform.dict_location   http://mmcif.pdb.org/dictionaries/ascii/mmcif_pdbx.dic 
# 
loop_
_database_2.database_id 
_database_2.database_code 
_database_2.pdbx_database_accession 
_database_2.pdbx_DOI 
PDB   5QS4         pdb_00005qs4 10.2210/pdb5qs4/pdb 
WWPDB D_1001402337 ?            ?                   
# 
loop_
_pdbx_audit_revision_history.ordinal 
_pdbx_audit_revision_history.data_content_type 
_pdbx_audit_revision_history.major_revision 
_pdbx_audit_revision_history.minor_revision 
_pdbx_audit_revision_history.revision_date 
1 'Structure model' 1 0 2019-07-10 
2 'Structure model' 1 1 2019-08-07 
3 'Structure model' 1 2 2024-03-06 
# 
_pdbx_audit_revision_details.ordinal             1 
_pdbx_audit_revision_details.revision_ordinal    1 
_pdbx_audit_revision_details.data_content_type   'Structure model' 
_pdbx_audit_revision_details.provider            repository 
_pdbx_audit_revision_details.type                'Initial release' 
_pdbx_audit_revision_details.description         ? 
_pdbx_audit_revision_details.details             ? 
# 
loop_
_pdbx_audit_revision_group.ordinal 
_pdbx_audit_revision_group.revision_ordinal 
_pdbx_audit_revision_group.data_content_type 
_pdbx_audit_revision_group.group 
1 2 'Structure model' 'Author supporting evidence' 
2 2 'Structure model' 'Data collection'            
3 2 'Structure model' 'Structure summary'          
4 3 'Structure model' 'Data collection'            
5 3 'Structure model' 'Database references'        
6 3 'Structure model' 'Derived calculations'       
# 
loop_
_pdbx_audit_revision_category.ordinal 
_pdbx_audit_revision_category.revision_ordinal 
_pdbx_audit_revision_category.data_content_type 
_pdbx_audit_revision_category.category 
1 2 'Structure model' pdbx_entity_instance_feature 
2 2 'Structure model' pdbx_entry_details           
3 3 'Structure model' chem_comp_atom               
4 3 'Structure model' chem_comp_bond               
5 3 'Structure model' database_2                   
6 3 'Structure model' pdbx_struct_conn_angle       
7 3 'Structure model' struct_conn                  
# 
loop_
_pdbx_audit_revision_item.ordinal 
_pdbx_audit_revision_item.revision_ordinal 
_pdbx_audit_revision_item.data_content_type 
_pdbx_audit_revision_item.item 
1  3 'Structure model' '_database_2.pdbx_DOI'                        
2  3 'Structure model' '_database_2.pdbx_database_accession'         
3  3 'Structure model' '_pdbx_struct_conn_angle.ptnr1_auth_comp_id'  
4  3 'Structure model' '_pdbx_struct_conn_angle.ptnr1_auth_seq_id'   
5  3 'Structure model' '_pdbx_struct_conn_angle.ptnr1_label_alt_id'  
6  3 'Structure model' '_pdbx_struct_conn_angle.ptnr1_label_asym_id' 
7  3 'Structure model' '_pdbx_struct_conn_angle.ptnr1_label_atom_id' 
8  3 'Structure model' '_pdbx_struct_conn_angle.ptnr1_label_comp_id' 
9  3 'Structure model' '_pdbx_struct_conn_angle.ptnr1_label_seq_id'  
10 3 'Structure model' '_pdbx_struct_conn_angle.ptnr1_symmetry'      
11 3 'Structure model' '_pdbx_struct_conn_angle.ptnr3_auth_comp_id'  
12 3 'Structure model' '_pdbx_struct_conn_angle.ptnr3_auth_seq_id'   
13 3 'Structure model' '_pdbx_struct_conn_angle.ptnr3_label_alt_id'  
14 3 'Structure model' '_pdbx_struct_conn_angle.ptnr3_label_asym_id' 
15 3 'Structure model' '_pdbx_struct_conn_angle.ptnr3_label_atom_id' 
16 3 'Structure model' '_pdbx_struct_conn_angle.ptnr3_label_comp_id' 
17 3 'Structure model' '_pdbx_struct_conn_angle.ptnr3_label_seq_id'  
18 3 'Structure model' '_pdbx_struct_conn_angle.ptnr3_symmetry'      
19 3 'Structure model' '_pdbx_struct_conn_angle.value'               
20 3 'Structure model' '_struct_conn.pdbx_dist_value'                
21 3 'Structure model' '_struct_conn.pdbx_ptnr1_label_alt_id'        
22 3 'Structure model' '_struct_conn.ptnr1_auth_comp_id'             
23 3 'Structure model' '_struct_conn.ptnr1_auth_seq_id'              
24 3 'Structure model' '_struct_conn.ptnr1_label_asym_id'            
25 3 'Structure model' '_struct_conn.ptnr1_label_atom_id'            
26 3 'Structure model' '_struct_conn.ptnr1_label_comp_id'            
27 3 'Structure model' '_struct_conn.ptnr1_label_seq_id'             
28 3 'Structure model' '_struct_conn.ptnr2_auth_comp_id'             
29 3 'Structure model' '_struct_conn.ptnr2_auth_seq_id'              
30 3 'Structure model' '_struct_conn.ptnr2_label_asym_id'            
31 3 'Structure model' '_struct_conn.ptnr2_label_atom_id'            
32 3 'Structure model' '_struct_conn.ptnr2_label_comp_id'            
33 3 'Structure model' '_struct_conn.ptnr2_symmetry'                 
# 
_pdbx_database_status.entry_id                        5QS4 
_pdbx_database_status.status_code                     REL 
_pdbx_database_status.status_code_sf                  REL 
_pdbx_database_status.status_code_mr                  ? 
_pdbx_database_status.status_code_cs                  ? 
_pdbx_database_status.recvd_initial_deposition_date   2019-05-25 
_pdbx_database_status.deposit_site                    RCSB 
_pdbx_database_status.process_site                    RCSB 
_pdbx_database_status.SG_entry                        ? 
_pdbx_database_status.pdb_format_compatible           Y 
_pdbx_database_status.methods_development_category    ? 
_pdbx_database_status.status_code_nmr_data            ? 
# 
loop_
_audit_author.name 
_audit_author.pdbx_ordinal 
'Newman, J.A.'        1  
'Gavard, A.E.'        2  
'Fernandez-Cid, A.'   3  
'Sherestha, L.'       4  
'Burgess-Brown, N.A.' 5  
'von Delft, F.'       6  
'Arrowsmith, C.H.'    7  
'Edwards, A.'         8  
'Bountra, C.'         9  
'Gileadi, O.'         10 
# 
_citation.id                        primary 
_citation.title                     'PanDDA analysis group deposition' 
_citation.journal_abbrev            'To Be Published' 
_citation.journal_volume            ? 
_citation.page_first                ? 
_citation.page_last                 ? 
_citation.year                      ? 
_citation.journal_id_ASTM           ? 
_citation.country                   ? 
_citation.journal_id_ISSN           ? 
_citation.journal_id_CSD            0353 
_citation.book_publisher            ? 
_citation.pdbx_database_id_PubMed   ? 
_citation.pdbx_database_id_DOI      ? 
# 
loop_
_citation_author.citation_id 
_citation_author.name 
_citation_author.identifier_ORCID 
_citation_author.ordinal 
primary 'Newman, J.A.'        ? 1  
primary 'Gavard, A.E.'        ? 2  
primary 'Fernandez-Cid, A.'   ? 3  
primary 'Sherestha, L.'       ? 4  
primary 'Burgess-Brown, N.A.' ? 5  
primary 'von Delft, F.'       ? 6  
primary 'Arrowsmith, C.H.'    ? 7  
primary 'Edwards, A.'         ? 8  
primary 'Bountra, C.'         ? 9  
primary 'Gileadi, O.'         ? 10 
# 
loop_
_entity.id 
_entity.type 
_entity.src_method 
_entity.pdbx_description 
_entity.formula_weight 
_entity.pdbx_number_of_molecules 
_entity.pdbx_ec 
_entity.pdbx_mutation 
_entity.pdbx_fragment 
_entity.details 
1 polymer     man 'T-box transcription factor T'             19597.586 1  ? ? ? ? 
2 non-polymer syn 'CADMIUM ION'                              112.411   5  ? ? ? ? 
3 non-polymer syn 'N-(4-methyl-1,3-thiazol-2-yl)propanamide' 170.232   1  ? ? ? ? 
4 water       nat water                                      18.015    71 ? ? ? ? 
# 
_entity_name_com.entity_id   1 
_entity_name_com.name        'Brachyury protein,Protein T' 
# 
_entity_poly.entity_id                      1 
_entity_poly.type                           'polypeptide(L)' 
_entity_poly.nstd_linkage                   no 
_entity_poly.nstd_monomer                   no 
_entity_poly.pdbx_seq_one_letter_code       
;GELRVGLEESELWLRFKELTNEMIVTKNGRRMFPVLKVNVSGLDPNAMYSFLLDFVAADNHRWKYVNGEWVPGGKPEPQA
PSCVYIHPDSPNFGAHWMKAPVSFSKVKLTNKLNGGGQIMLNSLHKYEPRIHIVRVGGPQRMITSHCFPETQFIAVTAYQ
NEEITALKIKYN
;
_entity_poly.pdbx_seq_one_letter_code_can   
;GELRVGLEESELWLRFKELTNEMIVTKNGRRMFPVLKVNVSGLDPNAMYSFLLDFVAADNHRWKYVNGEWVPGGKPEPQA
PSCVYIHPDSPNFGAHWMKAPVSFSKVKLTNKLNGGGQIMLNSLHKYEPRIHIVRVGGPQRMITSHCFPETQFIAVTAYQ
NEEITALKIKYN
;
_entity_poly.pdbx_strand_id                 A 
_entity_poly.pdbx_target_identifier         ? 
# 
loop_
_pdbx_entity_nonpoly.entity_id 
_pdbx_entity_nonpoly.name 
_pdbx_entity_nonpoly.comp_id 
2 'CADMIUM ION'                              CD  
3 'N-(4-methyl-1,3-thiazol-2-yl)propanamide' JFP 
4 water                                      HOH 
# 
loop_
_entity_poly_seq.entity_id 
_entity_poly_seq.num 
_entity_poly_seq.mon_id 
_entity_poly_seq.hetero 
1 1   GLY n 
1 2   GLU n 
1 3   LEU n 
1 4   ARG n 
1 5   VAL n 
1 6   GLY n 
1 7   LEU n 
1 8   GLU n 
1 9   GLU n 
1 10  SER n 
1 11  GLU n 
1 12  LEU n 
1 13  TRP n 
1 14  LEU n 
1 15  ARG n 
1 16  PHE n 
1 17  LYS n 
1 18  GLU n 
1 19  LEU n 
1 20  THR n 
1 21  ASN n 
1 22  GLU n 
1 23  MET n 
1 24  ILE n 
1 25  VAL n 
1 26  THR n 
1 27  LYS n 
1 28  ASN n 
1 29  GLY n 
1 30  ARG n 
1 31  ARG n 
1 32  MET n 
1 33  PHE n 
1 34  PRO n 
1 35  VAL n 
1 36  LEU n 
1 37  LYS n 
1 38  VAL n 
1 39  ASN n 
1 40  VAL n 
1 41  SER n 
1 42  GLY n 
1 43  LEU n 
1 44  ASP n 
1 45  PRO n 
1 46  ASN n 
1 47  ALA n 
1 48  MET n 
1 49  TYR n 
1 50  SER n 
1 51  PHE n 
1 52  LEU n 
1 53  LEU n 
1 54  ASP n 
1 55  PHE n 
1 56  VAL n 
1 57  ALA n 
1 58  ALA n 
1 59  ASP n 
1 60  ASN n 
1 61  HIS n 
1 62  ARG n 
1 63  TRP n 
1 64  LYS n 
1 65  TYR n 
1 66  VAL n 
1 67  ASN n 
1 68  GLY n 
1 69  GLU n 
1 70  TRP n 
1 71  VAL n 
1 72  PRO n 
1 73  GLY n 
1 74  GLY n 
1 75  LYS n 
1 76  PRO n 
1 77  GLU n 
1 78  PRO n 
1 79  GLN n 
1 80  ALA n 
1 81  PRO n 
1 82  SER n 
1 83  CYS n 
1 84  VAL n 
1 85  TYR n 
1 86  ILE n 
1 87  HIS n 
1 88  PRO n 
1 89  ASP n 
1 90  SER n 
1 91  PRO n 
1 92  ASN n 
1 93  PHE n 
1 94  GLY n 
1 95  ALA n 
1 96  HIS n 
1 97  TRP n 
1 98  MET n 
1 99  LYS n 
1 100 ALA n 
1 101 PRO n 
1 102 VAL n 
1 103 SER n 
1 104 PHE n 
1 105 SER n 
1 106 LYS n 
1 107 VAL n 
1 108 LYS n 
1 109 LEU n 
1 110 THR n 
1 111 ASN n 
1 112 LYS n 
1 113 LEU n 
1 114 ASN n 
1 115 GLY n 
1 116 GLY n 
1 117 GLY n 
1 118 GLN n 
1 119 ILE n 
1 120 MET n 
1 121 LEU n 
1 122 ASN n 
1 123 SER n 
1 124 LEU n 
1 125 HIS n 
1 126 LYS n 
1 127 TYR n 
1 128 GLU n 
1 129 PRO n 
1 130 ARG n 
1 131 ILE n 
1 132 HIS n 
1 133 ILE n 
1 134 VAL n 
1 135 ARG n 
1 136 VAL n 
1 137 GLY n 
1 138 GLY n 
1 139 PRO n 
1 140 GLN n 
1 141 ARG n 
1 142 MET n 
1 143 ILE n 
1 144 THR n 
1 145 SER n 
1 146 HIS n 
1 147 CYS n 
1 148 PHE n 
1 149 PRO n 
1 150 GLU n 
1 151 THR n 
1 152 GLN n 
1 153 PHE n 
1 154 ILE n 
1 155 ALA n 
1 156 VAL n 
1 157 THR n 
1 158 ALA n 
1 159 TYR n 
1 160 GLN n 
1 161 ASN n 
1 162 GLU n 
1 163 GLU n 
1 164 ILE n 
1 165 THR n 
1 166 ALA n 
1 167 LEU n 
1 168 LYS n 
1 169 ILE n 
1 170 LYS n 
1 171 TYR n 
1 172 ASN n 
# 
_entity_src_gen.entity_id                          1 
_entity_src_gen.pdbx_src_id                        1 
_entity_src_gen.pdbx_alt_source_flag               sample 
_entity_src_gen.pdbx_seq_type                      'Biological sequence' 
_entity_src_gen.pdbx_beg_seq_num                   1 
_entity_src_gen.pdbx_end_seq_num                   172 
_entity_src_gen.gene_src_common_name               Human 
_entity_src_gen.gene_src_genus                     ? 
_entity_src_gen.pdbx_gene_src_gene                 'TBXT, T' 
_entity_src_gen.gene_src_species                   ? 
_entity_src_gen.gene_src_strain                    ? 
_entity_src_gen.gene_src_tissue                    ? 
_entity_src_gen.gene_src_tissue_fraction           ? 
_entity_src_gen.gene_src_details                   ? 
_entity_src_gen.pdbx_gene_src_fragment             ? 
_entity_src_gen.pdbx_gene_src_scientific_name      'Homo sapiens' 
_entity_src_gen.pdbx_gene_src_ncbi_taxonomy_id     9606 
_entity_src_gen.pdbx_gene_src_variant              ? 
_entity_src_gen.pdbx_gene_src_cell_line            ? 
_entity_src_gen.pdbx_gene_src_atcc                 ? 
_entity_src_gen.pdbx_gene_src_organ                ? 
_entity_src_gen.pdbx_gene_src_organelle            ? 
_entity_src_gen.pdbx_gene_src_cell                 ? 
_entity_src_gen.pdbx_gene_src_cellular_location    ? 
_entity_src_gen.host_org_common_name               ? 
_entity_src_gen.pdbx_host_org_scientific_name      'Escherichia coli' 
_entity_src_gen.pdbx_host_org_ncbi_taxonomy_id     562 
_entity_src_gen.host_org_genus                     ? 
_entity_src_gen.pdbx_host_org_gene                 ? 
_entity_src_gen.pdbx_host_org_organ                ? 
_entity_src_gen.host_org_species                   ? 
_entity_src_gen.pdbx_host_org_tissue               ? 
_entity_src_gen.pdbx_host_org_tissue_fraction      ? 
_entity_src_gen.pdbx_host_org_strain               ? 
_entity_src_gen.pdbx_host_org_variant              ? 
_entity_src_gen.pdbx_host_org_cell_line            ? 
_entity_src_gen.pdbx_host_org_atcc                 ? 
_entity_src_gen.pdbx_host_org_culture_collection   ? 
_entity_src_gen.pdbx_host_org_cell                 ? 
_entity_src_gen.pdbx_host_org_organelle            ? 
_entity_src_gen.pdbx_host_org_cellular_location    ? 
_entity_src_gen.pdbx_host_org_vector_type          ? 
_entity_src_gen.pdbx_host_org_vector               ? 
_entity_src_gen.host_org_details                   ? 
_entity_src_gen.expression_system_id               ? 
_entity_src_gen.plasmid_name                       ? 
_entity_src_gen.plasmid_details                    ? 
_entity_src_gen.pdbx_description                   ? 
# 
loop_
_chem_comp.id 
_chem_comp.type 
_chem_comp.mon_nstd_flag 
_chem_comp.name 
_chem_comp.pdbx_synonyms 
_chem_comp.formula 
_chem_comp.formula_weight 
ALA 'L-peptide linking' y ALANINE                                    ? 'C3 H7 N O2'     89.093  
ARG 'L-peptide linking' y ARGININE                                   ? 'C6 H15 N4 O2 1' 175.209 
ASN 'L-peptide linking' y ASPARAGINE                                 ? 'C4 H8 N2 O3'    132.118 
ASP 'L-peptide linking' y 'ASPARTIC ACID'                            ? 'C4 H7 N O4'     133.103 
CD  non-polymer         . 'CADMIUM ION'                              ? 'Cd 2'           112.411 
CYS 'L-peptide linking' y CYSTEINE                                   ? 'C3 H7 N O2 S'   121.158 
GLN 'L-peptide linking' y GLUTAMINE                                  ? 'C5 H10 N2 O3'   146.144 
GLU 'L-peptide linking' y 'GLUTAMIC ACID'                            ? 'C5 H9 N O4'     147.129 
GLY 'peptide linking'   y GLYCINE                                    ? 'C2 H5 N O2'     75.067  
HIS 'L-peptide linking' y HISTIDINE                                  ? 'C6 H10 N3 O2 1' 156.162 
HOH non-polymer         . WATER                                      ? 'H2 O'           18.015  
ILE 'L-peptide linking' y ISOLEUCINE                                 ? 'C6 H13 N O2'    131.173 
JFP non-polymer         . 'N-(4-methyl-1,3-thiazol-2-yl)propanamide' ? 'C7 H10 N2 O S'  170.232 
LEU 'L-peptide linking' y LEUCINE                                    ? 'C6 H13 N O2'    131.173 
LYS 'L-peptide linking' y LYSINE                                     ? 'C6 H15 N2 O2 1' 147.195 
MET 'L-peptide linking' y METHIONINE                                 ? 'C5 H11 N O2 S'  149.211 
PHE 'L-peptide linking' y PHENYLALANINE                              ? 'C9 H11 N O2'    165.189 
PRO 'L-peptide linking' y PROLINE                                    ? 'C5 H9 N O2'     115.130 
SER 'L-peptide linking' y SERINE                                     ? 'C3 H7 N O3'     105.093 
THR 'L-peptide linking' y THREONINE                                  ? 'C4 H9 N O3'     119.119 
TRP 'L-peptide linking' y TRYPTOPHAN                                 ? 'C11 H12 N2 O2'  204.225 
TYR 'L-peptide linking' y TYROSINE                                   ? 'C9 H11 N O3'    181.189 
VAL 'L-peptide linking' y VALINE                                     ? 'C5 H11 N O2'    117.146 
# 
loop_
_pdbx_poly_seq_scheme.asym_id 
_pdbx_poly_seq_scheme.entity_id 
_pdbx_poly_seq_scheme.seq_id 
_pdbx_poly_seq_scheme.mon_id 
_pdbx_poly_seq_scheme.ndb_seq_num 
_pdbx_poly_seq_scheme.pdb_seq_num 
_pdbx_poly_seq_scheme.auth_seq_num 
_pdbx_poly_seq_scheme.pdb_mon_id 
_pdbx_poly_seq_scheme.auth_mon_id 
_pdbx_poly_seq_scheme.pdb_strand_id 
_pdbx_poly_seq_scheme.pdb_ins_code 
_pdbx_poly_seq_scheme.hetero 
A 1 1   GLY 1   40  ?   ?   ?   A . n 
A 1 2   GLU 2   41  41  GLU GLU A . n 
A 1 3   LEU 3   42  42  LEU LEU A . n 
A 1 4   ARG 4   43  43  ARG ARG A . n 
A 1 5   VAL 5   44  44  VAL VAL A . n 
A 1 6   GLY 6   45  45  GLY GLY A . n 
A 1 7   LEU 7   46  46  LEU LEU A . n 
A 1 8   GLU 8   47  47  GLU GLU A . n 
A 1 9   GLU 9   48  48  GLU GLU A . n 
A 1 10  SER 10  49  49  SER SER A . n 
A 1 11  GLU 11  50  50  GLU GLU A . n 
A 1 12  LEU 12  51  51  LEU LEU A . n 
A 1 13  TRP 13  52  52  TRP TRP A . n 
A 1 14  LEU 14  53  53  LEU LEU A . n 
A 1 15  ARG 15  54  54  ARG ARG A . n 
A 1 16  PHE 16  55  55  PHE PHE A . n 
A 1 17  LYS 17  56  56  LYS LYS A . n 
A 1 18  GLU 18  57  57  GLU GLU A . n 
A 1 19  LEU 19  58  58  LEU LEU A . n 
A 1 20  THR 20  59  59  THR THR A . n 
A 1 21  ASN 21  60  60  ASN ASN A . n 
A 1 22  GLU 22  61  61  GLU GLU A . n 
A 1 23  MET 23  62  62  MET MET A . n 
A 1 24  ILE 24  63  63  ILE ILE A . n 
A 1 25  VAL 25  64  64  VAL VAL A . n 
A 1 26  THR 26  65  65  THR THR A . n 
A 1 27  LYS 27  66  66  LYS LYS A . n 
A 1 28  ASN 28  67  67  ASN ASN A . n 
A 1 29  GLY 29  68  68  GLY GLY A . n 
A 1 30  ARG 30  69  69  ARG ARG A . n 
A 1 31  ARG 31  70  70  ARG ARG A . n 
A 1 32  MET 32  71  71  MET MET A . n 
A 1 33  PHE 33  72  72  PHE PHE A . n 
A 1 34  PRO 34  73  73  PRO PRO A . n 
A 1 35  VAL 35  74  74  VAL VAL A . n 
A 1 36  LEU 36  75  75  LEU LEU A . n 
A 1 37  LYS 37  76  76  LYS LYS A . n 
A 1 38  VAL 38  77  77  VAL VAL A . n 
A 1 39  ASN 39  78  78  ASN ASN A . n 
A 1 40  VAL 40  79  79  VAL VAL A . n 
A 1 41  SER 41  80  80  SER SER A . n 
A 1 42  GLY 42  81  81  GLY GLY A . n 
A 1 43  LEU 43  82  82  LEU LEU A . n 
A 1 44  ASP 44  83  83  ASP ASP A . n 
A 1 45  PRO 45  84  84  PRO PRO A . n 
A 1 46  ASN 46  85  85  ASN ASN A . n 
A 1 47  ALA 47  86  86  ALA ALA A . n 
A 1 48  MET 48  87  87  MET MET A . n 
A 1 49  TYR 49  88  88  TYR TYR A . n 
A 1 50  SER 50  89  89  SER SER A . n 
A 1 51  PHE 51  90  90  PHE PHE A . n 
A 1 52  LEU 52  91  91  LEU LEU A . n 
A 1 53  LEU 53  92  92  LEU LEU A . n 
A 1 54  ASP 54  93  93  ASP ASP A . n 
A 1 55  PHE 55  94  94  PHE PHE A . n 
A 1 56  VAL 56  95  95  VAL VAL A . n 
A 1 57  ALA 57  96  96  ALA ALA A . n 
A 1 58  ALA 58  97  97  ALA ALA A . n 
A 1 59  ASP 59  98  98  ASP ASP A . n 
A 1 60  ASN 60  99  99  ASN ASN A . n 
A 1 61  HIS 61  100 100 HIS HIS A . n 
A 1 62  ARG 62  101 101 ARG ARG A . n 
A 1 63  TRP 63  102 102 TRP TRP A . n 
A 1 64  LYS 64  103 103 LYS LYS A . n 
A 1 65  TYR 65  104 104 TYR TYR A . n 
A 1 66  VAL 66  105 105 VAL VAL A . n 
A 1 67  ASN 67  106 106 ASN ASN A . n 
A 1 68  GLY 68  107 107 GLY GLY A . n 
A 1 69  GLU 69  108 108 GLU GLU A . n 
A 1 70  TRP 70  109 109 TRP TRP A . n 
A 1 71  VAL 71  110 110 VAL VAL A . n 
A 1 72  PRO 72  111 111 PRO PRO A . n 
A 1 73  GLY 73  112 112 GLY GLY A . n 
A 1 74  GLY 74  113 113 GLY GLY A . n 
A 1 75  LYS 75  114 114 LYS LYS A . n 
A 1 76  PRO 76  115 115 PRO PRO A . n 
A 1 77  GLU 77  116 116 GLU GLU A . n 
A 1 78  PRO 78  117 117 PRO PRO A . n 
A 1 79  GLN 79  118 118 GLN GLN A . n 
A 1 80  ALA 80  119 119 ALA ALA A . n 
A 1 81  PRO 81  120 120 PRO PRO A . n 
A 1 82  SER 82  121 121 SER SER A . n 
A 1 83  CYS 83  122 122 CYS CYS A . n 
A 1 84  VAL 84  123 123 VAL VAL A . n 
A 1 85  TYR 85  124 124 TYR TYR A . n 
A 1 86  ILE 86  125 125 ILE ILE A . n 
A 1 87  HIS 87  126 126 HIS HIS A . n 
A 1 88  PRO 88  127 127 PRO PRO A . n 
A 1 89  ASP 89  128 128 ASP ASP A . n 
A 1 90  SER 90  129 129 SER SER A . n 
A 1 91  PRO 91  130 130 PRO PRO A . n 
A 1 92  ASN 92  131 131 ASN ASN A . n 
A 1 93  PHE 93  132 132 PHE PHE A . n 
A 1 94  GLY 94  133 133 GLY GLY A . n 
A 1 95  ALA 95  134 134 ALA ALA A . n 
A 1 96  HIS 96  135 135 HIS HIS A . n 
A 1 97  TRP 97  136 136 TRP TRP A . n 
A 1 98  MET 98  137 137 MET MET A . n 
A 1 99  LYS 99  138 138 LYS LYS A . n 
A 1 100 ALA 100 139 139 ALA ALA A . n 
A 1 101 PRO 101 140 140 PRO PRO A . n 
A 1 102 VAL 102 141 141 VAL VAL A . n 
A 1 103 SER 103 142 142 SER SER A . n 
A 1 104 PHE 104 143 143 PHE PHE A . n 
A 1 105 SER 105 144 144 SER SER A . n 
A 1 106 LYS 106 145 145 LYS LYS A . n 
A 1 107 VAL 107 146 146 VAL VAL A . n 
A 1 108 LYS 108 147 147 LYS LYS A . n 
A 1 109 LEU 109 148 148 LEU LEU A . n 
A 1 110 THR 110 149 149 THR THR A . n 
A 1 111 ASN 111 150 150 ASN ASN A . n 
A 1 112 LYS 112 151 151 LYS LYS A . n 
A 1 113 LEU 113 152 152 LEU LEU A . n 
A 1 114 ASN 114 153 153 ASN ASN A . n 
A 1 115 GLY 115 154 154 GLY GLY A . n 
A 1 116 GLY 116 155 155 GLY GLY A . n 
A 1 117 GLY 117 156 156 GLY GLY A . n 
A 1 118 GLN 118 157 157 GLN GLN A . n 
A 1 119 ILE 119 158 158 ILE ILE A . n 
A 1 120 MET 120 159 159 MET MET A . n 
A 1 121 LEU 121 160 160 LEU LEU A . n 
A 1 122 ASN 122 161 161 ASN ASN A . n 
A 1 123 SER 123 162 162 SER SER A . n 
A 1 124 LEU 124 163 163 LEU LEU A . n 
A 1 125 HIS 125 164 164 HIS HIS A . n 
A 1 126 LYS 126 165 165 LYS LYS A . n 
A 1 127 TYR 127 166 166 TYR TYR A . n 
A 1 128 GLU 128 167 167 GLU GLU A . n 
A 1 129 PRO 129 168 168 PRO PRO A . n 
A 1 130 ARG 130 169 169 ARG ARG A . n 
A 1 131 ILE 131 170 170 ILE ILE A . n 
A 1 132 HIS 132 171 171 HIS HIS A . n 
A 1 133 ILE 133 172 172 ILE ILE A . n 
A 1 134 VAL 134 173 173 VAL VAL A . n 
A 1 135 ARG 135 174 174 ARG ARG A . n 
A 1 136 VAL 136 175 175 VAL VAL A . n 
A 1 137 GLY 137 176 176 GLY GLY A . n 
A 1 138 GLY 138 177 177 GLY GLY A . n 
A 1 139 PRO 139 178 178 PRO PRO A . n 
A 1 140 GLN 140 179 179 GLN GLN A . n 
A 1 141 ARG 141 180 180 ARG ARG A . n 
A 1 142 MET 142 181 181 MET MET A . n 
A 1 143 ILE 143 182 182 ILE ILE A . n 
A 1 144 THR 144 183 183 THR THR A . n 
A 1 145 SER 145 184 184 SER SER A . n 
A 1 146 HIS 146 185 185 HIS HIS A . n 
A 1 147 CYS 147 186 186 CYS CYS A . n 
A 1 148 PHE 148 187 187 PHE PHE A . n 
A 1 149 PRO 149 188 188 PRO PRO A . n 
A 1 150 GLU 150 189 189 GLU GLU A . n 
A 1 151 THR 151 190 190 THR THR A . n 
A 1 152 GLN 152 191 191 GLN GLN A . n 
A 1 153 PHE 153 192 192 PHE PHE A . n 
A 1 154 ILE 154 193 193 ILE ILE A . n 
A 1 155 ALA 155 194 194 ALA ALA A . n 
A 1 156 VAL 156 195 195 VAL VAL A . n 
A 1 157 THR 157 196 196 THR THR A . n 
A 1 158 ALA 158 197 197 ALA ALA A . n 
A 1 159 TYR 159 198 198 TYR TYR A . n 
A 1 160 GLN 160 199 199 GLN GLN A . n 
A 1 161 ASN 161 200 200 ASN ASN A . n 
A 1 162 GLU 162 201 201 GLU GLU A . n 
A 1 163 GLU 163 202 202 GLU GLU A . n 
A 1 164 ILE 164 203 203 ILE ILE A . n 
A 1 165 THR 165 204 204 THR THR A . n 
A 1 166 ALA 166 205 205 ALA ALA A . n 
A 1 167 LEU 167 206 206 LEU LEU A . n 
A 1 168 LYS 168 207 207 LYS LYS A . n 
A 1 169 ILE 169 208 208 ILE ILE A . n 
A 1 170 LYS 170 209 209 LYS LYS A . n 
A 1 171 TYR 171 210 210 TYR TYR A . n 
A 1 172 ASN 172 211 211 ASN ASN A . n 
# 
loop_
_pdbx_nonpoly_scheme.asym_id 
_pdbx_nonpoly_scheme.entity_id 
_pdbx_nonpoly_scheme.mon_id 
_pdbx_nonpoly_scheme.ndb_seq_num 
_pdbx_nonpoly_scheme.pdb_seq_num 
_pdbx_nonpoly_scheme.auth_seq_num 
_pdbx_nonpoly_scheme.pdb_mon_id 
_pdbx_nonpoly_scheme.auth_mon_id 
_pdbx_nonpoly_scheme.pdb_strand_id 
_pdbx_nonpoly_scheme.pdb_ins_code 
B 2 CD  1  301 1  CD  CD  A . 
C 2 CD  1  302 2  CD  CD  A . 
D 2 CD  1  303 3  CD  CD  A . 
E 2 CD  1  304 4  CD  CD  A . 
F 2 CD  1  305 5  CD  CD  A . 
G 3 JFP 1  306 1  JFP LIG A . 
H 4 HOH 1  401 79 HOH HOH A . 
H 4 HOH 2  402 48 HOH HOH A . 
H 4 HOH 3  403 24 HOH HOH A . 
H 4 HOH 4  404 21 HOH HOH A . 
H 4 HOH 5  405 53 HOH HOH A . 
H 4 HOH 6  406 58 HOH HOH A . 
H 4 HOH 7  407 54 HOH HOH A . 
H 4 HOH 8  408 68 HOH HOH A . 
H 4 HOH 9  409 71 HOH HOH A . 
H 4 HOH 10 410 61 HOH HOH A . 
H 4 HOH 11 411 45 HOH HOH A . 
H 4 HOH 12 412 44 HOH HOH A . 
H 4 HOH 13 413 16 HOH HOH A . 
H 4 HOH 14 414 55 HOH HOH A . 
H 4 HOH 15 415 52 HOH HOH A . 
H 4 HOH 16 416 41 HOH HOH A . 
H 4 HOH 17 417 56 HOH HOH A . 
H 4 HOH 18 418 18 HOH HOH A . 
H 4 HOH 19 419 4  HOH HOH A . 
H 4 HOH 20 420 52 HOH HOH A . 
H 4 HOH 21 421 70 HOH HOH A . 
H 4 HOH 22 422 32 HOH HOH A . 
H 4 HOH 23 423 14 HOH HOH A . 
H 4 HOH 24 424 17 HOH HOH A . 
H 4 HOH 25 425 51 HOH HOH A . 
H 4 HOH 26 426 31 HOH HOH A . 
H 4 HOH 27 427 47 HOH HOH A . 
H 4 HOH 28 428 33 HOH HOH A . 
H 4 HOH 29 429 50 HOH HOH A . 
H 4 HOH 30 430 67 HOH HOH A . 
H 4 HOH 31 431 45 HOH HOH A . 
H 4 HOH 32 432 10 HOH HOH A . 
H 4 HOH 33 433 49 HOH HOH A . 
H 4 HOH 34 434 6  HOH HOH A . 
H 4 HOH 35 435 1  HOH HOH A . 
H 4 HOH 36 436 63 HOH HOH A . 
H 4 HOH 37 437 69 HOH HOH A . 
H 4 HOH 38 438 8  HOH HOH A . 
H 4 HOH 39 439 66 HOH HOH A . 
H 4 HOH 40 440 57 HOH HOH A . 
H 4 HOH 41 441 75 HOH HOH A . 
H 4 HOH 42 442 60 HOH HOH A . 
H 4 HOH 43 443 73 HOH HOH A . 
H 4 HOH 44 444 23 HOH HOH A . 
H 4 HOH 45 445 8  HOH HOH A . 
H 4 HOH 46 446 64 HOH HOH A . 
H 4 HOH 47 447 28 HOH HOH A . 
H 4 HOH 48 448 12 HOH HOH A . 
H 4 HOH 49 449 14 HOH HOH A . 
H 4 HOH 50 450 11 HOH HOH A . 
H 4 HOH 51 451 2  HOH HOH A . 
H 4 HOH 52 452 46 HOH HOH A . 
H 4 HOH 53 453 30 HOH HOH A . 
H 4 HOH 54 454 4  HOH HOH A . 
H 4 HOH 55 455 77 HOH HOH A . 
H 4 HOH 56 456 65 HOH HOH A . 
H 4 HOH 57 457 6  HOH HOH A . 
H 4 HOH 58 458 1  HOH HOH A . 
H 4 HOH 59 459 15 HOH HOH A . 
H 4 HOH 60 460 7  HOH HOH A . 
H 4 HOH 61 461 3  HOH HOH A . 
H 4 HOH 62 462 72 HOH HOH A . 
H 4 HOH 63 463 5  HOH HOH A . 
H 4 HOH 64 464 3  HOH HOH A . 
H 4 HOH 65 465 10 HOH HOH A . 
H 4 HOH 66 466 62 HOH HOH A . 
H 4 HOH 67 467 78 HOH HOH A . 
H 4 HOH 68 468 43 HOH HOH A . 
H 4 HOH 69 469 16 HOH HOH A . 
H 4 HOH 70 470 17 HOH HOH A . 
H 4 HOH 71 471 18 HOH HOH A . 
# 
loop_
_pdbx_unobs_or_zero_occ_atoms.id 
_pdbx_unobs_or_zero_occ_atoms.PDB_model_num 
_pdbx_unobs_or_zero_occ_atoms.polymer_flag 
_pdbx_unobs_or_zero_occ_atoms.occupancy_flag 
_pdbx_unobs_or_zero_occ_atoms.auth_asym_id 
_pdbx_unobs_or_zero_occ_atoms.auth_comp_id 
_pdbx_unobs_or_zero_occ_atoms.auth_seq_id 
_pdbx_unobs_or_zero_occ_atoms.PDB_ins_code 
_pdbx_unobs_or_zero_occ_atoms.auth_atom_id 
_pdbx_unobs_or_zero_occ_atoms.label_alt_id 
_pdbx_unobs_or_zero_occ_atoms.label_asym_id 
_pdbx_unobs_or_zero_occ_atoms.label_comp_id 
_pdbx_unobs_or_zero_occ_atoms.label_seq_id 
_pdbx_unobs_or_zero_occ_atoms.label_atom_id 
1 1 Y 1 A ARG 43 ? CG  ? A ARG 4 CG  
2 1 Y 1 A ARG 43 ? CD  ? A ARG 4 CD  
3 1 Y 1 A ARG 43 ? NE  ? A ARG 4 NE  
4 1 Y 1 A ARG 43 ? CZ  ? A ARG 4 CZ  
5 1 Y 1 A ARG 43 ? NH1 ? A ARG 4 NH1 
6 1 Y 1 A ARG 43 ? NH2 ? A ARG 4 NH2 
# 
loop_
_software.pdbx_ordinal 
_software.name 
_software.version 
_software.date 
_software.type 
_software.contact_author 
_software.contact_author_email 
_software.classification 
_software.location 
_software.language 
_software.citation_id 
1 REFMAC      5.8.0238 ?               program 'Garib N. Murshudov' garib@ysbl.york.ac.uk    refinement        
http://www.ccp4.ac.uk/dist/html/refmac5.html        Fortran_77 ? 
2 Aimless     0.7.1    27/03/18        program 'Phil Evans'         ?                        'data scaling'    
http://www.mrc-lmb.cam.ac.uk/harry/pre/aimless.html ?          ? 
3 PDB_EXTRACT 3.23     'SEP. 23, 2016' package PDB                  deposit@deposit.rcsb.org 'data extraction' 
http://sw-tools.pdb.org/apps/PDB_EXTRACT/           C++        ? 
4 XDS         .        ?               program ?                    ?                        'data reduction'  ? ?          ? 
5 REFMAC      .        ?               program ?                    ?                        phasing           ? ?          ? 
# 
_cell.entry_id           5QS4 
_cell.length_a           59.990 
_cell.length_b           59.990 
_cell.length_c           110.220 
_cell.angle_alpha        90.000 
_cell.angle_beta         90.000 
_cell.angle_gamma        90.000 
_cell.Z_PDB              8 
_cell.pdbx_unique_axis   ? 
# 
_symmetry.entry_id                         5QS4 
_symmetry.Int_Tables_number                91 
_symmetry.space_group_name_H-M             'P 41 2 2' 
_symmetry.pdbx_full_space_group_name_H-M   ? 
_symmetry.cell_setting                     ? 
# 
_exptl.crystals_number   1 
_exptl.entry_id          5QS4 
_exptl.method            'X-RAY DIFFRACTION' 
# 
_exptl_crystal.id                    1 
_exptl_crystal.pdbx_mosaicity        0.000 
_exptl_crystal.pdbx_mosaicity_esd    ? 
_exptl_crystal.density_Matthews      2.53 
_exptl_crystal.density_diffrn        ? 
_exptl_crystal.density_meas          ? 
_exptl_crystal.density_meas_temp     ? 
_exptl_crystal.density_percent_sol   51.38 
_exptl_crystal.size_max              ? 
_exptl_crystal.size_mid              ? 
_exptl_crystal.size_min              ? 
_exptl_crystal.size_rad              ? 
_exptl_crystal.description           ? 
# 
_exptl_crystal_grow.crystal_id      1 
_exptl_crystal_grow.method          'VAPOR DIFFUSION, SITTING DROP' 
_exptl_crystal_grow.pH              4.5 
_exptl_crystal_grow.temp            298 
_exptl_crystal_grow.pdbx_details    '0.1 M CdCl, 0.1 M Acetate pH 4.5, 32% PEG 400' 
_exptl_crystal_grow.temp_details    ? 
_exptl_crystal_grow.pdbx_pH_range   ? 
# 
_diffrn.id                     1 
_diffrn.ambient_temp           100 
_diffrn.crystal_id             1 
_diffrn.ambient_temp_details   ? 
# 
_diffrn_detector.detector               PIXEL 
_diffrn_detector.type                   'DECTRIS PILATUS 6M' 
_diffrn_detector.pdbx_collection_date   2018-07-22 
_diffrn_detector.diffrn_id              1 
_diffrn_detector.details                ? 
# 
_diffrn_radiation.diffrn_id                        1 
_diffrn_radiation.wavelength_id                    1 
_diffrn_radiation.pdbx_diffrn_protocol             'SINGLE WAVELENGTH' 
_diffrn_radiation.pdbx_monochromatic_or_laue_m_l   M 
_diffrn_radiation.monochromator                    ? 
_diffrn_radiation.pdbx_scattering_type             x-ray 
# 
_diffrn_radiation_wavelength.id           1 
_diffrn_radiation_wavelength.wavelength   0.91587 
_diffrn_radiation_wavelength.wt           1.0 
# 
_diffrn_source.diffrn_id                   1 
_diffrn_source.source                      SYNCHROTRON 
_diffrn_source.type                        'DIAMOND BEAMLINE I04-1' 
_diffrn_source.pdbx_wavelength_list        0.91587 
_diffrn_source.pdbx_synchrotron_site       Diamond 
_diffrn_source.pdbx_synchrotron_beamline   I04-1 
_diffrn_source.pdbx_wavelength             ? 
# 
_reflns.entry_id                     5QS4 
_reflns.pdbx_diffrn_id               1 
_reflns.pdbx_ordinal                 1 
_reflns.observed_criterion_sigma_I   ? 
_reflns.observed_criterion_sigma_F   ? 
_reflns.d_resolution_low             55.110 
_reflns.d_resolution_high            1.650 
_reflns.number_obs                   24822 
_reflns.number_all                   ? 
_reflns.percent_possible_obs         99.400 
_reflns.pdbx_Rmerge_I_obs            0.069 
_reflns.pdbx_Rsym_value              ? 
_reflns.pdbx_netI_over_sigmaI        16.100 
_reflns.B_iso_Wilson_estimate        ? 
_reflns.pdbx_redundancy              12.700 
_reflns.pdbx_Rrim_I_all              0.072 
_reflns.pdbx_Rpim_I_all              0.020 
_reflns.pdbx_CC_half                 0.999 
_reflns.pdbx_netI_over_av_sigmaI     ? 
_reflns.pdbx_number_measured_all     315135 
_reflns.pdbx_scaling_rejects         0 
_reflns.pdbx_chi_squared             ? 
_reflns.Rmerge_F_all                 ? 
_reflns.Rmerge_F_obs                 ? 
_reflns.observed_criterion_F_max     ? 
_reflns.observed_criterion_F_min     ? 
_reflns.observed_criterion_I_max     ? 
_reflns.observed_criterion_I_min     ? 
_reflns.pdbx_d_res_high_opt          ? 
_reflns.pdbx_d_res_low_opt           ? 
_reflns.details                      ? 
# 
loop_
_reflns_shell.pdbx_diffrn_id 
_reflns_shell.pdbx_ordinal 
_reflns_shell.d_res_high 
_reflns_shell.d_res_low 
_reflns_shell.number_measured_obs 
_reflns_shell.number_measured_all 
_reflns_shell.number_unique_obs 
_reflns_shell.pdbx_rejects 
_reflns_shell.Rmerge_I_obs 
_reflns_shell.meanI_over_sigI_obs 
_reflns_shell.pdbx_Rsym_value 
_reflns_shell.pdbx_chi_squared 
_reflns_shell.pdbx_redundancy 
_reflns_shell.percent_possible_obs 
_reflns_shell.pdbx_netI_over_sigmaI_obs 
_reflns_shell.number_possible 
_reflns_shell.number_unique_all 
_reflns_shell.Rmerge_F_all 
_reflns_shell.Rmerge_F_obs 
_reflns_shell.Rmerge_I_all 
_reflns_shell.meanI_over_sigI_all 
_reflns_shell.percent_possible_all 
_reflns_shell.pdbx_Rrim_I_all 
_reflns_shell.pdbx_Rpim_I_all 
_reflns_shell.pdbx_CC_half 
1 1 1.650 1.690  ? 20912 ? ? 2.315 ? ? ? 11.800 ? 1.200  ? 1774 ? ? ? ? 98.700 2.421 0.698 0.606 
1 2 7.380 55.110 ? 3689  ? ? 0.045 ? ? ? 10.600 ? 45.000 ? 349  ? ? ? ? 99.700 0.047 0.014 0.999 
# 
_refine.entry_id                                 5QS4 
_refine.pdbx_refine_id                           'X-RAY DIFFRACTION' 
_refine.ls_d_res_high                            1.6500 
_refine.ls_d_res_low                             52.7500 
_refine.pdbx_ls_sigma_F                          0.000 
_refine.pdbx_data_cutoff_high_absF               ? 
_refine.pdbx_data_cutoff_low_absF                ? 
_refine.ls_percent_reflns_obs                    99.2000 
_refine.ls_number_reflns_obs                     23597 
_refine.ls_number_reflns_all                     ? 
_refine.pdbx_ls_cross_valid_method               THROUGHOUT 
_refine.ls_matrix_type                           ? 
_refine.pdbx_R_Free_selection_details            RANDOM 
_refine.details                                  
'HYDROGENS HAVE BEEN ADDED IN THE RIDING POSITIONS U VALUES      : REFINED INDIVIDUALLY' 
_refine.ls_R_factor_all                          ? 
_refine.ls_R_factor_obs                          0.2200 
_refine.ls_R_factor_R_work                       0.2186 
_refine.ls_wR_factor_R_work                      ? 
_refine.ls_R_factor_R_free                       0.2493 
_refine.ls_wR_factor_R_free                      ? 
_refine.ls_percent_reflns_R_free                 4.8000 
_refine.ls_number_reflns_R_free                  1202 
_refine.ls_number_reflns_R_work                  ? 
_refine.ls_R_factor_R_free_error                 ? 
_refine.B_iso_mean                               42.0630 
_refine.solvent_model_param_bsol                 ? 
_refine.solvent_model_param_ksol                 ? 
_refine.pdbx_isotropic_thermal_model             ? 
_refine.aniso_B[1][1]                            1.3700 
_refine.aniso_B[2][2]                            1.3700 
_refine.aniso_B[3][3]                            -2.7300 
_refine.aniso_B[1][2]                            0.0000 
_refine.aniso_B[1][3]                            0.0000 
_refine.aniso_B[2][3]                            -0.0000 
_refine.correlation_coeff_Fo_to_Fc               0.9630 
_refine.correlation_coeff_Fo_to_Fc_free          0.9510 
_refine.overall_SU_R_Cruickshank_DPI             ? 
_refine.pdbx_overall_SU_R_free_Cruickshank_DPI   ? 
_refine.pdbx_overall_SU_R_Blow_DPI               ? 
_refine.pdbx_overall_SU_R_free_Blow_DPI          ? 
_refine.overall_SU_R_free                        ? 
_refine.pdbx_overall_ESU_R                       0.1140 
_refine.pdbx_overall_ESU_R_Free                  0.1110 
_refine.overall_SU_ML                            0.1050 
_refine.overall_SU_B                             3.4120 
_refine.solvent_model_details                    MASK 
_refine.pdbx_solvent_vdw_probe_radii             1.2000 
_refine.pdbx_solvent_ion_probe_radii             0.8000 
_refine.pdbx_solvent_shrinkage_radii             0.8000 
_refine.ls_number_parameters                     ? 
_refine.ls_number_restraints                     ? 
_refine.pdbx_starting_model                      6f58 
_refine.pdbx_method_to_determine_struct          'FOURIER SYNTHESIS' 
_refine.pdbx_stereochemistry_target_values       'MAXIMUM LIKELIHOOD' 
_refine.pdbx_stereochem_target_val_spec_case     ? 
_refine.overall_FOM_work_R_set                   ? 
_refine.B_iso_max                                130.960 
_refine.B_iso_min                                23.080 
_refine.pdbx_overall_phase_error                 ? 
_refine.occupancy_max                            ? 
_refine.occupancy_min                            ? 
_refine.pdbx_diffrn_id                           1 
_refine.pdbx_TLS_residual_ADP_flag               ? 
_refine.pdbx_ls_sigma_I                          ? 
_refine.pdbx_data_cutoff_high_rms_absF           ? 
_refine.ls_R_factor_R_free_error_details         ? 
# 
_refine_hist.cycle_id                         final 
_refine_hist.pdbx_refine_id                   'X-RAY DIFFRACTION' 
_refine_hist.d_res_high                       1.6500 
_refine_hist.d_res_low                        52.7500 
_refine_hist.pdbx_number_atoms_ligand         15 
_refine_hist.number_atoms_solvent             71 
_refine_hist.number_atoms_total               1455 
_refine_hist.pdbx_number_residues_total       172 
_refine_hist.pdbx_B_iso_mean_ligand           55.47 
_refine_hist.pdbx_B_iso_mean_solvent          41.43 
_refine_hist.pdbx_number_atoms_protein        1369 
_refine_hist.pdbx_number_atoms_nucleic_acid   0 
# 
loop_
_refine_ls_restr.pdbx_refine_id 
_refine_ls_restr.type 
_refine_ls_restr.number 
_refine_ls_restr.dev_ideal 
_refine_ls_restr.dev_ideal_target 
_refine_ls_restr.weight 
_refine_ls_restr.pdbx_restraint_function 
'X-RAY DIFFRACTION' r_bond_refined_d       1810 0.010  0.013  ? ? 
'X-RAY DIFFRACTION' r_bond_other_d         1468 0.001  0.017  ? ? 
'X-RAY DIFFRACTION' r_angle_refined_deg    2214 1.685  1.637  ? ? 
'X-RAY DIFFRACTION' r_angle_other_deg      3435 1.363  1.570  ? ? 
'X-RAY DIFFRACTION' r_dihedral_angle_1_deg 210  7.780  5.000  ? ? 
'X-RAY DIFFRACTION' r_dihedral_angle_2_deg 76   28.078 22.632 ? ? 
'X-RAY DIFFRACTION' r_dihedral_angle_3_deg 265  17.973 15.000 ? ? 
'X-RAY DIFFRACTION' r_dihedral_angle_4_deg 7    5.885  15.000 ? ? 
'X-RAY DIFFRACTION' r_chiral_restr         200  0.084  0.200  ? ? 
'X-RAY DIFFRACTION' r_gen_planes_refined   1887 0.009  0.020  ? ? 
'X-RAY DIFFRACTION' r_gen_planes_other     334  0.002  0.020  ? ? 
'X-RAY DIFFRACTION' r_mcbond_it            911  3.756  4.152  ? ? 
'X-RAY DIFFRACTION' r_mcbond_other         909  3.751  4.145  ? ? 
'X-RAY DIFFRACTION' r_mcangle_it           1022 5.816  6.282  ? ? 
# 
_refine_ls_shell.d_res_high                       1.6500 
_refine_ls_shell.d_res_low                        1.6930 
_refine_ls_shell.pdbx_total_number_of_bins_used   20 
_refine_ls_shell.percent_reflns_obs               98.3900 
_refine_ls_shell.number_reflns_R_work             1686 
_refine_ls_shell.R_factor_all                     ? 
_refine_ls_shell.R_factor_R_work                  0.3690 
_refine_ls_shell.R_factor_R_free                  0.3630 
_refine_ls_shell.percent_reflns_R_free            ? 
_refine_ls_shell.number_reflns_R_free             86 
_refine_ls_shell.R_factor_R_free_error            ? 
_refine_ls_shell.number_reflns_all                1772 
_refine_ls_shell.number_reflns_obs                ? 
_refine_ls_shell.pdbx_refine_id                   'X-RAY DIFFRACTION' 
# 
_struct.entry_id                  5QS4 
_struct.title                     
'PanDDA analysis group deposition -- Crystal Structure of human Brachyury in complex with Z30820160' 
_struct.pdbx_model_details        ? 
_struct.pdbx_CASP_flag            ? 
_struct.pdbx_model_type_details   ? 
# 
_struct_keywords.entry_id        5QS4 
_struct_keywords.text            'SGC - Diamond I04-1 fragment screening, PanDDA, XChemExplorer, TRANSCRIPTION' 
_struct_keywords.pdbx_keywords   TRANSCRIPTION 
# 
loop_
_struct_asym.id 
_struct_asym.pdbx_blank_PDB_chainid_flag 
_struct_asym.pdbx_modified 
_struct_asym.entity_id 
_struct_asym.details 
A N N 1 ? 
B N N 2 ? 
C N N 2 ? 
D N N 2 ? 
E N N 2 ? 
F N N 2 ? 
G N N 3 ? 
H N N 4 ? 
# 
_struct_ref.id                         1 
_struct_ref.db_name                    UNP 
_struct_ref.db_code                    TBXT_HUMAN 
_struct_ref.pdbx_db_accession          O15178 
_struct_ref.pdbx_db_isoform            ? 
_struct_ref.entity_id                  1 
_struct_ref.pdbx_seq_one_letter_code   
;ELRVGLEESELWLRFKELTNEMIVTKNGRRMFPVLKVNVSGLDPNAMYSFLLDFVAADNHRWKYVNGEWVPGGKPEPQAP
SCVYIHPDSPNFGAHWMKAPVSFSKVKLTNKLNGGGQIMLNSLHKYEPRIHIVRVGGPQRMITSHCFPETQFIAVTAYQN
EEITALKIKYN
;
_struct_ref.pdbx_align_begin           41 
# 
_struct_ref_seq.align_id                      1 
_struct_ref_seq.ref_id                        1 
_struct_ref_seq.pdbx_PDB_id_code              5QS4 
_struct_ref_seq.pdbx_strand_id                A 
_struct_ref_seq.seq_align_beg                 2 
_struct_ref_seq.pdbx_seq_align_beg_ins_code   ? 
_struct_ref_seq.seq_align_end                 172 
_struct_ref_seq.pdbx_seq_align_end_ins_code   ? 
_struct_ref_seq.pdbx_db_accession             O15178 
_struct_ref_seq.db_align_beg                  41 
_struct_ref_seq.pdbx_db_align_beg_ins_code    ? 
_struct_ref_seq.db_align_end                  211 
_struct_ref_seq.pdbx_db_align_end_ins_code    ? 
_struct_ref_seq.pdbx_auth_seq_align_beg       41 
_struct_ref_seq.pdbx_auth_seq_align_end       211 
# 
_struct_ref_seq_dif.align_id                     1 
_struct_ref_seq_dif.pdbx_pdb_id_code             5QS4 
_struct_ref_seq_dif.mon_id                       GLY 
_struct_ref_seq_dif.pdbx_pdb_strand_id           A 
_struct_ref_seq_dif.seq_num                      1 
_struct_ref_seq_dif.pdbx_pdb_ins_code            ? 
_struct_ref_seq_dif.pdbx_seq_db_name             UNP 
_struct_ref_seq_dif.pdbx_seq_db_accession_code   O15178 
_struct_ref_seq_dif.db_mon_id                    ? 
_struct_ref_seq_dif.pdbx_seq_db_seq_num          ? 
_struct_ref_seq_dif.details                      'expression tag' 
_struct_ref_seq_dif.pdbx_auth_seq_num            40 
_struct_ref_seq_dif.pdbx_ordinal                 1 
# 
_pdbx_struct_assembly.id                   1 
_pdbx_struct_assembly.details              author_defined_assembly 
_pdbx_struct_assembly.method_details       ? 
_pdbx_struct_assembly.oligomeric_details   monomeric 
_pdbx_struct_assembly.oligomeric_count     1 
# 
_pdbx_struct_assembly_gen.assembly_id       1 
_pdbx_struct_assembly_gen.oper_expression   1 
_pdbx_struct_assembly_gen.asym_id_list      A,B,C,D,E,F,G,H 
# 
_pdbx_struct_oper_list.id                   1 
_pdbx_struct_oper_list.type                 'identity operation' 
_pdbx_struct_oper_list.name                 1_555 
_pdbx_struct_oper_list.symmetry_operation   x,y,z 
_pdbx_struct_oper_list.matrix[1][1]         1.0000000000 
_pdbx_struct_oper_list.matrix[1][2]         0.0000000000 
_pdbx_struct_oper_list.matrix[1][3]         0.0000000000 
_pdbx_struct_oper_list.vector[1]            0.0000000000 
_pdbx_struct_oper_list.matrix[2][1]         0.0000000000 
_pdbx_struct_oper_list.matrix[2][2]         1.0000000000 
_pdbx_struct_oper_list.matrix[2][3]         0.0000000000 
_pdbx_struct_oper_list.vector[2]            0.0000000000 
_pdbx_struct_oper_list.matrix[3][1]         0.0000000000 
_pdbx_struct_oper_list.matrix[3][2]         0.0000000000 
_pdbx_struct_oper_list.matrix[3][3]         1.0000000000 
_pdbx_struct_oper_list.vector[3]            0.0000000000 
# 
loop_
_struct_conf.conf_type_id 
_struct_conf.id 
_struct_conf.pdbx_PDB_helix_id 
_struct_conf.beg_label_comp_id 
_struct_conf.beg_label_asym_id 
_struct_conf.beg_label_seq_id 
_struct_conf.pdbx_beg_PDB_ins_code 
_struct_conf.end_label_comp_id 
_struct_conf.end_label_asym_id 
_struct_conf.end_label_seq_id 
_struct_conf.pdbx_end_PDB_ins_code 
_struct_conf.beg_auth_comp_id 
_struct_conf.beg_auth_asym_id 
_struct_conf.beg_auth_seq_id 
_struct_conf.end_auth_comp_id 
_struct_conf.end_auth_asym_id 
_struct_conf.end_auth_seq_id 
_struct_conf.pdbx_PDB_helix_class 
_struct_conf.details 
_struct_conf.pdbx_PDB_helix_length 
HELX_P HELX_P1 AA1 GLU A 9   ? LEU A 19  ? GLU A 48  LEU A 58  1 ? 11 
HELX_P HELX_P2 AA2 GLY A 94  ? LYS A 99  ? GLY A 133 LYS A 138 1 ? 6  
HELX_P HELX_P3 AA3 PRO A 149 ? GLN A 152 ? PRO A 188 GLN A 191 5 ? 4  
HELX_P HELX_P4 AA4 ASN A 161 ? ASN A 172 ? ASN A 200 ASN A 211 1 ? 12 
# 
_struct_conf_type.id          HELX_P 
_struct_conf_type.criteria    ? 
_struct_conf_type.reference   ? 
# 
loop_
_struct_conn.id 
_struct_conn.conn_type_id 
_struct_conn.pdbx_leaving_atom_flag 
_struct_conn.pdbx_PDB_id 
_struct_conn.ptnr1_label_asym_id 
_struct_conn.ptnr1_label_comp_id 
_struct_conn.ptnr1_label_seq_id 
_struct_conn.ptnr1_label_atom_id 
_struct_conn.pdbx_ptnr1_label_alt_id 
_struct_conn.pdbx_ptnr1_PDB_ins_code 
_struct_conn.pdbx_ptnr1_standard_comp_id 
_struct_conn.ptnr1_symmetry 
_struct_conn.ptnr2_label_asym_id 
_struct_conn.ptnr2_label_comp_id 
_struct_conn.ptnr2_label_seq_id 
_struct_conn.ptnr2_label_atom_id 
_struct_conn.pdbx_ptnr2_label_alt_id 
_struct_conn.pdbx_ptnr2_PDB_ins_code 
_struct_conn.ptnr1_auth_asym_id 
_struct_conn.ptnr1_auth_comp_id 
_struct_conn.ptnr1_auth_seq_id 
_struct_conn.ptnr2_auth_asym_id 
_struct_conn.ptnr2_auth_comp_id 
_struct_conn.ptnr2_auth_seq_id 
_struct_conn.ptnr2_symmetry 
_struct_conn.pdbx_ptnr3_label_atom_id 
_struct_conn.pdbx_ptnr3_label_seq_id 
_struct_conn.pdbx_ptnr3_label_comp_id 
_struct_conn.pdbx_ptnr3_label_asym_id 
_struct_conn.pdbx_ptnr3_label_alt_id 
_struct_conn.pdbx_ptnr3_PDB_ins_code 
_struct_conn.details 
_struct_conn.pdbx_dist_value 
_struct_conn.pdbx_value_order 
_struct_conn.pdbx_role 
metalc1  metalc ? ? A HIS 61  NE2 ? ? ? 1_555 E CD  . CD ? ? A HIS 100 A CD  304 1_555 ? ? ? ? ? ? ? 2.175 ? ? 
metalc2  metalc ? ? A CYS 83  SG  ? ? ? 1_555 D CD  . CD ? ? A CYS 122 A CD  303 1_555 ? ? ? ? ? ? ? 2.591 ? ? 
metalc3  metalc ? ? A CYS 83  SG  ? ? ? 1_555 F CD  . CD ? ? A CYS 122 A CD  305 1_555 ? ? ? ? ? ? ? 2.585 ? ? 
metalc4  metalc ? ? A GLU 128 OE1 ? ? ? 1_555 B CD  . CD ? ? A GLU 167 A CD  301 1_555 ? ? ? ? ? ? ? 2.449 ? ? 
metalc5  metalc ? ? A GLU 128 OE1 ? ? ? 1_555 B CD  . CD ? ? A GLU 167 A CD  301 5_655 ? ? ? ? ? ? ? 2.449 ? ? 
metalc6  metalc ? ? A GLU 128 OE2 ? ? ? 1_555 C CD  . CD ? ? A GLU 167 A CD  302 1_555 ? ? ? ? ? ? ? 2.236 ? ? 
metalc7  metalc ? ? A CYS 147 SG  A ? ? 1_555 B CD  . CD ? ? A CYS 186 A CD  301 1_555 ? ? ? ? ? ? ? 2.459 ? ? 
metalc8  metalc ? ? A CYS 147 SG  B ? ? 1_555 B CD  . CD ? ? A CYS 186 A CD  301 1_555 ? ? ? ? ? ? ? 2.524 ? ? 
metalc9  metalc ? ? A CYS 147 SG  A ? ? 1_555 B CD  . CD ? ? A CYS 186 A CD  301 5_655 ? ? ? ? ? ? ? 2.459 ? ? 
metalc10 metalc ? ? A CYS 147 SG  B ? ? 1_555 B CD  . CD ? ? A CYS 186 A CD  301 5_655 ? ? ? ? ? ? ? 2.524 ? ? 
metalc11 metalc ? ? A CYS 147 SG  A ? ? 1_555 C CD  . CD ? ? A CYS 186 A CD  302 5_655 ? ? ? ? ? ? ? 2.512 ? ? 
metalc12 metalc ? ? A CYS 147 SG  B ? ? 1_555 C CD  . CD ? ? A CYS 186 A CD  302 5_655 ? ? ? ? ? ? ? 2.425 ? ? 
metalc13 metalc ? ? B CD  .   CD  ? ? ? 1_555 H HOH . O  ? ? A CD  301 A HOH 458 1_555 ? ? ? ? ? ? ? 2.338 ? ? 
metalc14 metalc ? ? B CD  .   CD  ? ? ? 1_555 H HOH . O  ? ? A CD  301 A HOH 458 5_655 ? ? ? ? ? ? ? 2.338 ? ? 
metalc15 metalc ? ? C CD  .   CD  ? ? ? 1_555 H HOH . O  ? ? A CD  302 A HOH 454 5_655 ? ? ? ? ? ? ? 2.311 ? ? 
metalc16 metalc ? ? C CD  .   CD  ? ? ? 1_555 H HOH . O  ? ? A CD  302 A HOH 461 1_555 ? ? ? ? ? ? ? 2.432 ? ? 
metalc17 metalc ? ? D CD  .   CD  ? ? ? 1_555 H HOH . O  ? ? A CD  303 A HOH 455 1_555 ? ? ? ? ? ? ? 2.412 ? ? 
metalc18 metalc ? ? E CD  .   CD  ? ? ? 1_555 H HOH . O  ? ? A CD  304 A HOH 457 1_555 ? ? ? ? ? ? ? 2.374 ? ? 
metalc19 metalc ? ? E CD  .   CD  ? ? ? 1_555 H HOH . O  ? ? A CD  304 A HOH 460 1_555 ? ? ? ? ? ? ? 2.401 ? ? 
metalc20 metalc ? ? E CD  .   CD  ? ? ? 1_555 H HOH . O  ? ? A CD  304 A HOH 463 1_555 ? ? ? ? ? ? ? 2.294 ? ? 
metalc21 metalc ? ? F CD  .   CD  ? ? ? 1_555 H HOH . O  ? ? A CD  305 A HOH 448 1_555 ? ? ? ? ? ? ? 2.570 ? ? 
metalc22 metalc ? ? F CD  .   CD  ? ? ? 1_555 H HOH . O  ? ? A CD  305 A HOH 471 1_555 ? ? ? ? ? ? ? 2.619 ? ? 
# 
_struct_conn_type.id          metalc 
_struct_conn_type.criteria    ? 
_struct_conn_type.reference   ? 
# 
loop_
_pdbx_struct_conn_angle.id 
_pdbx_struct_conn_angle.ptnr1_label_atom_id 
_pdbx_struct_conn_angle.ptnr1_label_alt_id 
_pdbx_struct_conn_angle.ptnr1_label_asym_id 
_pdbx_struct_conn_angle.ptnr1_label_comp_id 
_pdbx_struct_conn_angle.ptnr1_label_seq_id 
_pdbx_struct_conn_angle.ptnr1_auth_atom_id 
_pdbx_struct_conn_angle.ptnr1_auth_asym_id 
_pdbx_struct_conn_angle.ptnr1_auth_comp_id 
_pdbx_struct_conn_angle.ptnr1_auth_seq_id 
_pdbx_struct_conn_angle.ptnr1_PDB_ins_code 
_pdbx_struct_conn_angle.ptnr1_symmetry 
_pdbx_struct_conn_angle.ptnr2_label_atom_id 
_pdbx_struct_conn_angle.ptnr2_label_alt_id 
_pdbx_struct_conn_angle.ptnr2_label_asym_id 
_pdbx_struct_conn_angle.ptnr2_label_comp_id 
_pdbx_struct_conn_angle.ptnr2_label_seq_id 
_pdbx_struct_conn_angle.ptnr2_auth_atom_id 
_pdbx_struct_conn_angle.ptnr2_auth_asym_id 
_pdbx_struct_conn_angle.ptnr2_auth_comp_id 
_pdbx_struct_conn_angle.ptnr2_auth_seq_id 
_pdbx_struct_conn_angle.ptnr2_PDB_ins_code 
_pdbx_struct_conn_angle.ptnr2_symmetry 
_pdbx_struct_conn_angle.ptnr3_label_atom_id 
_pdbx_struct_conn_angle.ptnr3_label_alt_id 
_pdbx_struct_conn_angle.ptnr3_label_asym_id 
_pdbx_struct_conn_angle.ptnr3_label_comp_id 
_pdbx_struct_conn_angle.ptnr3_label_seq_id 
_pdbx_struct_conn_angle.ptnr3_auth_atom_id 
_pdbx_struct_conn_angle.ptnr3_auth_asym_id 
_pdbx_struct_conn_angle.ptnr3_auth_comp_id 
_pdbx_struct_conn_angle.ptnr3_auth_seq_id 
_pdbx_struct_conn_angle.ptnr3_PDB_ins_code 
_pdbx_struct_conn_angle.ptnr3_symmetry 
_pdbx_struct_conn_angle.value 
_pdbx_struct_conn_angle.value_esd 
1  NE2 ? A HIS 61  ? A HIS 100 ? 1_555 CD ? E CD . ? A CD 304 ? 1_555 O   ? H HOH .   ? A HOH 457 ? 1_555 98.0  ? 
2  NE2 ? A HIS 61  ? A HIS 100 ? 1_555 CD ? E CD . ? A CD 304 ? 1_555 O   ? H HOH .   ? A HOH 460 ? 1_555 102.8 ? 
3  O   ? H HOH .   ? A HOH 457 ? 1_555 CD ? E CD . ? A CD 304 ? 1_555 O   ? H HOH .   ? A HOH 460 ? 1_555 121.6 ? 
4  NE2 ? A HIS 61  ? A HIS 100 ? 1_555 CD ? E CD . ? A CD 304 ? 1_555 O   ? H HOH .   ? A HOH 463 ? 1_555 114.3 ? 
5  O   ? H HOH .   ? A HOH 457 ? 1_555 CD ? E CD . ? A CD 304 ? 1_555 O   ? H HOH .   ? A HOH 463 ? 1_555 108.8 ? 
6  O   ? H HOH .   ? A HOH 460 ? 1_555 CD ? E CD . ? A CD 304 ? 1_555 O   ? H HOH .   ? A HOH 463 ? 1_555 110.8 ? 
7  SG  ? A CYS 83  ? A CYS 122 ? 1_555 CD ? D CD . ? A CD 303 ? 1_555 O   ? H HOH .   ? A HOH 455 ? 1_555 90.1  ? 
8  SG  ? A CYS 83  ? A CYS 122 ? 1_555 CD ? F CD . ? A CD 305 ? 1_555 O   ? H HOH .   ? A HOH 448 ? 1_555 97.3  ? 
9  SG  ? A CYS 83  ? A CYS 122 ? 1_555 CD ? F CD . ? A CD 305 ? 1_555 O   ? H HOH .   ? A HOH 471 ? 1_555 92.0  ? 
10 O   ? H HOH .   ? A HOH 448 ? 1_555 CD ? F CD . ? A CD 305 ? 1_555 O   ? H HOH .   ? A HOH 471 ? 1_555 168.4 ? 
11 OE1 ? A GLU 128 ? A GLU 167 ? 1_555 CD ? B CD . ? A CD 301 ? 1_555 OE1 ? A GLU 128 ? A GLU 167 ? 1_555 0.0   ? 
12 OE1 ? A GLU 128 ? A GLU 167 ? 1_555 CD ? B CD . ? A CD 301 ? 1_555 SG  A A CYS 147 ? A CYS 186 ? 1_555 91.8  ? 
13 OE1 ? A GLU 128 ? A GLU 167 ? 1_555 CD ? B CD . ? A CD 301 ? 1_555 SG  A A CYS 147 ? A CYS 186 ? 1_555 91.8  ? 
14 OE1 ? A GLU 128 ? A GLU 167 ? 1_555 CD ? B CD . ? A CD 301 ? 1_555 SG  B A CYS 147 ? A CYS 186 ? 1_555 87.8  ? 
15 OE1 ? A GLU 128 ? A GLU 167 ? 1_555 CD ? B CD . ? A CD 301 ? 1_555 SG  B A CYS 147 ? A CYS 186 ? 1_555 87.8  ? 
16 SG  A A CYS 147 ? A CYS 186 ? 1_555 CD ? B CD . ? A CD 301 ? 1_555 SG  B A CYS 147 ? A CYS 186 ? 1_555 35.7  ? 
17 OE1 ? A GLU 128 ? A GLU 167 ? 1_555 CD ? B CD . ? A CD 301 ? 1_555 SG  A A CYS 147 ? A CYS 186 ? 1_555 91.8  ? 
18 OE1 ? A GLU 128 ? A GLU 167 ? 1_555 CD ? B CD . ? A CD 301 ? 1_555 SG  A A CYS 147 ? A CYS 186 ? 1_555 91.8  ? 
19 SG  A A CYS 147 ? A CYS 186 ? 1_555 CD ? B CD . ? A CD 301 ? 1_555 SG  A A CYS 147 ? A CYS 186 ? 1_555 0.0   ? 
20 SG  B A CYS 147 ? A CYS 186 ? 1_555 CD ? B CD . ? A CD 301 ? 1_555 SG  A A CYS 147 ? A CYS 186 ? 1_555 35.7  ? 
21 OE1 ? A GLU 128 ? A GLU 167 ? 1_555 CD ? B CD . ? A CD 301 ? 1_555 SG  B A CYS 147 ? A CYS 186 ? 1_555 87.8  ? 
22 OE1 ? A GLU 128 ? A GLU 167 ? 1_555 CD ? B CD . ? A CD 301 ? 1_555 SG  B A CYS 147 ? A CYS 186 ? 1_555 87.8  ? 
23 SG  A A CYS 147 ? A CYS 186 ? 1_555 CD ? B CD . ? A CD 301 ? 1_555 SG  B A CYS 147 ? A CYS 186 ? 1_555 35.7  ? 
24 SG  B A CYS 147 ? A CYS 186 ? 1_555 CD ? B CD . ? A CD 301 ? 1_555 SG  B A CYS 147 ? A CYS 186 ? 1_555 0.0   ? 
25 SG  A A CYS 147 ? A CYS 186 ? 1_555 CD ? B CD . ? A CD 301 ? 1_555 SG  B A CYS 147 ? A CYS 186 ? 1_555 35.7  ? 
26 OE1 ? A GLU 128 ? A GLU 167 ? 1_555 CD ? B CD . ? A CD 301 ? 1_555 O   ? H HOH .   ? A HOH 458 ? 1_555 92.3  ? 
27 OE1 ? A GLU 128 ? A GLU 167 ? 1_555 CD ? B CD . ? A CD 301 ? 1_555 O   ? H HOH .   ? A HOH 458 ? 1_555 92.3  ? 
28 SG  A A CYS 147 ? A CYS 186 ? 1_555 CD ? B CD . ? A CD 301 ? 1_555 O   ? H HOH .   ? A HOH 458 ? 1_555 72.6  ? 
29 SG  B A CYS 147 ? A CYS 186 ? 1_555 CD ? B CD . ? A CD 301 ? 1_555 O   ? H HOH .   ? A HOH 458 ? 1_555 108.2 ? 
30 SG  A A CYS 147 ? A CYS 186 ? 1_555 CD ? B CD . ? A CD 301 ? 1_555 O   ? H HOH .   ? A HOH 458 ? 1_555 72.6  ? 
31 SG  B A CYS 147 ? A CYS 186 ? 1_555 CD ? B CD . ? A CD 301 ? 1_555 O   ? H HOH .   ? A HOH 458 ? 1_555 108.2 ? 
32 OE1 ? A GLU 128 ? A GLU 167 ? 1_555 CD ? B CD . ? A CD 301 ? 1_555 O   ? H HOH .   ? A HOH 458 ? 5_655 93.3  ? 
33 OE1 ? A GLU 128 ? A GLU 167 ? 1_555 CD ? B CD . ? A CD 301 ? 1_555 O   ? H HOH .   ? A HOH 458 ? 5_655 93.3  ? 
34 SG  A A CYS 147 ? A CYS 186 ? 1_555 CD ? B CD . ? A CD 301 ? 1_555 O   ? H HOH .   ? A HOH 458 ? 5_655 119.0 ? 
35 SG  B A CYS 147 ? A CYS 186 ? 1_555 CD ? B CD . ? A CD 301 ? 1_555 O   ? H HOH .   ? A HOH 458 ? 5_655 154.6 ? 
36 SG  A A CYS 147 ? A CYS 186 ? 1_555 CD ? B CD . ? A CD 301 ? 1_555 O   ? H HOH .   ? A HOH 458 ? 5_655 119.0 ? 
37 SG  B A CYS 147 ? A CYS 186 ? 1_555 CD ? B CD . ? A CD 301 ? 1_555 O   ? H HOH .   ? A HOH 458 ? 5_655 154.6 ? 
38 O   ? H HOH .   ? A HOH 458 ? 1_555 CD ? B CD . ? A CD 301 ? 1_555 O   ? H HOH .   ? A HOH 458 ? 5_655 46.4  ? 
39 OE2 ? A GLU 128 ? A GLU 167 ? 1_555 CD ? C CD . ? A CD 302 ? 1_555 SG  A A CYS 147 ? A CYS 186 ? 1_555 76.1  ? 
40 OE2 ? A GLU 128 ? A GLU 167 ? 1_555 CD ? C CD . ? A CD 302 ? 1_555 SG  B A CYS 147 ? A CYS 186 ? 1_555 77.5  ? 
41 SG  A A CYS 147 ? A CYS 186 ? 1_555 CD ? C CD . ? A CD 302 ? 1_555 SG  B A CYS 147 ? A CYS 186 ? 1_555 15.3  ? 
42 OE2 ? A GLU 128 ? A GLU 167 ? 1_555 CD ? C CD . ? A CD 302 ? 1_555 O   ? H HOH .   ? A HOH 454 ? 5_655 101.3 ? 
43 SG  A A CYS 147 ? A CYS 186 ? 1_555 CD ? C CD . ? A CD 302 ? 1_555 O   ? H HOH .   ? A HOH 454 ? 5_655 127.1 ? 
44 SG  B A CYS 147 ? A CYS 186 ? 1_555 CD ? C CD . ? A CD 302 ? 1_555 O   ? H HOH .   ? A HOH 454 ? 5_655 111.8 ? 
45 OE2 ? A GLU 128 ? A GLU 167 ? 1_555 CD ? C CD . ? A CD 302 ? 1_555 O   ? H HOH .   ? A HOH 461 ? 1_555 106.7 ? 
46 SG  A A CYS 147 ? A CYS 186 ? 1_555 CD ? C CD . ? A CD 302 ? 1_555 O   ? H HOH .   ? A HOH 461 ? 1_555 128.5 ? 
47 SG  B A CYS 147 ? A CYS 186 ? 1_555 CD ? C CD . ? A CD 302 ? 1_555 O   ? H HOH .   ? A HOH 461 ? 1_555 143.2 ? 
48 O   ? H HOH .   ? A HOH 454 ? 5_655 CD ? C CD . ? A CD 302 ? 1_555 O   ? H HOH .   ? A HOH 461 ? 1_555 103.3 ? 
# 
loop_
_struct_mon_prot_cis.pdbx_id 
_struct_mon_prot_cis.label_comp_id 
_struct_mon_prot_cis.label_seq_id 
_struct_mon_prot_cis.label_asym_id 
_struct_mon_prot_cis.label_alt_id 
_struct_mon_prot_cis.pdbx_PDB_ins_code 
_struct_mon_prot_cis.auth_comp_id 
_struct_mon_prot_cis.auth_seq_id 
_struct_mon_prot_cis.auth_asym_id 
_struct_mon_prot_cis.pdbx_label_comp_id_2 
_struct_mon_prot_cis.pdbx_label_seq_id_2 
_struct_mon_prot_cis.pdbx_label_asym_id_2 
_struct_mon_prot_cis.pdbx_PDB_ins_code_2 
_struct_mon_prot_cis.pdbx_auth_comp_id_2 
_struct_mon_prot_cis.pdbx_auth_seq_id_2 
_struct_mon_prot_cis.pdbx_auth_asym_id_2 
_struct_mon_prot_cis.pdbx_PDB_model_num 
_struct_mon_prot_cis.pdbx_omega_angle 
1 PHE 33 A . ? PHE 72  A PRO 34 A ? PRO 73  A 1 -7.26 
2 SER 90 A . ? SER 129 A PRO 91 A ? PRO 130 A 1 -7.28 
# 
loop_
_struct_sheet.id 
_struct_sheet.type 
_struct_sheet.number_strands 
_struct_sheet.details 
AA1 ? 3 ? 
AA2 ? 5 ? 
AA3 ? 4 ? 
AA4 ? 3 ? 
AA5 ? 2 ? 
# 
loop_
_struct_sheet_order.sheet_id 
_struct_sheet_order.range_id_1 
_struct_sheet_order.range_id_2 
_struct_sheet_order.offset 
_struct_sheet_order.sense 
AA1 1 2 ? anti-parallel 
AA1 2 3 ? anti-parallel 
AA2 1 2 ? parallel      
AA2 2 3 ? anti-parallel 
AA2 3 4 ? anti-parallel 
AA2 4 5 ? anti-parallel 
AA3 1 2 ? anti-parallel 
AA3 2 3 ? anti-parallel 
AA3 3 4 ? anti-parallel 
AA4 1 2 ? anti-parallel 
AA4 2 3 ? parallel      
AA5 1 2 ? anti-parallel 
# 
loop_
_struct_sheet_range.sheet_id 
_struct_sheet_range.id 
_struct_sheet_range.beg_label_comp_id 
_struct_sheet_range.beg_label_asym_id 
_struct_sheet_range.beg_label_seq_id 
_struct_sheet_range.pdbx_beg_PDB_ins_code 
_struct_sheet_range.end_label_comp_id 
_struct_sheet_range.end_label_asym_id 
_struct_sheet_range.end_label_seq_id 
_struct_sheet_range.pdbx_end_PDB_ins_code 
_struct_sheet_range.beg_auth_comp_id 
_struct_sheet_range.beg_auth_asym_id 
_struct_sheet_range.beg_auth_seq_id 
_struct_sheet_range.end_auth_comp_id 
_struct_sheet_range.end_auth_asym_id 
_struct_sheet_range.end_auth_seq_id 
AA1 1 ARG A 4   ? LEU A 7   ? ARG A 43  LEU A 46  
AA1 2 LYS A 37  ? SER A 41  ? LYS A 76  SER A 80  
AA1 3 VAL A 102 ? SER A 103 ? VAL A 141 SER A 142 
AA2 1 GLU A 22  ? ILE A 24  ? GLU A 61  ILE A 63  
AA2 2 PHE A 153 ? VAL A 156 ? PHE A 192 VAL A 195 
AA2 3 LYS A 126 ? VAL A 136 ? LYS A 165 VAL A 175 
AA2 4 MET A 48  ? ALA A 57  ? MET A 87  ALA A 96  
AA2 5 ASN A 92  ? PHE A 93  ? ASN A 131 PHE A 132 
AA3 1 TYR A 85  ? ILE A 86  ? TYR A 124 ILE A 125 
AA3 2 MET A 48  ? ALA A 57  ? MET A 87  ALA A 96  
AA3 3 LYS A 126 ? VAL A 136 ? LYS A 165 VAL A 175 
AA3 4 MET A 142 ? CYS A 147 ? MET A 181 CYS A 186 
AA4 1 ARG A 30  ? ARG A 31  ? ARG A 69  ARG A 70  
AA4 2 LYS A 108 ? THR A 110 ? LYS A 147 THR A 149 
AA4 3 ILE A 119 ? MET A 120 ? ILE A 158 MET A 159 
AA5 1 TRP A 63  ? VAL A 66  ? TRP A 102 VAL A 105 
AA5 2 GLU A 69  ? PRO A 72  ? GLU A 108 PRO A 111 
# 
loop_
_pdbx_struct_sheet_hbond.sheet_id 
_pdbx_struct_sheet_hbond.range_id_1 
_pdbx_struct_sheet_hbond.range_id_2 
_pdbx_struct_sheet_hbond.range_1_label_atom_id 
_pdbx_struct_sheet_hbond.range_1_label_comp_id 
_pdbx_struct_sheet_hbond.range_1_label_asym_id 
_pdbx_struct_sheet_hbond.range_1_label_seq_id 
_pdbx_struct_sheet_hbond.range_1_PDB_ins_code 
_pdbx_struct_sheet_hbond.range_1_auth_atom_id 
_pdbx_struct_sheet_hbond.range_1_auth_comp_id 
_pdbx_struct_sheet_hbond.range_1_auth_asym_id 
_pdbx_struct_sheet_hbond.range_1_auth_seq_id 
_pdbx_struct_sheet_hbond.range_2_label_atom_id 
_pdbx_struct_sheet_hbond.range_2_label_comp_id 
_pdbx_struct_sheet_hbond.range_2_label_asym_id 
_pdbx_struct_sheet_hbond.range_2_label_seq_id 
_pdbx_struct_sheet_hbond.range_2_PDB_ins_code 
_pdbx_struct_sheet_hbond.range_2_auth_atom_id 
_pdbx_struct_sheet_hbond.range_2_auth_comp_id 
_pdbx_struct_sheet_hbond.range_2_auth_asym_id 
_pdbx_struct_sheet_hbond.range_2_auth_seq_id 
AA1 1 2 N GLY A 6   ? N GLY A 45  O ASN A 39  ? O ASN A 78  
AA1 2 3 N VAL A 38  ? N VAL A 77  O VAL A 102 ? O VAL A 141 
AA2 1 2 N MET A 23  ? N MET A 62  O VAL A 156 ? O VAL A 195 
AA2 2 3 O PHE A 153 ? O PHE A 192 N TYR A 127 ? N TYR A 166 
AA2 3 4 O ARG A 130 ? O ARG A 169 N ASP A 54  ? N ASP A 93  
AA2 4 5 N TYR A 49  ? N TYR A 88  O ASN A 92  ? O ASN A 131 
AA3 1 2 O TYR A 85  ? O TYR A 124 N LEU A 53  ? N LEU A 92  
AA3 2 3 N ASP A 54  ? N ASP A 93  O ARG A 130 ? O ARG A 169 
AA3 3 4 N ILE A 133 ? N ILE A 172 O THR A 144 ? O THR A 183 
AA4 1 2 N ARG A 30  ? N ARG A 69  O LEU A 109 ? O LEU A 148 
AA4 2 3 N LYS A 108 ? N LYS A 147 O ILE A 119 ? O ILE A 158 
AA5 1 2 N VAL A 66  ? N VAL A 105 O GLU A 69  ? O GLU A 108 
# 
loop_
_struct_site.id 
_struct_site.pdbx_evidence_code 
_struct_site.pdbx_auth_asym_id 
_struct_site.pdbx_auth_comp_id 
_struct_site.pdbx_auth_seq_id 
_struct_site.pdbx_auth_ins_code 
_struct_site.pdbx_num_residues 
_struct_site.details 
AC1 Software A CD  301 ? 8 'binding site for residue CD A 301'  
AC2 Software A CD  302 ? 6 'binding site for residue CD A 302'  
AC3 Software A CD  303 ? 4 'binding site for residue CD A 303'  
AC4 Software A CD  304 ? 5 'binding site for residue CD A 304'  
AC5 Software A CD  305 ? 4 'binding site for residue CD A 305'  
AC6 Software A JFP 306 ? 3 'binding site for residue JFP A 306' 
# 
loop_
_struct_site_gen.id 
_struct_site_gen.site_id 
_struct_site_gen.pdbx_num_res 
_struct_site_gen.label_comp_id 
_struct_site_gen.label_asym_id 
_struct_site_gen.label_seq_id 
_struct_site_gen.pdbx_auth_ins_code 
_struct_site_gen.auth_comp_id 
_struct_site_gen.auth_asym_id 
_struct_site_gen.auth_seq_id 
_struct_site_gen.label_atom_id 
_struct_site_gen.label_alt_id 
_struct_site_gen.symmetry 
_struct_site_gen.details 
1  AC1 8 GLU A 128 ? GLU A 167 . ? 1_555 ? 
2  AC1 8 GLU A 128 ? GLU A 167 . ? 5_655 ? 
3  AC1 8 CYS A 147 ? CYS A 186 . ? 5_655 ? 
4  AC1 8 CYS A 147 ? CYS A 186 . ? 1_555 ? 
5  AC1 8 CD  C .   ? CD  A 302 . ? 5_655 ? 
6  AC1 8 CD  C .   ? CD  A 302 . ? 1_555 ? 
7  AC1 8 HOH H .   ? HOH A 458 . ? 5_655 ? 
8  AC1 8 HOH H .   ? HOH A 458 . ? 1_555 ? 
9  AC2 6 GLU A 128 ? GLU A 167 . ? 1_555 ? 
10 AC2 6 CYS A 147 ? CYS A 186 . ? 5_655 ? 
11 AC2 6 CD  B .   ? CD  A 301 . ? 5_655 ? 
12 AC2 6 CD  B .   ? CD  A 301 . ? 1_555 ? 
13 AC2 6 HOH H .   ? HOH A 454 . ? 5_655 ? 
14 AC2 6 HOH H .   ? HOH A 461 . ? 1_555 ? 
15 AC3 4 CYS A 83  ? CYS A 122 . ? 1_555 ? 
16 AC3 4 HOH H .   ? HOH A 444 . ? 1_555 ? 
17 AC3 4 HOH H .   ? HOH A 455 . ? 1_555 ? 
18 AC3 4 HOH H .   ? HOH A 470 . ? 1_555 ? 
19 AC4 5 LEU A 52  ? LEU A 91  . ? 5_655 ? 
20 AC4 5 HIS A 61  ? HIS A 100 . ? 1_555 ? 
21 AC4 5 HOH H .   ? HOH A 457 . ? 1_555 ? 
22 AC4 5 HOH H .   ? HOH A 460 . ? 1_555 ? 
23 AC4 5 HOH H .   ? HOH A 463 . ? 1_555 ? 
24 AC5 4 CYS A 83  ? CYS A 122 . ? 1_555 ? 
25 AC5 4 HOH H .   ? HOH A 448 . ? 1_555 ? 
26 AC5 4 HOH H .   ? HOH A 470 . ? 1_555 ? 
27 AC5 4 HOH H .   ? HOH A 471 . ? 1_555 ? 
28 AC6 3 SER A 50  ? SER A 89  . ? 1_555 ? 
29 AC6 3 PHE A 93  ? PHE A 132 . ? 6_555 ? 
30 AC6 3 VAL A 136 ? VAL A 175 . ? 1_555 ? 
# 
loop_
_pdbx_validate_torsion.id 
_pdbx_validate_torsion.PDB_model_num 
_pdbx_validate_torsion.auth_comp_id 
_pdbx_validate_torsion.auth_asym_id 
_pdbx_validate_torsion.auth_seq_id 
_pdbx_validate_torsion.PDB_ins_code 
_pdbx_validate_torsion.label_alt_id 
_pdbx_validate_torsion.phi 
_pdbx_validate_torsion.psi 
1 1 THR A 59  ? ? 72.01  106.15 
2 1 PHE A 143 ? ? -90.99 56.47  
# 
_pdbx_struct_special_symmetry.id              1 
_pdbx_struct_special_symmetry.PDB_model_num   1 
_pdbx_struct_special_symmetry.auth_asym_id    A 
_pdbx_struct_special_symmetry.auth_comp_id    CD 
_pdbx_struct_special_symmetry.auth_seq_id     301 
_pdbx_struct_special_symmetry.PDB_ins_code    ? 
_pdbx_struct_special_symmetry.label_asym_id   B 
_pdbx_struct_special_symmetry.label_comp_id   CD 
_pdbx_struct_special_symmetry.label_seq_id    . 
# 
_phasing.method   MR 
# 
_pdbx_entry_details.entry_id                 5QS4 
_pdbx_entry_details.has_ligand_of_interest   Y 
_pdbx_entry_details.compound_details         ? 
_pdbx_entry_details.source_details           ? 
_pdbx_entry_details.nonpolymer_details       ? 
_pdbx_entry_details.sequence_details         ? 
# 
loop_
_pdbx_distant_solvent_atoms.id 
_pdbx_distant_solvent_atoms.PDB_model_num 
_pdbx_distant_solvent_atoms.auth_atom_id 
_pdbx_distant_solvent_atoms.label_alt_id 
_pdbx_distant_solvent_atoms.auth_asym_id 
_pdbx_distant_solvent_atoms.auth_comp_id 
_pdbx_distant_solvent_atoms.auth_seq_id 
_pdbx_distant_solvent_atoms.PDB_ins_code 
_pdbx_distant_solvent_atoms.neighbor_macromolecule_distance 
_pdbx_distant_solvent_atoms.neighbor_ligand_distance 
1 1 O ? A HOH 470 ? 6.42 . 
2 1 O ? A HOH 471 ? 6.80 . 
# 
_pdbx_unobs_or_zero_occ_residues.id               1 
_pdbx_unobs_or_zero_occ_residues.PDB_model_num    1 
_pdbx_unobs_or_zero_occ_residues.polymer_flag     Y 
_pdbx_unobs_or_zero_occ_residues.occupancy_flag   1 
_pdbx_unobs_or_zero_occ_residues.auth_asym_id     A 
_pdbx_unobs_or_zero_occ_residues.auth_comp_id     GLY 
_pdbx_unobs_or_zero_occ_residues.auth_seq_id      40 
_pdbx_unobs_or_zero_occ_residues.PDB_ins_code     ? 
_pdbx_unobs_or_zero_occ_residues.label_asym_id    A 
_pdbx_unobs_or_zero_occ_residues.label_comp_id    GLY 
_pdbx_unobs_or_zero_occ_residues.label_seq_id     1 
# 
loop_
_chem_comp_atom.comp_id 
_chem_comp_atom.atom_id 
_chem_comp_atom.type_symbol 
_chem_comp_atom.pdbx_aromatic_flag 
_chem_comp_atom.pdbx_stereo_config 
_chem_comp_atom.pdbx_ordinal 
ALA N    N  N N 1   
ALA CA   C  N S 2   
ALA C    C  N N 3   
ALA O    O  N N 4   
ALA CB   C  N N 5   
ALA OXT  O  N N 6   
ALA H    H  N N 7   
ALA H2   H  N N 8   
ALA HA   H  N N 9   
ALA HB1  H  N N 10  
ALA HB2  H  N N 11  
ALA HB3  H  N N 12  
ALA HXT  H  N N 13  
ARG N    N  N N 14  
ARG CA   C  N S 15  
ARG C    C  N N 16  
ARG O    O  N N 17  
ARG CB   C  N N 18  
ARG CG   C  N N 19  
ARG CD   C  N N 20  
ARG NE   N  N N 21  
ARG CZ   C  N N 22  
ARG NH1  N  N N 23  
ARG NH2  N  N N 24  
ARG OXT  O  N N 25  
ARG H    H  N N 26  
ARG H2   H  N N 27  
ARG HA   H  N N 28  
ARG HB2  H  N N 29  
ARG HB3  H  N N 30  
ARG HG2  H  N N 31  
ARG HG3  H  N N 32  
ARG HD2  H  N N 33  
ARG HD3  H  N N 34  
ARG HE   H  N N 35  
ARG HH11 H  N N 36  
ARG HH12 H  N N 37  
ARG HH21 H  N N 38  
ARG HH22 H  N N 39  
ARG HXT  H  N N 40  
ASN N    N  N N 41  
ASN CA   C  N S 42  
ASN C    C  N N 43  
ASN O    O  N N 44  
ASN CB   C  N N 45  
ASN CG   C  N N 46  
ASN OD1  O  N N 47  
ASN ND2  N  N N 48  
ASN OXT  O  N N 49  
ASN H    H  N N 50  
ASN H2   H  N N 51  
ASN HA   H  N N 52  
ASN HB2  H  N N 53  
ASN HB3  H  N N 54  
ASN HD21 H  N N 55  
ASN HD22 H  N N 56  
ASN HXT  H  N N 57  
ASP N    N  N N 58  
ASP CA   C  N S 59  
ASP C    C  N N 60  
ASP O    O  N N 61  
ASP CB   C  N N 62  
ASP CG   C  N N 63  
ASP OD1  O  N N 64  
ASP OD2  O  N N 65  
ASP OXT  O  N N 66  
ASP H    H  N N 67  
ASP H2   H  N N 68  
ASP HA   H  N N 69  
ASP HB2  H  N N 70  
ASP HB3  H  N N 71  
ASP HD2  H  N N 72  
ASP HXT  H  N N 73  
CD  CD   CD N N 74  
CYS N    N  N N 75  
CYS CA   C  N R 76  
CYS C    C  N N 77  
CYS O    O  N N 78  
CYS CB   C  N N 79  
CYS SG   S  N N 80  
CYS OXT  O  N N 81  
CYS H    H  N N 82  
CYS H2   H  N N 83  
CYS HA   H  N N 84  
CYS HB2  H  N N 85  
CYS HB3  H  N N 86  
CYS HG   H  N N 87  
CYS HXT  H  N N 88  
GLN N    N  N N 89  
GLN CA   C  N S 90  
GLN C    C  N N 91  
GLN O    O  N N 92  
GLN CB   C  N N 93  
GLN CG   C  N N 94  
GLN CD   C  N N 95  
GLN OE1  O  N N 96  
GLN NE2  N  N N 97  
GLN OXT  O  N N 98  
GLN H    H  N N 99  
GLN H2   H  N N 100 
GLN HA   H  N N 101 
GLN HB2  H  N N 102 
GLN HB3  H  N N 103 
GLN HG2  H  N N 104 
GLN HG3  H  N N 105 
GLN HE21 H  N N 106 
GLN HE22 H  N N 107 
GLN HXT  H  N N 108 
GLU N    N  N N 109 
GLU CA   C  N S 110 
GLU C    C  N N 111 
GLU O    O  N N 112 
GLU CB   C  N N 113 
GLU CG   C  N N 114 
GLU CD   C  N N 115 
GLU OE1  O  N N 116 
GLU OE2  O  N N 117 
GLU OXT  O  N N 118 
GLU H    H  N N 119 
GLU H2   H  N N 120 
GLU HA   H  N N 121 
GLU HB2  H  N N 122 
GLU HB3  H  N N 123 
GLU HG2  H  N N 124 
GLU HG3  H  N N 125 
GLU HE2  H  N N 126 
GLU HXT  H  N N 127 
GLY N    N  N N 128 
GLY CA   C  N N 129 
GLY C    C  N N 130 
GLY O    O  N N 131 
GLY OXT  O  N N 132 
GLY H    H  N N 133 
GLY H2   H  N N 134 
GLY HA2  H  N N 135 
GLY HA3  H  N N 136 
GLY HXT  H  N N 137 
HIS N    N  N N 138 
HIS CA   C  N S 139 
HIS C    C  N N 140 
HIS O    O  N N 141 
HIS CB   C  N N 142 
HIS CG   C  Y N 143 
HIS ND1  N  Y N 144 
HIS CD2  C  Y N 145 
HIS CE1  C  Y N 146 
HIS NE2  N  Y N 147 
HIS OXT  O  N N 148 
HIS H    H  N N 149 
HIS H2   H  N N 150 
HIS HA   H  N N 151 
HIS HB2  H  N N 152 
HIS HB3  H  N N 153 
HIS HD1  H  N N 154 
HIS HD2  H  N N 155 
HIS HE1  H  N N 156 
HIS HE2  H  N N 157 
HIS HXT  H  N N 158 
HOH O    O  N N 159 
HOH H1   H  N N 160 
HOH H2   H  N N 161 
ILE N    N  N N 162 
ILE CA   C  N S 163 
ILE C    C  N N 164 
ILE O    O  N N 165 
ILE CB   C  N S 166 
ILE CG1  C  N N 167 
ILE CG2  C  N N 168 
ILE CD1  C  N N 169 
ILE OXT  O  N N 170 
ILE H    H  N N 171 
ILE H2   H  N N 172 
ILE HA   H  N N 173 
ILE HB   H  N N 174 
ILE HG12 H  N N 175 
ILE HG13 H  N N 176 
ILE HG21 H  N N 177 
ILE HG22 H  N N 178 
ILE HG23 H  N N 179 
ILE HD11 H  N N 180 
ILE HD12 H  N N 181 
ILE HD13 H  N N 182 
ILE HXT  H  N N 183 
JFP C01  C  N N 184 
JFP C02  C  N N 185 
JFP C03  C  N N 186 
JFP O04  O  N N 187 
JFP N05  N  N N 188 
JFP C06  C  Y N 189 
JFP N07  N  Y N 190 
JFP C08  C  Y N 191 
JFP C09  C  Y N 192 
JFP S10  S  Y N 193 
JFP C11  C  N N 194 
JFP H011 H  N N 195 
JFP H012 H  N N 196 
JFP H013 H  N N 197 
JFP H022 H  N N 198 
JFP H021 H  N N 199 
JFP H051 H  N N 200 
JFP H091 H  N N 201 
JFP H111 H  N N 202 
JFP H112 H  N N 203 
JFP H113 H  N N 204 
LEU N    N  N N 205 
LEU CA   C  N S 206 
LEU C    C  N N 207 
LEU O    O  N N 208 
LEU CB   C  N N 209 
LEU CG   C  N N 210 
LEU CD1  C  N N 211 
LEU CD2  C  N N 212 
LEU OXT  O  N N 213 
LEU H    H  N N 214 
LEU H2   H  N N 215 
LEU HA   H  N N 216 
LEU HB2  H  N N 217 
LEU HB3  H  N N 218 
LEU HG   H  N N 219 
LEU HD11 H  N N 220 
LEU HD12 H  N N 221 
LEU HD13 H  N N 222 
LEU HD21 H  N N 223 
LEU HD22 H  N N 224 
LEU HD23 H  N N 225 
LEU HXT  H  N N 226 
LYS N    N  N N 227 
LYS CA   C  N S 228 
LYS C    C  N N 229 
LYS O    O  N N 230 
LYS CB   C  N N 231 
LYS CG   C  N N 232 
LYS CD   C  N N 233 
LYS CE   C  N N 234 
LYS NZ   N  N N 235 
LYS OXT  O  N N 236 
LYS H    H  N N 237 
LYS H2   H  N N 238 
LYS HA   H  N N 239 
LYS HB2  H  N N 240 
LYS HB3  H  N N 241 
LYS HG2  H  N N 242 
LYS HG3  H  N N 243 
LYS HD2  H  N N 244 
LYS HD3  H  N N 245 
LYS HE2  H  N N 246 
LYS HE3  H  N N 247 
LYS HZ1  H  N N 248 
LYS HZ2  H  N N 249 
LYS HZ3  H  N N 250 
LYS HXT  H  N N 251 
MET N    N  N N 252 
MET CA   C  N S 253 
MET C    C  N N 254 
MET O    O  N N 255 
MET CB   C  N N 256 
MET CG   C  N N 257 
MET SD   S  N N 258 
MET CE   C  N N 259 
MET OXT  O  N N 260 
MET H    H  N N 261 
MET H2   H  N N 262 
MET HA   H  N N 263 
MET HB2  H  N N 264 
MET HB3  H  N N 265 
MET HG2  H  N N 266 
MET HG3  H  N N 267 
MET HE1  H  N N 268 
MET HE2  H  N N 269 
MET HE3  H  N N 270 
MET HXT  H  N N 271 
PHE N    N  N N 272 
PHE CA   C  N S 273 
PHE C    C  N N 274 
PHE O    O  N N 275 
PHE CB   C  N N 276 
PHE CG   C  Y N 277 
PHE CD1  C  Y N 278 
PHE CD2  C  Y N 279 
PHE CE1  C  Y N 280 
PHE CE2  C  Y N 281 
PHE CZ   C  Y N 282 
PHE OXT  O  N N 283 
PHE H    H  N N 284 
PHE H2   H  N N 285 
PHE HA   H  N N 286 
PHE HB2  H  N N 287 
PHE HB3  H  N N 288 
PHE HD1  H  N N 289 
PHE HD2  H  N N 290 
PHE HE1  H  N N 291 
PHE HE2  H  N N 292 
PHE HZ   H  N N 293 
PHE HXT  H  N N 294 
PRO N    N  N N 295 
PRO CA   C  N S 296 
PRO C    C  N N 297 
PRO O    O  N N 298 
PRO CB   C  N N 299 
PRO CG   C  N N 300 
PRO CD   C  N N 301 
PRO OXT  O  N N 302 
PRO H    H  N N 303 
PRO HA   H  N N 304 
PRO HB2  H  N N 305 
PRO HB3  H  N N 306 
PRO HG2  H  N N 307 
PRO HG3  H  N N 308 
PRO HD2  H  N N 309 
PRO HD3  H  N N 310 
PRO HXT  H  N N 311 
SER N    N  N N 312 
SER CA   C  N S 313 
SER C    C  N N 314 
SER O    O  N N 315 
SER CB   C  N N 316 
SER OG   O  N N 317 
SER OXT  O  N N 318 
SER H    H  N N 319 
SER H2   H  N N 320 
SER HA   H  N N 321 
SER HB2  H  N N 322 
SER HB3  H  N N 323 
SER HG   H  N N 324 
SER HXT  H  N N 325 
THR N    N  N N 326 
THR CA   C  N S 327 
THR C    C  N N 328 
THR O    O  N N 329 
THR CB   C  N R 330 
THR OG1  O  N N 331 
THR CG2  C  N N 332 
THR OXT  O  N N 333 
THR H    H  N N 334 
THR H2   H  N N 335 
THR HA   H  N N 336 
THR HB   H  N N 337 
THR HG1  H  N N 338 
THR HG21 H  N N 339 
THR HG22 H  N N 340 
THR HG23 H  N N 341 
THR HXT  H  N N 342 
TRP N    N  N N 343 
TRP CA   C  N S 344 
TRP C    C  N N 345 
TRP O    O  N N 346 
TRP CB   C  N N 347 
TRP CG   C  Y N 348 
TRP CD1  C  Y N 349 
TRP CD2  C  Y N 350 
TRP NE1  N  Y N 351 
TRP CE2  C  Y N 352 
TRP CE3  C  Y N 353 
TRP CZ2  C  Y N 354 
TRP CZ3  C  Y N 355 
TRP CH2  C  Y N 356 
TRP OXT  O  N N 357 
TRP H    H  N N 358 
TRP H2   H  N N 359 
TRP HA   H  N N 360 
TRP HB2  H  N N 361 
TRP HB3  H  N N 362 
TRP HD1  H  N N 363 
TRP HE1  H  N N 364 
TRP HE3  H  N N 365 
TRP HZ2  H  N N 366 
TRP HZ3  H  N N 367 
TRP HH2  H  N N 368 
TRP HXT  H  N N 369 
TYR N    N  N N 370 
TYR CA   C  N S 371 
TYR C    C  N N 372 
TYR O    O  N N 373 
TYR CB   C  N N 374 
TYR CG   C  Y N 375 
TYR CD1  C  Y N 376 
TYR CD2  C  Y N 377 
TYR CE1  C  Y N 378 
TYR CE2  C  Y N 379 
TYR CZ   C  Y N 380 
TYR OH   O  N N 381 
TYR OXT  O  N N 382 
TYR H    H  N N 383 
TYR H2   H  N N 384 
TYR HA   H  N N 385 
TYR HB2  H  N N 386 
TYR HB3  H  N N 387 
TYR HD1  H  N N 388 
TYR HD2  H  N N 389 
TYR HE1  H  N N 390 
TYR HE2  H  N N 391 
TYR HH   H  N N 392 
TYR HXT  H  N N 393 
VAL N    N  N N 394 
VAL CA   C  N S 395 
VAL C    C  N N 396 
VAL O    O  N N 397 
VAL CB   C  N N 398 
VAL CG1  C  N N 399 
VAL CG2  C  N N 400 
VAL OXT  O  N N 401 
VAL H    H  N N 402 
VAL H2   H  N N 403 
VAL HA   H  N N 404 
VAL HB   H  N N 405 
VAL HG11 H  N N 406 
VAL HG12 H  N N 407 
VAL HG13 H  N N 408 
VAL HG21 H  N N 409 
VAL HG22 H  N N 410 
VAL HG23 H  N N 411 
VAL HXT  H  N N 412 
# 
loop_
_chem_comp_bond.comp_id 
_chem_comp_bond.atom_id_1 
_chem_comp_bond.atom_id_2 
_chem_comp_bond.value_order 
_chem_comp_bond.pdbx_aromatic_flag 
_chem_comp_bond.pdbx_stereo_config 
_chem_comp_bond.pdbx_ordinal 
ALA N   CA   sing N N 1   
ALA N   H    sing N N 2   
ALA N   H2   sing N N 3   
ALA CA  C    sing N N 4   
ALA CA  CB   sing N N 5   
ALA CA  HA   sing N N 6   
ALA C   O    doub N N 7   
ALA C   OXT  sing N N 8   
ALA CB  HB1  sing N N 9   
ALA CB  HB2  sing N N 10  
ALA CB  HB3  sing N N 11  
ALA OXT HXT  sing N N 12  
ARG N   CA   sing N N 13  
ARG N   H    sing N N 14  
ARG N   H2   sing N N 15  
ARG CA  C    sing N N 16  
ARG CA  CB   sing N N 17  
ARG CA  HA   sing N N 18  
ARG C   O    doub N N 19  
ARG C   OXT  sing N N 20  
ARG CB  CG   sing N N 21  
ARG CB  HB2  sing N N 22  
ARG CB  HB3  sing N N 23  
ARG CG  CD   sing N N 24  
ARG CG  HG2  sing N N 25  
ARG CG  HG3  sing N N 26  
ARG CD  NE   sing N N 27  
ARG CD  HD2  sing N N 28  
ARG CD  HD3  sing N N 29  
ARG NE  CZ   sing N N 30  
ARG NE  HE   sing N N 31  
ARG CZ  NH1  sing N N 32  
ARG CZ  NH2  doub N N 33  
ARG NH1 HH11 sing N N 34  
ARG NH1 HH12 sing N N 35  
ARG NH2 HH21 sing N N 36  
ARG NH2 HH22 sing N N 37  
ARG OXT HXT  sing N N 38  
ASN N   CA   sing N N 39  
ASN N   H    sing N N 40  
ASN N   H2   sing N N 41  
ASN CA  C    sing N N 42  
ASN CA  CB   sing N N 43  
ASN CA  HA   sing N N 44  
ASN C   O    doub N N 45  
ASN C   OXT  sing N N 46  
ASN CB  CG   sing N N 47  
ASN CB  HB2  sing N N 48  
ASN CB  HB3  sing N N 49  
ASN CG  OD1  doub N N 50  
ASN CG  ND2  sing N N 51  
ASN ND2 HD21 sing N N 52  
ASN ND2 HD22 sing N N 53  
ASN OXT HXT  sing N N 54  
ASP N   CA   sing N N 55  
ASP N   H    sing N N 56  
ASP N   H2   sing N N 57  
ASP CA  C    sing N N 58  
ASP CA  CB   sing N N 59  
ASP CA  HA   sing N N 60  
ASP C   O    doub N N 61  
ASP C   OXT  sing N N 62  
ASP CB  CG   sing N N 63  
ASP CB  HB2  sing N N 64  
ASP CB  HB3  sing N N 65  
ASP CG  OD1  doub N N 66  
ASP CG  OD2  sing N N 67  
ASP OD2 HD2  sing N N 68  
ASP OXT HXT  sing N N 69  
CYS N   CA   sing N N 70  
CYS N   H    sing N N 71  
CYS N   H2   sing N N 72  
CYS CA  C    sing N N 73  
CYS CA  CB   sing N N 74  
CYS CA  HA   sing N N 75  
CYS C   O    doub N N 76  
CYS C   OXT  sing N N 77  
CYS CB  SG   sing N N 78  
CYS CB  HB2  sing N N 79  
CYS CB  HB3  sing N N 80  
CYS SG  HG   sing N N 81  
CYS OXT HXT  sing N N 82  
GLN N   CA   sing N N 83  
GLN N   H    sing N N 84  
GLN N   H2   sing N N 85  
GLN CA  C    sing N N 86  
GLN CA  CB   sing N N 87  
GLN CA  HA   sing N N 88  
GLN C   O    doub N N 89  
GLN C   OXT  sing N N 90  
GLN CB  CG   sing N N 91  
GLN CB  HB2  sing N N 92  
GLN CB  HB3  sing N N 93  
GLN CG  CD   sing N N 94  
GLN CG  HG2  sing N N 95  
GLN CG  HG3  sing N N 96  
GLN CD  OE1  doub N N 97  
GLN CD  NE2  sing N N 98  
GLN NE2 HE21 sing N N 99  
GLN NE2 HE22 sing N N 100 
GLN OXT HXT  sing N N 101 
GLU N   CA   sing N N 102 
GLU N   H    sing N N 103 
GLU N   H2   sing N N 104 
GLU CA  C    sing N N 105 
GLU CA  CB   sing N N 106 
GLU CA  HA   sing N N 107 
GLU C   O    doub N N 108 
GLU C   OXT  sing N N 109 
GLU CB  CG   sing N N 110 
GLU CB  HB2  sing N N 111 
GLU CB  HB3  sing N N 112 
GLU CG  CD   sing N N 113 
GLU CG  HG2  sing N N 114 
GLU CG  HG3  sing N N 115 
GLU CD  OE1  doub N N 116 
GLU CD  OE2  sing N N 117 
GLU OE2 HE2  sing N N 118 
GLU OXT HXT  sing N N 119 
GLY N   CA   sing N N 120 
GLY N   H    sing N N 121 
GLY N   H2   sing N N 122 
GLY CA  C    sing N N 123 
GLY CA  HA2  sing N N 124 
GLY CA  HA3  sing N N 125 
GLY C   O    doub N N 126 
GLY C   OXT  sing N N 127 
GLY OXT HXT  sing N N 128 
HIS N   CA   sing N N 129 
HIS N   H    sing N N 130 
HIS N   H2   sing N N 131 
HIS CA  C    sing N N 132 
HIS CA  CB   sing N N 133 
HIS CA  HA   sing N N 134 
HIS C   O    doub N N 135 
HIS C   OXT  sing N N 136 
HIS CB  CG   sing N N 137 
HIS CB  HB2  sing N N 138 
HIS CB  HB3  sing N N 139 
HIS CG  ND1  sing Y N 140 
HIS CG  CD2  doub Y N 141 
HIS ND1 CE1  doub Y N 142 
HIS ND1 HD1  sing N N 143 
HIS CD2 NE2  sing Y N 144 
HIS CD2 HD2  sing N N 145 
HIS CE1 NE2  sing Y N 146 
HIS CE1 HE1  sing N N 147 
HIS NE2 HE2  sing N N 148 
HIS OXT HXT  sing N N 149 
HOH O   H1   sing N N 150 
HOH O   H2   sing N N 151 
ILE N   CA   sing N N 152 
ILE N   H    sing N N 153 
ILE N   H2   sing N N 154 
ILE CA  C    sing N N 155 
ILE CA  CB   sing N N 156 
ILE CA  HA   sing N N 157 
ILE C   O    doub N N 158 
ILE C   OXT  sing N N 159 
ILE CB  CG1  sing N N 160 
ILE CB  CG2  sing N N 161 
ILE CB  HB   sing N N 162 
ILE CG1 CD1  sing N N 163 
ILE CG1 HG12 sing N N 164 
ILE CG1 HG13 sing N N 165 
ILE CG2 HG21 sing N N 166 
ILE CG2 HG22 sing N N 167 
ILE CG2 HG23 sing N N 168 
ILE CD1 HD11 sing N N 169 
ILE CD1 HD12 sing N N 170 
ILE CD1 HD13 sing N N 171 
ILE OXT HXT  sing N N 172 
JFP C11 C08  sing N N 173 
JFP C08 C09  doub Y N 174 
JFP C08 N07  sing Y N 175 
JFP C09 S10  sing Y N 176 
JFP N07 C06  doub Y N 177 
JFP S10 C06  sing Y N 178 
JFP C06 N05  sing N N 179 
JFP N05 C03  sing N N 180 
JFP C03 C02  sing N N 181 
JFP C03 O04  doub N N 182 
JFP C02 C01  sing N N 183 
JFP C01 H011 sing N N 184 
JFP C01 H012 sing N N 185 
JFP C01 H013 sing N N 186 
JFP C02 H022 sing N N 187 
JFP C02 H021 sing N N 188 
JFP N05 H051 sing N N 189 
JFP C09 H091 sing N N 190 
JFP C11 H111 sing N N 191 
JFP C11 H112 sing N N 192 
JFP C11 H113 sing N N 193 
LEU N   CA   sing N N 194 
LEU N   H    sing N N 195 
LEU N   H2   sing N N 196 
LEU CA  C    sing N N 197 
LEU CA  CB   sing N N 198 
LEU CA  HA   sing N N 199 
LEU C   O    doub N N 200 
LEU C   OXT  sing N N 201 
LEU CB  CG   sing N N 202 
LEU CB  HB2  sing N N 203 
LEU CB  HB3  sing N N 204 
LEU CG  CD1  sing N N 205 
LEU CG  CD2  sing N N 206 
LEU CG  HG   sing N N 207 
LEU CD1 HD11 sing N N 208 
LEU CD1 HD12 sing N N 209 
LEU CD1 HD13 sing N N 210 
LEU CD2 HD21 sing N N 211 
LEU CD2 HD22 sing N N 212 
LEU CD2 HD23 sing N N 213 
LEU OXT HXT  sing N N 214 
LYS N   CA   sing N N 215 
LYS N   H    sing N N 216 
LYS N   H2   sing N N 217 
LYS CA  C    sing N N 218 
LYS CA  CB   sing N N 219 
LYS CA  HA   sing N N 220 
LYS C   O    doub N N 221 
LYS C   OXT  sing N N 222 
LYS CB  CG   sing N N 223 
LYS CB  HB2  sing N N 224 
LYS CB  HB3  sing N N 225 
LYS CG  CD   sing N N 226 
LYS CG  HG2  sing N N 227 
LYS CG  HG3  sing N N 228 
LYS CD  CE   sing N N 229 
LYS CD  HD2  sing N N 230 
LYS CD  HD3  sing N N 231 
LYS CE  NZ   sing N N 232 
LYS CE  HE2  sing N N 233 
LYS CE  HE3  sing N N 234 
LYS NZ  HZ1  sing N N 235 
LYS NZ  HZ2  sing N N 236 
LYS NZ  HZ3  sing N N 237 
LYS OXT HXT  sing N N 238 
MET N   CA   sing N N 239 
MET N   H    sing N N 240 
MET N   H2   sing N N 241 
MET CA  C    sing N N 242 
MET CA  CB   sing N N 243 
MET CA  HA   sing N N 244 
MET C   O    doub N N 245 
MET C   OXT  sing N N 246 
MET CB  CG   sing N N 247 
MET CB  HB2  sing N N 248 
MET CB  HB3  sing N N 249 
MET CG  SD   sing N N 250 
MET CG  HG2  sing N N 251 
MET CG  HG3  sing N N 252 
MET SD  CE   sing N N 253 
MET CE  HE1  sing N N 254 
MET CE  HE2  sing N N 255 
MET CE  HE3  sing N N 256 
MET OXT HXT  sing N N 257 
PHE N   CA   sing N N 258 
PHE N   H    sing N N 259 
PHE N   H2   sing N N 260 
PHE CA  C    sing N N 261 
PHE CA  CB   sing N N 262 
PHE CA  HA   sing N N 263 
PHE C   O    doub N N 264 
PHE C   OXT  sing N N 265 
PHE CB  CG   sing N N 266 
PHE CB  HB2  sing N N 267 
PHE CB  HB3  sing N N 268 
PHE CG  CD1  doub Y N 269 
PHE CG  CD2  sing Y N 270 
PHE CD1 CE1  sing Y N 271 
PHE CD1 HD1  sing N N 272 
PHE CD2 CE2  doub Y N 273 
PHE CD2 HD2  sing N N 274 
PHE CE1 CZ   doub Y N 275 
PHE CE1 HE1  sing N N 276 
PHE CE2 CZ   sing Y N 277 
PHE CE2 HE2  sing N N 278 
PHE CZ  HZ   sing N N 279 
PHE OXT HXT  sing N N 280 
PRO N   CA   sing N N 281 
PRO N   CD   sing N N 282 
PRO N   H    sing N N 283 
PRO CA  C    sing N N 284 
PRO CA  CB   sing N N 285 
PRO CA  HA   sing N N 286 
PRO C   O    doub N N 287 
PRO C   OXT  sing N N 288 
PRO CB  CG   sing N N 289 
PRO CB  HB2  sing N N 290 
PRO CB  HB3  sing N N 291 
PRO CG  CD   sing N N 292 
PRO CG  HG2  sing N N 293 
PRO CG  HG3  sing N N 294 
PRO CD  HD2  sing N N 295 
PRO CD  HD3  sing N N 296 
PRO OXT HXT  sing N N 297 
SER N   CA   sing N N 298 
SER N   H    sing N N 299 
SER N   H2   sing N N 300 
SER CA  C    sing N N 301 
SER CA  CB   sing N N 302 
SER CA  HA   sing N N 303 
SER C   O    doub N N 304 
SER C   OXT  sing N N 305 
SER CB  OG   sing N N 306 
SER CB  HB2  sing N N 307 
SER CB  HB3  sing N N 308 
SER OG  HG   sing N N 309 
SER OXT HXT  sing N N 310 
THR N   CA   sing N N 311 
THR N   H    sing N N 312 
THR N   H2   sing N N 313 
THR CA  C    sing N N 314 
THR CA  CB   sing N N 315 
THR CA  HA   sing N N 316 
THR C   O    doub N N 317 
THR C   OXT  sing N N 318 
THR CB  OG1  sing N N 319 
THR CB  CG2  sing N N 320 
THR CB  HB   sing N N 321 
THR OG1 HG1  sing N N 322 
THR CG2 HG21 sing N N 323 
THR CG2 HG22 sing N N 324 
THR CG2 HG23 sing N N 325 
THR OXT HXT  sing N N 326 
TRP N   CA   sing N N 327 
TRP N   H    sing N N 328 
TRP N   H2   sing N N 329 
TRP CA  C    sing N N 330 
TRP CA  CB   sing N N 331 
TRP CA  HA   sing N N 332 
TRP C   O    doub N N 333 
TRP C   OXT  sing N N 334 
TRP CB  CG   sing N N 335 
TRP CB  HB2  sing N N 336 
TRP CB  HB3  sing N N 337 
TRP CG  CD1  doub Y N 338 
TRP CG  CD2  sing Y N 339 
TRP CD1 NE1  sing Y N 340 
TRP CD1 HD1  sing N N 341 
TRP CD2 CE2  doub Y N 342 
TRP CD2 CE3  sing Y N 343 
TRP NE1 CE2  sing Y N 344 
TRP NE1 HE1  sing N N 345 
TRP CE2 CZ2  sing Y N 346 
TRP CE3 CZ3  doub Y N 347 
TRP CE3 HE3  sing N N 348 
TRP CZ2 CH2  doub Y N 349 
TRP CZ2 HZ2  sing N N 350 
TRP CZ3 CH2  sing Y N 351 
TRP CZ3 HZ3  sing N N 352 
TRP CH2 HH2  sing N N 353 
TRP OXT HXT  sing N N 354 
TYR N   CA   sing N N 355 
TYR N   H    sing N N 356 
TYR N   H2   sing N N 357 
TYR CA  C    sing N N 358 
TYR CA  CB   sing N N 359 
TYR CA  HA   sing N N 360 
TYR C   O    doub N N 361 
TYR C   OXT  sing N N 362 
TYR CB  CG   sing N N 363 
TYR CB  HB2  sing N N 364 
TYR CB  HB3  sing N N 365 
TYR CG  CD1  doub Y N 366 
TYR CG  CD2  sing Y N 367 
TYR CD1 CE1  sing Y N 368 
TYR CD1 HD1  sing N N 369 
TYR CD2 CE2  doub Y N 370 
TYR CD2 HD2  sing N N 371 
TYR CE1 CZ   doub Y N 372 
TYR CE1 HE1  sing N N 373 
TYR CE2 CZ   sing Y N 374 
TYR CE2 HE2  sing N N 375 
TYR CZ  OH   sing N N 376 
TYR OH  HH   sing N N 377 
TYR OXT HXT  sing N N 378 
VAL N   CA   sing N N 379 
VAL N   H    sing N N 380 
VAL N   H2   sing N N 381 
VAL CA  C    sing N N 382 
VAL CA  CB   sing N N 383 
VAL CA  HA   sing N N 384 
VAL C   O    doub N N 385 
VAL C   OXT  sing N N 386 
VAL CB  CG1  sing N N 387 
VAL CB  CG2  sing N N 388 
VAL CB  HB   sing N N 389 
VAL CG1 HG11 sing N N 390 
VAL CG1 HG12 sing N N 391 
VAL CG1 HG13 sing N N 392 
VAL CG2 HG21 sing N N 393 
VAL CG2 HG22 sing N N 394 
VAL CG2 HG23 sing N N 395 
VAL OXT HXT  sing N N 396 
# 
_pdbx_deposit_group.group_id            G_1002080 
_pdbx_deposit_group.group_description   
;Human Brachyury screened against the DSI-poised Fragment Library by X-ray Crystallography at the XChem facility of Diamond Light Source beamline I04-1
;
_pdbx_deposit_group.group_title         'PanDDA analysis group deposition' 
_pdbx_deposit_group.group_type          'changed state' 
# 
_pdbx_entity_instance_feature.ordinal        1 
_pdbx_entity_instance_feature.comp_id        JFP 
_pdbx_entity_instance_feature.asym_id        ? 
_pdbx_entity_instance_feature.seq_num        ? 
_pdbx_entity_instance_feature.auth_comp_id   JFP 
_pdbx_entity_instance_feature.auth_asym_id   ? 
_pdbx_entity_instance_feature.auth_seq_num   ? 
_pdbx_entity_instance_feature.feature_type   'SUBJECT OF INVESTIGATION' 
_pdbx_entity_instance_feature.details        ? 
# 
_atom_sites.entry_id                    5QS4 
_atom_sites.fract_transf_matrix[1][1]   -0.00737559 
_atom_sites.fract_transf_matrix[1][2]   0.01404642 
_atom_sites.fract_transf_matrix[1][3]   0.00511413 
_atom_sites.fract_transf_matrix[2][1]   -0.00310185 
_atom_sites.fract_transf_matrix[2][2]   -0.00701674 
_atom_sites.fract_transf_matrix[2][3]   0.01479863 
_atom_sites.fract_transf_matrix[3][1]   0.00795940 
_atom_sites.fract_transf_matrix[3][2]   0.00304611 
_atom_sites.fract_transf_matrix[3][3]   0.00311263 
_atom_sites.fract_transf_vector[1]      0.343990 
_atom_sites.fract_transf_vector[2]      -0.022715 
_atom_sites.fract_transf_vector[3]      0.060156 
# 
loop_
_atom_type.symbol 
C  
CD 
N  
O  
S  
# 
loop_
_atom_site.group_PDB 
_atom_site.id 
_atom_site.type_symbol 
_atom_site.label_atom_id 
_atom_site.label_alt_id 
_atom_site.label_comp_id 
_atom_site.label_asym_id 
_atom_site.label_entity_id 
_atom_site.label_seq_id 
_atom_site.pdbx_PDB_ins_code 
_atom_site.Cartn_x 
_atom_site.Cartn_y 
_atom_site.Cartn_z 
_atom_site.occupancy 
_atom_site.B_iso_or_equiv 
_atom_site.pdbx_formal_charge 
_atom_site.auth_seq_id 
_atom_site.auth_comp_id 
_atom_site.auth_asym_id 
_atom_site.auth_atom_id 
_atom_site.pdbx_PDB_model_num 
ATOM   1    N  N   . GLU A 1 2   ? 1.563   24.253  -3.632  1.00 81.05  ? 41  GLU A N   1 
ATOM   2    C  CA  . GLU A 1 2   ? 0.602   23.123  -3.426  1.00 77.73  ? 41  GLU A CA  1 
ATOM   3    C  C   . GLU A 1 2   ? 1.425   21.813  -3.482  1.00 73.50  ? 41  GLU A C   1 
ATOM   4    O  O   . GLU A 1 2   ? 2.217   21.602  -4.435  1.00 66.00  ? 41  GLU A O   1 
ATOM   5    C  CB  . GLU A 1 2   ? -0.578  23.244  -4.421  1.00 82.15  ? 41  GLU A CB  1 
ATOM   6    C  CG  . GLU A 1 2   ? -1.994  23.056  -3.834  1.00 78.13  ? 41  GLU A CG  1 
ATOM   7    C  CD  . GLU A 1 2   ? -2.881  24.290  -3.639  1.00 83.68  ? 41  GLU A CD  1 
ATOM   8    O  OE1 . GLU A 1 2   ? -4.086  24.264  -4.031  1.00 74.56  ? 41  GLU A OE1 1 
ATOM   9    O  OE2 . GLU A 1 2   ? -2.389  25.268  -3.054  1.00 84.61  ? 41  GLU A OE2 1 
ATOM   10   N  N   . LEU A 1 3   ? 1.307   21.003  -2.432  1.00 62.96  ? 42  LEU A N   1 
ATOM   11   C  CA  . LEU A 1 3   ? 1.863   19.628  -2.315  1.00 60.40  ? 42  LEU A CA  1 
ATOM   12   C  C   . LEU A 1 3   ? 1.291   18.747  -3.437  1.00 53.34  ? 42  LEU A C   1 
ATOM   13   O  O   . LEU A 1 3   ? 0.077   18.714  -3.563  1.00 55.39  ? 42  LEU A O   1 
ATOM   14   C  CB  . LEU A 1 3   ? 1.446   19.133  -0.930  1.00 57.66  ? 42  LEU A CB  1 
ATOM   15   C  CG  . LEU A 1 3   ? 1.955   17.769  -0.485  1.00 61.11  ? 42  LEU A CG  1 
ATOM   16   C  CD1 . LEU A 1 3   ? 3.258   17.399  -1.170  1.00 65.70  ? 42  LEU A CD1 1 
ATOM   17   C  CD2 . LEU A 1 3   ? 2.126   17.752  1.032   1.00 63.37  ? 42  LEU A CD2 1 
ATOM   18   N  N   . ARG A 1 4   ? 2.132   18.114  -4.257  1.00 49.15  ? 43  ARG A N   1 
ATOM   19   C  CA  . ARG A 1 4   ? 1.683   17.205  -5.340  1.00 42.56  ? 43  ARG A CA  1 
ATOM   20   C  C   . ARG A 1 4   ? 2.216   15.795  -5.028  1.00 49.33  ? 43  ARG A C   1 
ATOM   21   O  O   . ARG A 1 4   ? 3.414   15.655  -4.698  1.00 45.61  ? 43  ARG A O   1 
ATOM   22   C  CB  . ARG A 1 4   ? 2.114   17.754  -6.702  1.00 43.36  ? 43  ARG A CB  1 
ATOM   23   N  N   . VAL A 1 5   ? 1.339   14.792  -5.086  1.00 49.08  ? 44  VAL A N   1 
ATOM   24   C  CA  . VAL A 1 5   ? 1.672   13.352  -4.868  1.00 48.77  ? 44  VAL A CA  1 
ATOM   25   C  C   . VAL A 1 5   ? 1.266   12.589  -6.128  1.00 49.99  ? 44  VAL A C   1 
ATOM   26   O  O   . VAL A 1 5   ? 0.078   12.682  -6.465  1.00 47.50  ? 44  VAL A O   1 
ATOM   27   C  CB  . VAL A 1 5   ? 0.938   12.796  -3.634  1.00 50.59  ? 44  VAL A CB  1 
ATOM   28   C  CG1 . VAL A 1 5   ? 1.215   11.308  -3.425  1.00 47.96  ? 44  VAL A CG1 1 
ATOM   29   C  CG2 . VAL A 1 5   ? 1.274   13.569  -2.380  1.00 51.83  ? 44  VAL A CG2 1 
ATOM   30   N  N   . GLY A 1 6   ? 2.208   11.878  -6.762  1.00 48.66  ? 45  GLY A N   1 
ATOM   31   C  CA  . GLY A 1 6   ? 2.006   11.035  -7.958  1.00 50.67  ? 45  GLY A CA  1 
ATOM   32   C  C   . GLY A 1 6   ? 2.522   9.620   -7.740  1.00 47.41  ? 45  GLY A C   1 
ATOM   33   O  O   . GLY A 1 6   ? 3.467   9.432   -6.953  1.00 44.46  ? 45  GLY A O   1 
ATOM   34   N  N   . LEU A 1 7   ? 1.895   8.644   -8.397  1.00 42.25  ? 46  LEU A N   1 
ATOM   35   C  CA  . LEU A 1 7   ? 2.338   7.241   -8.368  1.00 39.53  ? 46  LEU A CA  1 
ATOM   36   C  C   . LEU A 1 7   ? 3.399   7.049   -9.453  1.00 42.50  ? 46  LEU A C   1 
ATOM   37   O  O   . LEU A 1 7   ? 3.131   7.453   -10.596 1.00 41.44  ? 46  LEU A O   1 
ATOM   38   C  CB  . LEU A 1 7   ? 1.103   6.366   -8.614  1.00 39.16  ? 46  LEU A CB  1 
ATOM   39   C  CG  . LEU A 1 7   ? 1.360   4.872   -8.669  1.00 36.75  ? 46  LEU A CG  1 
ATOM   40   C  CD1 . LEU A 1 7   ? 1.910   4.386   -7.352  1.00 35.01  ? 46  LEU A CD1 1 
ATOM   41   C  CD2 . LEU A 1 7   ? 0.081   4.131   -9.015  1.00 38.33  ? 46  LEU A CD2 1 
ATOM   42   N  N   . GLU A 1 8   ? 4.572   6.519   -9.096  1.00 36.84  ? 47  GLU A N   1 
ATOM   43   C  CA  . GLU A 1 8   ? 5.647   6.142   -10.044 1.00 40.48  ? 47  GLU A CA  1 
ATOM   44   C  C   . GLU A 1 8   ? 5.232   4.793   -10.633 1.00 44.10  ? 47  GLU A C   1 
ATOM   45   O  O   . GLU A 1 8   ? 4.594   3.998   -9.897  1.00 38.79  ? 47  GLU A O   1 
ATOM   46   C  CB  . GLU A 1 8   ? 7.014   6.137   -9.343  1.00 46.71  ? 47  GLU A CB  1 
ATOM   47   C  CG  . GLU A 1 8   ? 8.193   5.735   -10.235 1.00 56.21  ? 47  GLU A CG  1 
ATOM   48   C  CD  . GLU A 1 8   ? 8.769   6.800   -11.172 1.00 61.17  ? 47  GLU A CD  1 
ATOM   49   O  OE1 . GLU A 1 8   ? 8.184   7.883   -11.238 1.00 61.33  ? 47  GLU A OE1 1 
ATOM   50   O  OE2 . GLU A 1 8   ? 9.813   6.544   -11.845 1.00 71.85  ? 47  GLU A OE2 1 
ATOM   51   N  N   . GLU A 1 9   ? 5.500   4.593   -11.924 1.00 40.64  ? 48  GLU A N   1 
ATOM   52   C  CA  . GLU A 1 9   ? 5.196   3.339   -12.660 1.00 44.49  ? 48  GLU A CA  1 
ATOM   53   C  C   . GLU A 1 9   ? 3.702   3.018   -12.589 1.00 42.82  ? 48  GLU A C   1 
ATOM   54   O  O   . GLU A 1 9   ? 3.370   1.825   -12.425 1.00 42.40  ? 48  GLU A O   1 
ATOM   55   C  CB  . GLU A 1 9   ? 5.931   2.133   -12.063 1.00 48.99  ? 48  GLU A CB  1 
ATOM   56   C  CG  . GLU A 1 9   ? 7.435   2.300   -11.907 1.00 56.70  ? 48  GLU A CG  1 
ATOM   57   C  CD  . GLU A 1 9   ? 8.107   1.125   -11.206 1.00 62.99  ? 48  GLU A CD  1 
ATOM   58   O  OE1 . GLU A 1 9   ? 7.615   -0.020  -11.348 1.00 68.45  ? 48  GLU A OE1 1 
ATOM   59   O  OE2 . GLU A 1 9   ? 9.102   1.351   -10.494 1.00 65.30  ? 48  GLU A OE2 1 
ATOM   60   N  N   . SER A 1 10  ? 2.812   3.989   -12.802 1.00 37.44  ? 49  SER A N   1 
ATOM   61   C  CA  . SER A 1 10  ? 1.356   3.695   -12.864 1.00 38.32  ? 49  SER A CA  1 
ATOM   62   C  C   . SER A 1 10  ? 1.042   2.768   -14.050 1.00 33.58  ? 49  SER A C   1 
ATOM   63   O  O   . SER A 1 10  ? 0.158   1.953   -13.867 1.00 38.42  ? 49  SER A O   1 
ATOM   64   C  CB  . SER A 1 10  ? 0.495   4.957   -12.860 1.00 43.31  ? 49  SER A CB  1 
ATOM   65   O  OG  . SER A 1 10  ? 0.899   5.809   -13.903 1.00 49.46  ? 49  SER A OG  1 
ATOM   66   N  N   . GLU A 1 11  ? 1.685   2.931   -15.223 1.00 37.66  ? 50  GLU A N   1 
ATOM   67   C  CA  . GLU A 1 11  ? 1.646   1.998   -16.402 1.00 45.39  ? 50  GLU A CA  1 
ATOM   68   C  C   . GLU A 1 11  ? 1.505   0.558   -15.897 1.00 42.15  ? 50  GLU A C   1 
ATOM   69   O  O   . GLU A 1 11  ? 0.530   -0.137  -16.275 1.00 42.57  ? 50  GLU A O   1 
ATOM   70   C  CB  . GLU A 1 11  ? 2.915   2.109   -17.268 1.00 46.49  ? 50  GLU A CB  1 
ATOM   71   C  CG  . GLU A 1 11  ? 3.534   0.765   -17.727 1.00 58.37  ? 50  GLU A CG  1 
ATOM   72   C  CD  . GLU A 1 11  ? 2.882   0.114   -18.941 1.00 57.03  ? 50  GLU A CD  1 
ATOM   73   O  OE1 . GLU A 1 11  ? 3.318   -0.977  -19.363 1.00 71.44  ? 50  GLU A OE1 1 
ATOM   74   O  OE2 . GLU A 1 11  ? 1.945   0.712   -19.479 1.00 75.64  ? 50  GLU A OE2 1 
ATOM   75   N  N   . LEU A 1 12  ? 2.430   0.173   -15.026 1.00 38.75  ? 51  LEU A N   1 
ATOM   76   C  CA  . LEU A 1 12  ? 2.610   -1.230  -14.575 1.00 44.18  ? 51  LEU A CA  1 
ATOM   77   C  C   . LEU A 1 12  ? 1.509   -1.590  -13.575 1.00 39.80  ? 51  LEU A C   1 
ATOM   78   O  O   . LEU A 1 12  ? 0.910   -2.671  -13.670 1.00 39.09  ? 51  LEU A O   1 
ATOM   79   C  CB  . LEU A 1 12  ? 3.979   -1.389  -13.910 1.00 45.10  ? 51  LEU A CB  1 
ATOM   80   C  CG  . LEU A 1 12  ? 4.260   -2.825  -13.445 1.00 49.62  ? 51  LEU A CG  1 
ATOM   81   C  CD1 . LEU A 1 12  ? 4.066   -3.807  -14.588 1.00 48.95  ? 51  LEU A CD1 1 
ATOM   82   C  CD2 . LEU A 1 12  ? 5.642   -2.962  -12.835 1.00 47.76  ? 51  LEU A CD2 1 
ATOM   83   N  N   . TRP A 1 13  ? 1.326   -0.758  -12.555 1.00 35.02  ? 52  TRP A N   1 
ATOM   84   C  CA  . TRP A 1 13  ? 0.226   -0.984  -11.589 1.00 32.32  ? 52  TRP A CA  1 
ATOM   85   C  C   . TRP A 1 13  ? -1.092  -1.204  -12.346 1.00 36.64  ? 52  TRP A C   1 
ATOM   86   O  O   . TRP A 1 13  ? -1.844  -2.101  -11.935 1.00 38.14  ? 52  TRP A O   1 
ATOM   87   C  CB  . TRP A 1 13  ? 0.098   0.181   -10.641 1.00 28.50  ? 52  TRP A CB  1 
ATOM   88   C  CG  . TRP A 1 13  ? 1.085   0.159   -9.531  1.00 27.90  ? 52  TRP A CG  1 
ATOM   89   C  CD1 . TRP A 1 13  ? 2.184   0.940   -9.397  1.00 27.38  ? 52  TRP A CD1 1 
ATOM   90   C  CD2 . TRP A 1 13  ? 1.008   -0.639  -8.338  1.00 28.35  ? 52  TRP A CD2 1 
ATOM   91   N  NE1 . TRP A 1 13  ? 2.818   0.669   -8.218  1.00 28.95  ? 52  TRP A NE1 1 
ATOM   92   C  CE2 . TRP A 1 13  ? 2.124   -0.301  -7.550  1.00 27.48  ? 52  TRP A CE2 1 
ATOM   93   C  CE3 . TRP A 1 13  ? 0.167   -1.669  -7.908  1.00 28.24  ? 52  TRP A CE3 1 
ATOM   94   C  CZ2 . TRP A 1 13  ? 2.379   -0.891  -6.317  1.00 28.02  ? 52  TRP A CZ2 1 
ATOM   95   C  CZ3 . TRP A 1 13  ? 0.400   -2.241  -6.680  1.00 29.34  ? 52  TRP A CZ3 1 
ATOM   96   C  CH2 . TRP A 1 13  ? 1.512   -1.874  -5.903  1.00 30.57  ? 52  TRP A CH2 1 
ATOM   97   N  N   . LEU A 1 14  ? -1.351  -0.457  -13.424 1.00 36.26  ? 53  LEU A N   1 
ATOM   98   C  CA  . LEU A 1 14  ? -2.665  -0.574  -14.138 1.00 41.63  ? 53  LEU A CA  1 
ATOM   99   C  C   . LEU A 1 14  ? -2.808  -1.949  -14.817 1.00 39.98  ? 53  LEU A C   1 
ATOM   100  O  O   . LEU A 1 14  ? -3.964  -2.458  -14.892 1.00 40.90  ? 53  LEU A O   1 
ATOM   101  C  CB  . LEU A 1 14  ? -2.838  0.575   -15.139 1.00 43.79  ? 53  LEU A CB  1 
ATOM   102  C  CG  . LEU A 1 14  ? -3.577  1.822   -14.627 1.00 50.33  ? 53  LEU A CG  1 
ATOM   103  C  CD1 . LEU A 1 14  ? -3.521  1.979   -13.113 1.00 59.17  ? 53  LEU A CD1 1 
ATOM   104  C  CD2 . LEU A 1 14  ? -3.051  3.074   -15.308 1.00 52.66  ? 53  LEU A CD2 1 
ATOM   105  N  N   . ARG A 1 15  ? -1.710  -2.531  -15.310 1.00 40.65  ? 54  ARG A N   1 
ATOM   106  C  CA  . ARG A 1 15  ? -1.744  -3.904  -15.870 1.00 46.30  ? 54  ARG A CA  1 
ATOM   107  C  C   . ARG A 1 15  ? -2.179  -4.864  -14.768 1.00 40.21  ? 54  ARG A C   1 
ATOM   108  O  O   . ARG A 1 15  ? -2.976  -5.763  -15.079 1.00 44.46  ? 54  ARG A O   1 
ATOM   109  C  CB  . ARG A 1 15  ? -0.390  -4.362  -16.410 1.00 55.20  ? 54  ARG A CB  1 
ATOM   110  C  CG  . ARG A 1 15  ? 0.282   -3.359  -17.338 1.00 65.04  ? 54  ARG A CG  1 
ATOM   111  C  CD  . ARG A 1 15  ? 0.282   -3.784  -18.782 1.00 69.95  ? 54  ARG A CD  1 
ATOM   112  N  NE  . ARG A 1 15  ? 1.121   -4.948  -19.014 1.00 70.33  ? 54  ARG A NE  1 
ATOM   113  C  CZ  . ARG A 1 15  ? 2.421   -4.910  -19.285 1.00 73.66  ? 54  ARG A CZ  1 
ATOM   114  N  NH1 . ARG A 1 15  ? 3.081   -3.761  -19.344 1.00 75.53  ? 54  ARG A NH1 1 
ATOM   115  N  NH2 . ARG A 1 15  ? 3.061   -6.040  -19.491 1.00 71.97  ? 54  ARG A NH2 1 
ATOM   116  N  N   . PHE A 1 16  ? -1.672  -4.699  -13.548 1.00 31.44  ? 55  PHE A N   1 
ATOM   117  C  CA  . PHE A 1 16  ? -2.056  -5.568  -12.398 1.00 32.56  ? 55  PHE A CA  1 
ATOM   118  C  C   . PHE A 1 16  ? -3.512  -5.335  -12.054 1.00 35.80  ? 55  PHE A C   1 
ATOM   119  O  O   . PHE A 1 16  ? -4.277  -6.303  -11.853 1.00 34.89  ? 55  PHE A O   1 
ATOM   120  C  CB  . PHE A 1 16  ? -1.184  -5.355  -11.171 1.00 33.02  ? 55  PHE A CB  1 
ATOM   121  C  CG  . PHE A 1 16  ? 0.152   -6.040  -11.270 1.00 33.47  ? 55  PHE A CG  1 
ATOM   122  C  CD1 . PHE A 1 16  ? 0.274   -7.376  -10.938 1.00 33.46  ? 55  PHE A CD1 1 
ATOM   123  C  CD2 . PHE A 1 16  ? 1.264   -5.382  -11.769 1.00 30.39  ? 55  PHE A CD2 1 
ATOM   124  C  CE1 . PHE A 1 16  ? 1.507   -8.014  -11.052 1.00 33.94  ? 55  PHE A CE1 1 
ATOM   125  C  CE2 . PHE A 1 16  ? 2.496   -6.006  -11.863 1.00 32.57  ? 55  PHE A CE2 1 
ATOM   126  C  CZ  . PHE A 1 16  ? 2.610   -7.329  -11.512 1.00 34.17  ? 55  PHE A CZ  1 
ATOM   127  N  N   . LYS A 1 17  ? -3.878  -4.047  -11.932 1.00 32.02  ? 56  LYS A N   1 
ATOM   128  C  CA  . LYS A 1 17  ? -5.270  -3.681  -11.595 1.00 32.68  ? 56  LYS A CA  1 
ATOM   129  C  C   . LYS A 1 17  ? -6.222  -4.250  -12.635 1.00 32.73  ? 56  LYS A C   1 
ATOM   130  O  O   . LYS A 1 17  ? -7.245  -4.757  -12.173 1.00 36.91  ? 56  LYS A O   1 
ATOM   131  C  CB  . LYS A 1 17  ? -5.465  -2.174  -11.371 1.00 35.26  ? 56  LYS A CB  1 
ATOM   132  C  CG  . LYS A 1 17  ? -6.896  -1.857  -10.964 1.00 38.19  ? 56  LYS A CG  1 
ATOM   133  C  CD  . LYS A 1 17  ? -7.100  -0.703  -10.049 1.00 45.89  ? 56  LYS A CD  1 
ATOM   134  C  CE  . LYS A 1 17  ? -8.574  -0.426  -9.845  1.00 41.13  ? 56  LYS A CE  1 
ATOM   135  N  NZ  . LYS A 1 17  ? -8.731  0.901   -9.214  1.00 46.39  ? 56  LYS A NZ  1 
ATOM   136  N  N   . GLU A 1 18  ? -5.931  -4.197  -13.947 1.00 36.35  ? 57  GLU A N   1 
ATOM   137  C  CA  . GLU A 1 18  ? -6.928  -4.660  -14.954 1.00 39.86  ? 57  GLU A CA  1 
ATOM   138  C  C   . GLU A 1 18  ? -7.169  -6.172  -14.779 1.00 39.70  ? 57  GLU A C   1 
ATOM   139  O  O   . GLU A 1 18  ? -8.291  -6.590  -15.095 1.00 42.83  ? 57  GLU A O   1 
ATOM   140  C  CB  . GLU A 1 18  ? -6.623  -4.162  -16.365 1.00 51.10  ? 57  GLU A CB  1 
ATOM   141  C  CG  . GLU A 1 18  ? -5.482  -4.814  -17.102 1.00 63.27  ? 57  GLU A CG  1 
ATOM   142  C  CD  . GLU A 1 18  ? -5.045  -3.979  -18.306 1.00 75.67  ? 57  GLU A CD  1 
ATOM   143  O  OE1 . GLU A 1 18  ? -5.762  -2.993  -18.631 1.00 75.00  ? 57  GLU A OE1 1 
ATOM   144  O  OE2 . GLU A 1 18  ? -3.984  -4.287  -18.909 1.00 60.25  ? 57  GLU A OE2 1 
ATOM   145  N  N   . LEU A 1 19  ? -6.271  -6.930  -14.128 1.00 40.82  ? 58  LEU A N   1 
ATOM   146  C  CA  . LEU A 1 19  ? -6.442  -8.402  -13.867 1.00 43.89  ? 58  LEU A CA  1 
ATOM   147  C  C   . LEU A 1 19  ? -7.058  -8.678  -12.505 1.00 38.69  ? 58  LEU A C   1 
ATOM   148  O  O   . LEU A 1 19  ? -7.282  -9.861  -12.217 1.00 39.49  ? 58  LEU A O   1 
ATOM   149  C  CB  . LEU A 1 19  ? -5.086  -9.117  -13.905 1.00 40.95  ? 58  LEU A CB  1 
ATOM   150  C  CG  . LEU A 1 19  ? -4.268  -8.905  -15.173 1.00 43.94  ? 58  LEU A CG  1 
ATOM   151  C  CD1 . LEU A 1 19  ? -2.886  -9.545  -15.020 1.00 48.75  ? 58  LEU A CD1 1 
ATOM   152  C  CD2 . LEU A 1 19  ? -4.980  -9.445  -16.406 1.00 43.65  ? 58  LEU A CD2 1 
ATOM   153  N  N   . THR A 1 20  ? -7.242  -7.653  -11.662 1.00 33.78  ? 59  THR A N   1 
ATOM   154  C  CA  . THR A 1 20  ? -7.441  -7.767  -10.191 1.00 30.66  ? 59  THR A CA  1 
ATOM   155  C  C   . THR A 1 20  ? -6.137  -8.163  -9.482  1.00 35.09  ? 59  THR A C   1 
ATOM   156  O  O   . THR A 1 20  ? -5.709  -9.361  -9.545  1.00 33.91  ? 59  THR A O   1 
ATOM   157  C  CB  . THR A 1 20  ? -8.575  -8.726  -9.802  1.00 34.24  ? 59  THR A CB  1 
ATOM   158  O  OG1 . THR A 1 20  ? -9.757  -8.410  -10.524 1.00 38.52  ? 59  THR A OG1 1 
ATOM   159  C  CG2 . THR A 1 20  ? -8.889  -8.715  -8.333  1.00 37.50  ? 59  THR A CG2 1 
ATOM   160  N  N   . ASN A 1 21  ? -5.509  -7.217  -8.790  1.00 32.53  ? 60  ASN A N   1 
ATOM   161  C  CA  . ASN A 1 21  ? -4.163  -7.431  -8.225  1.00 30.98  ? 60  ASN A CA  1 
ATOM   162  C  C   . ASN A 1 21  ? -4.323  -8.296  -6.969  1.00 33.24  ? 60  ASN A C   1 
ATOM   163  O  O   . ASN A 1 21  ? -5.355  -8.249  -6.310  1.00 32.73  ? 60  ASN A O   1 
ATOM   164  C  CB  . ASN A 1 21  ? -3.459  -6.092  -7.997  1.00 29.97  ? 60  ASN A CB  1 
ATOM   165  C  CG  . ASN A 1 21  ? -1.960  -6.214  -7.827  1.00 38.27  ? 60  ASN A CG  1 
ATOM   166  O  OD1 . ASN A 1 21  ? -1.402  -7.331  -7.815  1.00 34.84  ? 60  ASN A OD1 1 
ATOM   167  N  ND2 . ASN A 1 21  ? -1.304  -5.063  -7.715  1.00 32.22  ? 60  ASN A ND2 1 
ATOM   168  N  N   . GLU A 1 22  ? -3.303  -9.065  -6.639  1.00 30.33  ? 61  GLU A N   1 
ATOM   169  C  CA  . GLU A 1 22  ? -3.274  -9.890  -5.418  1.00 29.75  ? 61  GLU A CA  1 
ATOM   170  C  C   . GLU A 1 22  ? -1.925  -9.654  -4.765  1.00 31.01  ? 61  GLU A C   1 
ATOM   171  O  O   . GLU A 1 22  ? -0.935  -9.553  -5.552  1.00 37.29  ? 61  GLU A O   1 
ATOM   172  C  CB  . GLU A 1 22  ? -3.412  -11.374 -5.802  1.00 33.85  ? 61  GLU A CB  1 
ATOM   173  C  CG  . GLU A 1 22  ? -4.590  -11.728 -6.682  1.00 34.10  ? 61  GLU A CG  1 
ATOM   174  C  CD  . GLU A 1 22  ? -4.697  -13.225 -7.018  1.00 34.94  ? 61  GLU A CD  1 
ATOM   175  O  OE1 . GLU A 1 22  ? -5.315  -13.549 -8.017  1.00 34.47  ? 61  GLU A OE1 1 
ATOM   176  O  OE2 . GLU A 1 22  ? -4.232  -14.036 -6.236  1.00 40.86  ? 61  GLU A OE2 1 
ATOM   177  N  N   . MET A 1 23  ? -1.850  -9.621  -3.446  1.00 29.02  ? 62  MET A N   1 
ATOM   178  C  CA  . MET A 1 23  ? -0.599  -9.514  -2.681  1.00 32.77  ? 62  MET A CA  1 
ATOM   179  C  C   . MET A 1 23  ? -0.567  -10.650 -1.671  1.00 37.00  ? 62  MET A C   1 
ATOM   180  O  O   . MET A 1 23  ? -1.548  -10.829 -0.969  1.00 33.15  ? 62  MET A O   1 
ATOM   181  C  CB  . MET A 1 23  ? -0.454  -8.191  -1.906  1.00 33.74  ? 62  MET A CB  1 
ATOM   182  C  CG  . MET A 1 23  ? -0.283  -7.012  -2.790  1.00 36.25  ? 62  MET A CG  1 
ATOM   183  S  SD  . MET A 1 23  ? 1.362   -6.876  -3.596  1.00 34.05  ? 62  MET A SD  1 
ATOM   184  C  CE  . MET A 1 23  ? 0.954   -5.489  -4.652  1.00 36.93  ? 62  MET A CE  1 
ATOM   185  N  N   . ILE A 1 24  ? 0.558   -11.372 -1.593  1.00 34.61  ? 63  ILE A N   1 
ATOM   186  C  CA  . ILE A 1 24  ? 0.696   -12.471 -0.603  1.00 35.37  ? 63  ILE A CA  1 
ATOM   187  C  C   . ILE A 1 24  ? 0.916   -11.913 0.788   1.00 37.02  ? 63  ILE A C   1 
ATOM   188  O  O   . ILE A 1 24  ? 1.730   -10.975 0.947   1.00 40.20  ? 63  ILE A O   1 
ATOM   189  C  CB  . ILE A 1 24  ? 1.878   -13.397 -0.940  1.00 40.93  ? 63  ILE A CB  1 
ATOM   190  C  CG1 . ILE A 1 24  ? 1.812   -13.866 -2.382  1.00 46.53  ? 63  ILE A CG1 1 
ATOM   191  C  CG2 . ILE A 1 24  ? 1.893   -14.543 0.082   1.00 42.78  ? 63  ILE A CG2 1 
ATOM   192  C  CD1 . ILE A 1 24  ? 0.898   -15.008 -2.580  1.00 46.92  ? 63  ILE A CD1 1 
ATOM   193  N  N   . VAL A 1 25  ? 0.258   -12.531 1.756   1.00 37.94  ? 64  VAL A N   1 
ATOM   194  C  CA  . VAL A 1 25  ? 0.501   -12.316 3.203   1.00 43.91  ? 64  VAL A CA  1 
ATOM   195  C  C   . VAL A 1 25  ? 0.961   -13.662 3.767   1.00 44.89  ? 64  VAL A C   1 
ATOM   196  O  O   . VAL A 1 25  ? 0.601   -14.671 3.182   1.00 47.05  ? 64  VAL A O   1 
ATOM   197  C  CB  . VAL A 1 25  ? -0.766  -11.757 3.855   1.00 42.74  ? 64  VAL A CB  1 
ATOM   198  C  CG1 . VAL A 1 25  ? -1.138  -10.451 3.179   1.00 46.24  ? 64  VAL A CG1 1 
ATOM   199  C  CG2 . VAL A 1 25  ? -1.928  -12.732 3.781   1.00 47.47  ? 64  VAL A CG2 1 
ATOM   200  N  N   . THR A 1 26  ? 1.828   -13.637 4.771   1.00 48.01  ? 65  THR A N   1 
ATOM   201  C  CA  . THR A 1 26  ? 2.466   -14.838 5.381   1.00 49.12  ? 65  THR A CA  1 
ATOM   202  C  C   . THR A 1 26  ? 2.527   -14.552 6.868   1.00 57.88  ? 65  THR A C   1 
ATOM   203  O  O   . THR A 1 26  ? 2.328   -13.373 7.226   1.00 49.62  ? 65  THR A O   1 
ATOM   204  C  CB  . THR A 1 26  ? 3.889   -15.119 4.863   1.00 41.62  ? 65  THR A CB  1 
ATOM   205  O  OG1 . THR A 1 26  ? 4.774   -14.097 5.320   1.00 46.41  ? 65  THR A OG1 1 
ATOM   206  C  CG2 . THR A 1 26  ? 3.960   -15.260 3.361   1.00 42.21  ? 65  THR A CG2 1 
ATOM   207  N  N   . LYS A 1 27  ? 2.820   -15.549 7.699   1.00 56.12  ? 66  LYS A N   1 
ATOM   208  C  CA  . LYS A 1 27  ? 2.878   -15.321 9.163   1.00 61.46  ? 66  LYS A CA  1 
ATOM   209  C  C   . LYS A 1 27  ? 4.025   -14.349 9.460   1.00 56.70  ? 66  LYS A C   1 
ATOM   210  O  O   . LYS A 1 27  ? 3.832   -13.491 10.341  1.00 57.27  ? 66  LYS A O   1 
ATOM   211  C  CB  . LYS A 1 27  ? 3.019   -16.635 9.941   1.00 72.90  ? 66  LYS A CB  1 
ATOM   212  C  CG  . LYS A 1 27  ? 3.233   -16.465 11.440  1.00 78.12  ? 66  LYS A CG  1 
ATOM   213  C  CD  . LYS A 1 27  ? 2.781   -17.654 12.269  1.00 94.67  ? 66  LYS A CD  1 
ATOM   214  C  CE  . LYS A 1 27  ? 3.430   -17.674 13.636  1.00 100.02 ? 66  LYS A CE  1 
ATOM   215  N  NZ  . LYS A 1 27  ? 4.859   -18.052 13.536  1.00 109.06 ? 66  LYS A NZ  1 
ATOM   216  N  N   . ASN A 1 28  ? 5.148   -14.458 8.738   1.00 60.60  ? 67  ASN A N   1 
ATOM   217  C  CA  . ASN A 1 28  ? 6.387   -13.670 8.998   1.00 63.78  ? 67  ASN A CA  1 
ATOM   218  C  C   . ASN A 1 28  ? 6.334   -12.341 8.228   1.00 58.16  ? 67  ASN A C   1 
ATOM   219  O  O   . ASN A 1 28  ? 6.985   -11.351 8.654   1.00 46.05  ? 67  ASN A O   1 
ATOM   220  C  CB  . ASN A 1 28  ? 7.645   -14.483 8.684   1.00 70.77  ? 67  ASN A CB  1 
ATOM   221  C  CG  . ASN A 1 28  ? 8.268   -15.091 9.924   1.00 78.10  ? 67  ASN A CG  1 
ATOM   222  O  OD1 . ASN A 1 28  ? 7.577   -15.712 10.734  1.00 68.76  ? 67  ASN A OD1 1 
ATOM   223  N  ND2 . ASN A 1 28  ? 9.571   -14.909 10.082  1.00 83.25  ? 67  ASN A ND2 1 
ATOM   224  N  N   . GLY A 1 29  ? 5.551   -12.298 7.153   1.00 56.85  ? 68  GLY A N   1 
ATOM   225  C  CA  . GLY A 1 29  ? 5.338   -11.057 6.387   1.00 46.68  ? 68  GLY A CA  1 
ATOM   226  C  C   . GLY A 1 29  ? 6.091   -11.109 5.090   1.00 48.73  ? 68  GLY A C   1 
ATOM   227  O  O   . GLY A 1 29  ? 7.232   -11.626 5.074   1.00 53.55  ? 68  GLY A O   1 
ATOM   228  N  N   . ARG A 1 30  ? 5.443   -10.657 4.031   1.00 39.53  ? 69  ARG A N   1 
ATOM   229  C  CA  . ARG A 1 30  ? 5.934   -10.732 2.643   1.00 42.95  ? 69  ARG A CA  1 
ATOM   230  C  C   . ARG A 1 30  ? 5.990   -9.315  2.105   1.00 41.07  ? 69  ARG A C   1 
ATOM   231  O  O   . ARG A 1 30  ? 4.997   -8.584  2.259   1.00 39.97  ? 69  ARG A O   1 
ATOM   232  C  CB  . ARG A 1 30  ? 5.010   -11.613 1.800   1.00 41.46  ? 69  ARG A CB  1 
ATOM   233  C  CG  . ARG A 1 30  ? 5.454   -11.790 0.361   1.00 46.00  ? 69  ARG A CG  1 
ATOM   234  C  CD  . ARG A 1 30  ? 6.763   -12.582 0.279   1.00 47.55  ? 69  ARG A CD  1 
ATOM   235  N  NE  . ARG A 1 30  ? 6.575   -13.928 0.803   1.00 53.34  ? 69  ARG A NE  1 
ATOM   236  C  CZ  . ARG A 1 30  ? 6.080   -14.944 0.101   1.00 56.65  ? 69  ARG A CZ  1 
ATOM   237  N  NH1 . ARG A 1 30  ? 5.938   -16.128 0.671   1.00 60.50  ? 69  ARG A NH1 1 
ATOM   238  N  NH2 . ARG A 1 30  ? 5.730   -14.778 -1.165  1.00 56.92  ? 69  ARG A NH2 1 
ATOM   239  N  N   . ARG A 1 31  ? 7.095   -8.955  1.467   1.00 38.83  ? 70  ARG A N   1 
ATOM   240  C  CA  . ARG A 1 31  ? 7.215   -7.671  0.746   1.00 42.26  ? 70  ARG A CA  1 
ATOM   241  C  C   . ARG A 1 31  ? 6.303   -7.688  -0.486  1.00 35.11  ? 70  ARG A C   1 
ATOM   242  O  O   . ARG A 1 31  ? 5.919   -8.756  -1.020  1.00 35.06  ? 70  ARG A O   1 
ATOM   243  C  CB  . ARG A 1 31  ? 8.673   -7.338  0.411   1.00 45.83  ? 70  ARG A CB  1 
ATOM   244  C  CG  . ARG A 1 31  ? 9.411   -6.723  1.589   1.00 56.61  ? 70  ARG A CG  1 
ATOM   245  C  CD  . ARG A 1 31  ? 10.734  -7.392  1.906   1.00 74.38  ? 70  ARG A CD  1 
ATOM   246  N  NE  . ARG A 1 31  ? 11.903  -6.832  1.233   1.00 83.58  ? 70  ARG A NE  1 
ATOM   247  C  CZ  . ARG A 1 31  ? 13.126  -7.387  1.251   1.00 98.39  ? 70  ARG A CZ  1 
ATOM   248  N  NH1 . ARG A 1 31  ? 13.337  -8.529  1.897   1.00 98.34  ? 70  ARG A NH1 1 
ATOM   249  N  NH2 . ARG A 1 31  ? 14.134  -6.796  0.623   1.00 92.80  ? 70  ARG A NH2 1 
ATOM   250  N  N   . MET A 1 32  ? 5.892   -6.487  -0.852  1.00 33.78  ? 71  MET A N   1 
ATOM   251  C  CA  . MET A 1 32  ? 4.998   -6.164  -1.974  1.00 32.22  ? 71  MET A CA  1 
ATOM   252  C  C   . MET A 1 32  ? 5.778   -6.157  -3.284  1.00 32.14  ? 71  MET A C   1 
ATOM   253  O  O   . MET A 1 32  ? 6.906   -5.600  -3.331  1.00 33.11  ? 71  MET A O   1 
ATOM   254  C  CB  . MET A 1 32  ? 4.401   -4.755  -1.763  1.00 32.79  ? 71  MET A CB  1 
ATOM   255  C  CG  . MET A 1 32  ? 3.459   -4.715  -0.568  1.00 34.96  ? 71  MET A CG  1 
ATOM   256  S  SD  . MET A 1 32  ? 2.729   -3.070  -0.337  1.00 32.59  ? 71  MET A SD  1 
ATOM   257  C  CE  . MET A 1 32  ? 1.786   -2.893  -1.838  1.00 35.42  ? 71  MET A CE  1 
ATOM   258  N  N   . PHE A 1 33  ? 5.143   -6.670  -4.328  1.00 32.89  ? 72  PHE A N   1 
ATOM   259  C  CA  . PHE A 1 33  ? 5.508   -6.416  -5.742  1.00 32.99  ? 72  PHE A CA  1 
ATOM   260  C  C   . PHE A 1 33  ? 4.216   -6.222  -6.512  1.00 34.15  ? 72  PHE A C   1 
ATOM   261  O  O   . PHE A 1 33  ? 3.339   -7.088  -6.469  1.00 39.01  ? 72  PHE A O   1 
ATOM   262  C  CB  . PHE A 1 33  ? 6.283   -7.576  -6.406  1.00 35.55  ? 72  PHE A CB  1 
ATOM   263  C  CG  . PHE A 1 33  ? 6.764   -7.184  -7.792  1.00 37.17  ? 72  PHE A CG  1 
ATOM   264  C  CD1 . PHE A 1 33  ? 7.893   -6.382  -7.934  1.00 37.27  ? 72  PHE A CD1 1 
ATOM   265  C  CD2 . PHE A 1 33  ? 5.993   -7.429  -8.921  1.00 38.15  ? 72  PHE A CD2 1 
ATOM   266  C  CE1 . PHE A 1 33  ? 8.274   -5.900  -9.187  1.00 36.54  ? 72  PHE A CE1 1 
ATOM   267  C  CE2 . PHE A 1 33  ? 6.375   -6.961  -10.181 1.00 40.20  ? 72  PHE A CE2 1 
ATOM   268  C  CZ  . PHE A 1 33  ? 7.531   -6.211  -10.308 1.00 37.55  ? 72  PHE A CZ  1 
ATOM   269  N  N   . PRO A 1 34  ? 4.069   -5.134  -7.276  1.00 32.50  ? 73  PRO A N   1 
ATOM   270  C  CA  . PRO A 1 34  ? 5.036   -4.040  -7.284  1.00 35.04  ? 73  PRO A CA  1 
ATOM   271  C  C   . PRO A 1 34  ? 5.125   -3.296  -5.944  1.00 31.07  ? 73  PRO A C   1 
ATOM   272  O  O   . PRO A 1 34  ? 4.300   -3.443  -5.084  1.00 32.76  ? 73  PRO A O   1 
ATOM   273  C  CB  . PRO A 1 34  ? 4.593   -3.113  -8.411  1.00 38.47  ? 73  PRO A CB  1 
ATOM   274  C  CG  . PRO A 1 34  ? 3.545   -3.880  -9.165  1.00 37.13  ? 73  PRO A CG  1 
ATOM   275  C  CD  . PRO A 1 34  ? 2.987   -4.927  -8.238  1.00 35.35  ? 73  PRO A CD  1 
ATOM   276  N  N   . VAL A 1 35  ? 6.242   -2.621  -5.776  1.00 33.52  ? 74  VAL A N   1 
ATOM   277  C  CA  . VAL A 1 35  ? 6.523   -1.707  -4.654  1.00 32.71  ? 74  VAL A CA  1 
ATOM   278  C  C   . VAL A 1 35  ? 5.769   -0.399  -4.933  1.00 29.09  ? 74  VAL A C   1 
ATOM   279  O  O   . VAL A 1 35  ? 5.849   0.157   -6.037  1.00 32.25  ? 74  VAL A O   1 
ATOM   280  C  CB  . VAL A 1 35  ? 8.034   -1.459  -4.531  1.00 37.56  ? 74  VAL A CB  1 
ATOM   281  C  CG1 . VAL A 1 35  ? 8.330   -0.404  -3.482  1.00 36.83  ? 74  VAL A CG1 1 
ATOM   282  C  CG2 . VAL A 1 35  ? 8.813   -2.754  -4.268  1.00 41.15  ? 74  VAL A CG2 1 
ATOM   283  N  N   . LEU A 1 36  ? 5.146   0.116   -3.916  1.00 31.46  ? 75  LEU A N   1 
ATOM   284  C  CA  . LEU A 1 36  ? 4.580   1.477   -4.004  1.00 31.86  ? 75  LEU A CA  1 
ATOM   285  C  C   . LEU A 1 36  ? 5.733   2.483   -3.991  1.00 31.32  ? 75  LEU A C   1 
ATOM   286  O  O   . LEU A 1 36  ? 6.465   2.573   -2.964  1.00 30.34  ? 75  LEU A O   1 
ATOM   287  C  CB  . LEU A 1 36  ? 3.647   1.694   -2.835  1.00 33.04  ? 75  LEU A CB  1 
ATOM   288  C  CG  . LEU A 1 36  ? 2.957   3.053   -2.832  1.00 36.93  ? 75  LEU A CG  1 
ATOM   289  C  CD1 . LEU A 1 36  ? 1.985   3.144   -3.977  1.00 42.24  ? 75  LEU A CD1 1 
ATOM   290  C  CD2 . LEU A 1 36  ? 2.232   3.254   -1.522  1.00 40.36  ? 75  LEU A CD2 1 
ATOM   291  N  N   . LYS A 1 37  ? 5.849   3.248   -5.060  1.00 31.66  ? 76  LYS A N   1 
ATOM   292  C  CA  . LYS A 1 37  ? 6.848   4.359   -5.166  1.00 33.98  ? 76  LYS A CA  1 
ATOM   293  C  C   . LYS A 1 37  ? 6.086   5.638   -5.500  1.00 37.49  ? 76  LYS A C   1 
ATOM   294  O  O   . LYS A 1 37  ? 5.231   5.584   -6.442  1.00 37.34  ? 76  LYS A O   1 
ATOM   295  C  CB  . LYS A 1 37  ? 7.877   4.024   -6.244  1.00 39.05  ? 76  LYS A CB  1 
ATOM   296  C  CG  . LYS A 1 37  ? 8.589   2.703   -5.993  1.00 40.02  ? 76  LYS A CG  1 
ATOM   297  C  CD  . LYS A 1 37  ? 9.500   2.307   -7.102  1.00 46.04  ? 76  LYS A CD  1 
ATOM   298  C  CE  . LYS A 1 37  ? 10.065  0.925   -6.859  1.00 52.37  ? 76  LYS A CE  1 
ATOM   299  N  NZ  . LYS A 1 37  ? 11.282  0.709   -7.671  1.00 60.59  ? 76  LYS A NZ  1 
ATOM   300  N  N   . VAL A 1 38  ? 6.312   6.709   -4.739  1.00 37.99  ? 77  VAL A N   1 
ATOM   301  C  CA  . VAL A 1 38  ? 5.488   7.941   -4.846  1.00 40.95  ? 77  VAL A CA  1 
ATOM   302  C  C   . VAL A 1 38  ? 6.409   9.104   -5.214  1.00 41.75  ? 77  VAL A C   1 
ATOM   303  O  O   . VAL A 1 38  ? 7.431   9.273   -4.580  1.00 36.01  ? 77  VAL A O   1 
ATOM   304  C  CB  . VAL A 1 38  ? 4.700   8.212   -3.559  1.00 45.46  ? 77  VAL A CB  1 
ATOM   305  C  CG1 . VAL A 1 38  ? 3.950   6.975   -3.095  1.00 50.90  ? 77  VAL A CG1 1 
ATOM   306  C  CG2 . VAL A 1 38  ? 5.588   8.714   -2.459  1.00 53.47  ? 77  VAL A CG2 1 
ATOM   307  N  N   . ASN A 1 39  ? 6.005   9.900   -6.191  1.00 41.17  ? 78  ASN A N   1 
ATOM   308  C  CA  . ASN A 1 39  ? 6.673   11.159  -6.552  1.00 43.26  ? 78  ASN A CA  1 
ATOM   309  C  C   . ASN A 1 39  ? 6.028   12.253  -5.717  1.00 40.90  ? 78  ASN A C   1 
ATOM   310  O  O   . ASN A 1 39  ? 4.774   12.316  -5.657  1.00 39.44  ? 78  ASN A O   1 
ATOM   311  C  CB  . ASN A 1 39  ? 6.615   11.358  -8.068  1.00 49.12  ? 78  ASN A CB  1 
ATOM   312  C  CG  . ASN A 1 39  ? 7.416   10.290  -8.771  1.00 57.17  ? 78  ASN A CG  1 
ATOM   313  O  OD1 . ASN A 1 39  ? 8.578   10.063  -8.437  1.00 54.27  ? 78  ASN A OD1 1 
ATOM   314  N  ND2 . ASN A 1 39  ? 6.795   9.602   -9.716  1.00 62.43  ? 78  ASN A ND2 1 
ATOM   315  N  N   . VAL A 1 40  ? 6.852   13.038  -5.026  1.00 40.89  ? 79  VAL A N   1 
ATOM   316  C  CA  . VAL A 1 40  ? 6.357   14.154  -4.185  1.00 42.53  ? 79  VAL A CA  1 
ATOM   317  C  C   . VAL A 1 40  ? 7.128   15.411  -4.569  1.00 46.66  ? 79  VAL A C   1 
ATOM   318  O  O   . VAL A 1 40  ? 8.370   15.347  -4.682  1.00 49.02  ? 79  VAL A O   1 
ATOM   319  C  CB  . VAL A 1 40  ? 6.506   13.845  -2.694  1.00 44.48  ? 79  VAL A CB  1 
ATOM   320  C  CG1 . VAL A 1 40  ? 6.046   15.013  -1.862  1.00 43.84  ? 79  VAL A CG1 1 
ATOM   321  C  CG2 . VAL A 1 40  ? 5.726   12.591  -2.322  1.00 45.35  ? 79  VAL A CG2 1 
ATOM   322  N  N   . SER A 1 41  ? 6.379   16.477  -4.821  1.00 44.76  ? 80  SER A N   1 
ATOM   323  C  CA  . SER A 1 41  ? 6.896   17.841  -5.060  1.00 44.60  ? 80  SER A CA  1 
ATOM   324  C  C   . SER A 1 41  ? 6.119   18.797  -4.163  1.00 38.46  ? 80  SER A C   1 
ATOM   325  O  O   . SER A 1 41  ? 5.021   18.445  -3.694  1.00 45.06  ? 80  SER A O   1 
ATOM   326  C  CB  . SER A 1 41  ? 6.788   18.214  -6.526  1.00 49.19  ? 80  SER A CB  1 
ATOM   327  O  OG  . SER A 1 41  ? 5.441   18.197  -6.977  1.00 47.96  ? 80  SER A OG  1 
ATOM   328  N  N   . GLY A 1 42  ? 6.667   19.981  -3.922  1.00 49.66  ? 81  GLY A N   1 
ATOM   329  C  CA  . GLY A 1 42  ? 5.913   21.042  -3.235  1.00 40.25  ? 81  GLY A CA  1 
ATOM   330  C  C   . GLY A 1 42  ? 6.088   20.987  -1.735  1.00 43.37  ? 81  GLY A C   1 
ATOM   331  O  O   . GLY A 1 42  ? 5.447   21.777  -1.052  1.00 44.37  ? 81  GLY A O   1 
ATOM   332  N  N   . LEU A 1 43  ? 6.934   20.098  -1.204  1.00 43.94  ? 82  LEU A N   1 
ATOM   333  C  CA  . LEU A 1 43  ? 7.303   20.181  0.231   1.00 42.47  ? 82  LEU A CA  1 
ATOM   334  C  C   . LEU A 1 43  ? 8.230   21.395  0.411   1.00 42.10  ? 82  LEU A C   1 
ATOM   335  O  O   . LEU A 1 43  ? 8.842   21.840  -0.581  1.00 43.61  ? 82  LEU A O   1 
ATOM   336  C  CB  . LEU A 1 43  ? 8.015   18.903  0.680   1.00 43.90  ? 82  LEU A CB  1 
ATOM   337  C  CG  . LEU A 1 43  ? 7.164   17.634  0.643   1.00 44.53  ? 82  LEU A CG  1 
ATOM   338  C  CD1 . LEU A 1 43  ? 7.980   16.427  1.097   1.00 47.31  ? 82  LEU A CD1 1 
ATOM   339  C  CD2 . LEU A 1 43  ? 5.924   17.804  1.498   1.00 46.04  ? 82  LEU A CD2 1 
ATOM   340  N  N   . ASP A 1 44  ? 8.307   21.896  1.641   1.00 49.17  ? 83  ASP A N   1 
ATOM   341  C  CA  . ASP A 1 44  ? 9.341   22.864  2.082   1.00 47.50  ? 83  ASP A CA  1 
ATOM   342  C  C   . ASP A 1 44  ? 10.636  22.073  2.250   1.00 47.58  ? 83  ASP A C   1 
ATOM   343  O  O   . ASP A 1 44  ? 10.724  21.191  3.096   1.00 45.54  ? 83  ASP A O   1 
ATOM   344  C  CB  . ASP A 1 44  ? 8.837   23.591  3.325   1.00 53.96  ? 83  ASP A CB  1 
ATOM   345  C  CG  . ASP A 1 44  ? 9.804   24.605  3.910   1.00 56.39  ? 83  ASP A CG  1 
ATOM   346  O  OD1 . ASP A 1 44  ? 11.033  24.392  3.823   1.00 53.80  ? 83  ASP A OD1 1 
ATOM   347  O  OD2 . ASP A 1 44  ? 9.307   25.566  4.482   1.00 54.61  ? 83  ASP A OD2 1 
ATOM   348  N  N   . PRO A 1 45  ? 11.651  22.303  1.397   1.00 45.29  ? 84  PRO A N   1 
ATOM   349  C  CA  . PRO A 1 45  ? 12.869  21.504  1.414   1.00 43.58  ? 84  PRO A CA  1 
ATOM   350  C  C   . PRO A 1 45  ? 13.462  21.429  2.824   1.00 45.62  ? 84  PRO A C   1 
ATOM   351  O  O   . PRO A 1 45  ? 14.044  20.426  3.176   1.00 45.59  ? 84  PRO A O   1 
ATOM   352  C  CB  . PRO A 1 45  ? 13.818  22.253  0.463   1.00 47.72  ? 84  PRO A CB  1 
ATOM   353  C  CG  . PRO A 1 45  ? 12.925  23.067  -0.432  1.00 49.17  ? 84  PRO A CG  1 
ATOM   354  C  CD  . PRO A 1 45  ? 11.675  23.357  0.369   1.00 49.25  ? 84  PRO A CD  1 
ATOM   355  N  N   . ASN A 1 46  ? 13.228  22.481  3.608   1.00 52.27  ? 85  ASN A N   1 
ATOM   356  C  CA  . ASN A 1 46  ? 13.830  22.731  4.945   1.00 48.89  ? 85  ASN A CA  1 
ATOM   357  C  C   . ASN A 1 46  ? 12.973  22.213  6.101   1.00 46.21  ? 85  ASN A C   1 
ATOM   358  O  O   . ASN A 1 46  ? 13.498  22.094  7.228   1.00 47.18  ? 85  ASN A O   1 
ATOM   359  C  CB  . ASN A 1 46  ? 14.109  24.225  5.107   1.00 53.16  ? 85  ASN A CB  1 
ATOM   360  C  CG  . ASN A 1 46  ? 15.184  24.633  4.135   1.00 52.39  ? 85  ASN A CG  1 
ATOM   361  O  OD1 . ASN A 1 46  ? 16.240  24.017  4.130   1.00 54.83  ? 85  ASN A OD1 1 
ATOM   362  N  ND2 . ASN A 1 46  ? 14.914  25.627  3.303   1.00 60.71  ? 85  ASN A ND2 1 
ATOM   363  N  N   . ALA A 1 47  ? 11.694  21.927  5.838   0.66 45.45  ? 86  ALA A N   1 
ATOM   364  C  CA  . ALA A 1 47  ? 10.733  21.396  6.831   0.66 44.32  ? 86  ALA A CA  1 
ATOM   365  C  C   . ALA A 1 47  ? 10.985  19.899  7.027   0.66 42.72  ? 86  ALA A C   1 
ATOM   366  O  O   . ALA A 1 47  ? 11.632  19.262  6.167   0.66 43.33  ? 86  ALA A O   1 
ATOM   367  C  CB  . ALA A 1 47  ? 9.311   21.682  6.411   0.66 45.41  ? 86  ALA A CB  1 
ATOM   368  N  N   . MET A 1 48  ? 10.512  19.373  8.153   0.66 44.68  ? 87  MET A N   1 
ATOM   369  C  CA  . MET A 1 48  ? 10.702  17.965  8.581   0.66 43.15  ? 87  MET A CA  1 
ATOM   370  C  C   . MET A 1 48  ? 9.395   17.213  8.312   0.66 39.35  ? 87  MET A C   1 
ATOM   371  O  O   . MET A 1 48  ? 8.342   17.792  8.579   0.66 38.71  ? 87  MET A O   1 
ATOM   372  C  CB  . MET A 1 48  ? 11.035  17.919  10.076  0.66 48.44  ? 87  MET A CB  1 
ATOM   373  C  CG  . MET A 1 48  ? 12.208  18.819  10.473  0.66 55.18  ? 87  MET A CG  1 
ATOM   374  S  SD  . MET A 1 48  ? 13.730  17.909  10.822  0.66 59.97  ? 87  MET A SD  1 
ATOM   375  C  CE  . MET A 1 48  ? 13.550  16.602  9.609   0.66 48.79  ? 87  MET A CE  1 
ATOM   376  N  N   . TYR A 1 49  ? 9.478   16.000  7.760   1.00 38.18  ? 88  TYR A N   1 
ATOM   377  C  CA  . TYR A 1 49  ? 8.289   15.181  7.419   1.00 37.80  ? 88  TYR A CA  1 
ATOM   378  C  C   . TYR A 1 49  ? 8.560   13.707  7.697   1.00 35.10  ? 88  TYR A C   1 
ATOM   379  O  O   . TYR A 1 49  ? 9.701   13.236  7.602   1.00 34.74  ? 88  TYR A O   1 
ATOM   380  C  CB  . TYR A 1 49  ? 7.938   15.295  5.935   1.00 34.40  ? 88  TYR A CB  1 
ATOM   381  C  CG  . TYR A 1 49  ? 7.668   16.686  5.428   1.00 41.95  ? 88  TYR A CG  1 
ATOM   382  C  CD1 . TYR A 1 49  ? 6.384   17.225  5.424   1.00 41.90  ? 88  TYR A CD1 1 
ATOM   383  C  CD2 . TYR A 1 49  ? 8.697   17.472  4.941   1.00 40.20  ? 88  TYR A CD2 1 
ATOM   384  C  CE1 . TYR A 1 49  ? 6.140   18.515  4.985   1.00 43.57  ? 88  TYR A CE1 1 
ATOM   385  C  CE2 . TYR A 1 49  ? 8.467   18.764  4.486   1.00 43.56  ? 88  TYR A CE2 1 
ATOM   386  C  CZ  . TYR A 1 49  ? 7.188   19.291  4.513   1.00 44.27  ? 88  TYR A CZ  1 
ATOM   387  O  OH  . TYR A 1 49  ? 6.971   20.548  4.037   1.00 43.08  ? 88  TYR A OH  1 
ATOM   388  N  N   . SER A 1 50  ? 7.503   12.978  8.064   0.66 34.56  ? 89  SER A N   1 
ATOM   389  C  CA  . SER A 1 50  ? 7.486   11.498  8.110   0.66 33.79  ? 89  SER A CA  1 
ATOM   390  C  C   . SER A 1 50  ? 6.496   10.982  7.063   0.66 35.56  ? 89  SER A C   1 
ATOM   391  O  O   . SER A 1 50  ? 5.461   11.646  6.857   0.66 34.50  ? 89  SER A O   1 
ATOM   392  C  CB  . SER A 1 50  ? 7.167   11.007  9.485   0.66 35.34  ? 89  SER A CB  1 
ATOM   393  O  OG  . SER A 1 50  ? 8.186   11.415  10.383  0.66 38.14  ? 89  SER A OG  1 
ATOM   394  N  N   . PHE A 1 51  ? 6.842   9.886   6.385   1.00 31.33  ? 90  PHE A N   1 
ATOM   395  C  CA  . PHE A 1 51  ? 5.958   9.258   5.377   1.00 31.83  ? 90  PHE A CA  1 
ATOM   396  C  C   . PHE A 1 51  ? 5.404   8.005   6.005   1.00 36.54  ? 90  PHE A C   1 
ATOM   397  O  O   . PHE A 1 51  ? 6.190   7.096   6.481   1.00 32.51  ? 90  PHE A O   1 
ATOM   398  C  CB  . PHE A 1 51  ? 6.641   8.979   4.059   1.00 33.34  ? 90  PHE A CB  1 
ATOM   399  C  CG  . PHE A 1 51  ? 6.647   10.171  3.154   1.00 33.74  ? 90  PHE A CG  1 
ATOM   400  C  CD1 . PHE A 1 51  ? 6.051   10.099  1.910   1.00 35.20  ? 90  PHE A CD1 1 
ATOM   401  C  CD2 . PHE A 1 51  ? 7.223   11.366  3.549   1.00 33.26  ? 90  PHE A CD2 1 
ATOM   402  C  CE1 . PHE A 1 51  ? 6.132   11.166  1.040   1.00 37.07  ? 90  PHE A CE1 1 
ATOM   403  C  CE2 . PHE A 1 51  ? 7.273   12.440  2.687   1.00 38.02  ? 90  PHE A CE2 1 
ATOM   404  C  CZ  . PHE A 1 51  ? 6.692   12.352  1.454   1.00 36.83  ? 90  PHE A CZ  1 
ATOM   405  N  N   . LEU A 1 52  ? 4.070   7.925   6.024   0.66 34.38  ? 91  LEU A N   1 
ATOM   406  C  CA  . LEU A 1 52  ? 3.295   6.825   6.650   0.66 32.54  ? 91  LEU A CA  1 
ATOM   407  C  C   . LEU A 1 52  ? 2.517   6.103   5.550   0.66 32.43  ? 91  LEU A C   1 
ATOM   408  O  O   . LEU A 1 52  ? 2.073   6.779   4.590   0.66 31.63  ? 91  LEU A O   1 
ATOM   409  C  CB  . LEU A 1 52  ? 2.340   7.413   7.690   0.66 34.89  ? 91  LEU A CB  1 
ATOM   410  C  CG  . LEU A 1 52  ? 2.867   7.558   9.116   0.66 38.86  ? 91  LEU A CG  1 
ATOM   411  C  CD1 . LEU A 1 52  ? 4.203   8.273   9.150   0.66 40.47  ? 91  LEU A CD1 1 
ATOM   412  C  CD2 . LEU A 1 52  ? 1.847   8.289   9.979   0.66 38.25  ? 91  LEU A CD2 1 
ATOM   413  N  N   . LEU A 1 53  ? 2.353   4.788   5.690   1.00 29.89  ? 92  LEU A N   1 
ATOM   414  C  CA  . LEU A 1 53  ? 1.617   3.962   4.723   1.00 29.71  ? 92  LEU A CA  1 
ATOM   415  C  C   . LEU A 1 53  ? 0.584   3.164   5.516   1.00 30.70  ? 92  LEU A C   1 
ATOM   416  O  O   . LEU A 1 53  ? 0.918   2.586   6.556   1.00 31.38  ? 92  LEU A O   1 
ATOM   417  C  CB  . LEU A 1 53  ? 2.610   3.053   3.995   1.00 30.76  ? 92  LEU A CB  1 
ATOM   418  C  CG  . LEU A 1 53  ? 1.964   1.948   3.174   1.00 29.75  ? 92  LEU A CG  1 
ATOM   419  C  CD1 . LEU A 1 53  ? 1.151   2.515   2.052   1.00 31.32  ? 92  LEU A CD1 1 
ATOM   420  C  CD2 . LEU A 1 53  ? 3.008   0.975   2.614   1.00 31.82  ? 92  LEU A CD2 1 
ATOM   421  N  N   . ASP A 1 54  ? -0.669  3.181   5.073   1.00 31.61  ? 93  ASP A N   1 
ATOM   422  C  CA  . ASP A 1 54  ? -1.679  2.257   5.649   1.00 28.27  ? 93  ASP A CA  1 
ATOM   423  C  C   . ASP A 1 54  ? -2.511  1.693   4.499   1.00 26.57  ? 93  ASP A C   1 
ATOM   424  O  O   . ASP A 1 54  ? -2.259  2.000   3.325   1.00 27.94  ? 93  ASP A O   1 
ATOM   425  C  CB  . ASP A 1 54  ? -2.467  2.882   6.803   1.00 30.82  ? 93  ASP A CB  1 
ATOM   426  C  CG  . ASP A 1 54  ? -3.281  4.102   6.430   1.00 30.33  ? 93  ASP A CG  1 
ATOM   427  O  OD1 . ASP A 1 54  ? -3.461  4.368   5.211   1.00 30.25  ? 93  ASP A OD1 1 
ATOM   428  O  OD2 . ASP A 1 54  ? -3.698  4.778   7.372   1.00 33.87  ? 93  ASP A OD2 1 
ATOM   429  N  N   . PHE A 1 55  ? -3.390  0.779   4.835   1.00 28.48  ? 94  PHE A N   1 
ATOM   430  C  CA  . PHE A 1 55  ? -4.194  0.027   3.851   1.00 27.55  ? 94  PHE A CA  1 
ATOM   431  C  C   . PHE A 1 55  ? -5.655  0.166   4.269   1.00 28.51  ? 94  PHE A C   1 
ATOM   432  O  O   . PHE A 1 55  ? -6.012  -0.380  5.257   1.00 30.74  ? 94  PHE A O   1 
ATOM   433  C  CB  . PHE A 1 55  ? -3.749  -1.430  3.785   1.00 26.92  ? 94  PHE A CB  1 
ATOM   434  C  CG  . PHE A 1 55  ? -2.304  -1.572  3.385   1.00 26.96  ? 94  PHE A CG  1 
ATOM   435  C  CD1 . PHE A 1 55  ? -1.959  -1.626  2.043   1.00 29.34  ? 94  PHE A CD1 1 
ATOM   436  C  CD2 . PHE A 1 55  ? -1.299  -1.448  4.326   1.00 32.81  ? 94  PHE A CD2 1 
ATOM   437  C  CE1 . PHE A 1 55  ? -0.624  -1.749  1.665   1.00 29.03  ? 94  PHE A CE1 1 
ATOM   438  C  CE2 . PHE A 1 55  ? 0.031   -1.542  3.944   1.00 32.05  ? 94  PHE A CE2 1 
ATOM   439  C  CZ  . PHE A 1 55  ? 0.363   -1.632  2.609   1.00 29.84  ? 94  PHE A CZ  1 
ATOM   440  N  N   . VAL A 1 56  ? -6.443  0.831   3.450   1.00 31.35  ? 95  VAL A N   1 
ATOM   441  C  CA  . VAL A 1 56  ? -7.901  0.999   3.728   1.00 31.31  ? 95  VAL A CA  1 
ATOM   442  C  C   . VAL A 1 56  ? -8.577  -0.248  3.196   1.00 26.67  ? 95  VAL A C   1 
ATOM   443  O  O   . VAL A 1 56  ? -8.437  -0.470  1.995   1.00 27.87  ? 95  VAL A O   1 
ATOM   444  C  CB  . VAL A 1 56  ? -8.441  2.226   2.978   1.00 31.21  ? 95  VAL A CB  1 
ATOM   445  C  CG1 . VAL A 1 56  ? -9.936  2.376   3.232   1.00 29.67  ? 95  VAL A CG1 1 
ATOM   446  C  CG2 . VAL A 1 56  ? -7.679  3.478   3.379   1.00 34.21  ? 95  VAL A CG2 1 
ATOM   447  N  N   . ALA A 1 57  ? -9.459  -0.846  3.969   1.00 29.71  ? 96  ALA A N   1 
ATOM   448  C  CA  . ALA A 1 57  ? -10.383 -1.895  3.508   1.00 31.23  ? 96  ALA A CA  1 
ATOM   449  C  C   . ALA A 1 57  ? -11.369 -1.267  2.547   1.00 31.66  ? 96  ALA A C   1 
ATOM   450  O  O   . ALA A 1 57  ? -12.129 -0.384  2.985   1.00 29.14  ? 96  ALA A O   1 
ATOM   451  C  CB  . ALA A 1 57  ? -11.042 -2.549  4.713   1.00 31.74  ? 96  ALA A CB  1 
ATOM   452  N  N   . ALA A 1 58  ? -11.287 -1.611  1.263   1.00 31.05  ? 97  ALA A N   1 
ATOM   453  C  CA  . ALA A 1 58  ? -11.993 -0.938  0.150   1.00 30.71  ? 97  ALA A CA  1 
ATOM   454  C  C   . ALA A 1 58  ? -13.498 -1.230  0.221   1.00 32.79  ? 97  ALA A C   1 
ATOM   455  O  O   . ALA A 1 58  ? -14.324 -0.424  -0.281  1.00 32.78  ? 97  ALA A O   1 
ATOM   456  C  CB  . ALA A 1 58  ? -11.454 -1.345  -1.170  1.00 30.40  ? 97  ALA A CB  1 
ATOM   457  N  N   . ASP A 1 59  ? -13.835 -2.349  0.817   1.00 32.60  ? 98  ASP A N   1 
ATOM   458  C  CA  . ASP A 1 59  ? -15.240 -2.743  1.050   1.00 32.55  ? 98  ASP A CA  1 
ATOM   459  C  C   . ASP A 1 59  ? -15.215 -3.613  2.290   1.00 35.35  ? 98  ASP A C   1 
ATOM   460  O  O   . ASP A 1 59  ? -14.131 -3.890  2.806   1.00 35.30  ? 98  ASP A O   1 
ATOM   461  C  CB  . ASP A 1 59  ? -15.827 -3.355  -0.217  1.00 31.63  ? 98  ASP A CB  1 
ATOM   462  C  CG  . ASP A 1 59  ? -15.058 -4.614  -0.655  1.00 36.22  ? 98  ASP A CG  1 
ATOM   463  O  OD1 . ASP A 1 59  ? -15.060 -5.555  0.116   1.00 37.72  ? 98  ASP A OD1 1 
ATOM   464  O  OD2 . ASP A 1 59  ? -14.470 -4.592  -1.746  1.00 39.92  ? 98  ASP A OD2 1 
ATOM   465  N  N   . ASN A 1 60  ? -16.390 -4.005  2.737   1.00 34.27  ? 99  ASN A N   1 
ATOM   466  C  CA  . ASN A 1 60  ? -16.560 -4.731  3.993   1.00 35.63  ? 99  ASN A CA  1 
ATOM   467  C  C   . ASN A 1 60  ? -16.723 -6.226  3.718   1.00 38.64  ? 99  ASN A C   1 
ATOM   468  O  O   . ASN A 1 60  ? -17.148 -6.919  4.642   1.00 41.66  ? 99  ASN A O   1 
ATOM   469  C  CB  . ASN A 1 60  ? -17.807 -4.224  4.708   1.00 40.30  ? 99  ASN A CB  1 
ATOM   470  C  CG  . ASN A 1 60  ? -17.631 -2.815  5.212   1.00 41.85  ? 99  ASN A CG  1 
ATOM   471  O  OD1 . ASN A 1 60  ? -18.611 -2.094  5.321   1.00 50.52  ? 99  ASN A OD1 1 
ATOM   472  N  ND2 . ASN A 1 60  ? -16.414 -2.434  5.530   1.00 35.13  ? 99  ASN A ND2 1 
ATOM   473  N  N   . HIS A 1 61  ? -16.400 -6.707  2.523   1.00 38.96  ? 100 HIS A N   1 
ATOM   474  C  CA  . HIS A 1 61  ? -16.724 -8.099  2.135   1.00 38.33  ? 100 HIS A CA  1 
ATOM   475  C  C   . HIS A 1 61  ? -15.473 -8.995  2.074   1.00 43.75  ? 100 HIS A C   1 
ATOM   476  O  O   . HIS A 1 61  ? -14.304 -8.510  1.919   1.00 37.10  ? 100 HIS A O   1 
ATOM   477  C  CB  . HIS A 1 61  ? -17.466 -8.102  0.808   1.00 38.73  ? 100 HIS A CB  1 
ATOM   478  C  CG  . HIS A 1 61  ? -18.792 -7.417  0.834   1.00 47.59  ? 100 HIS A CG  1 
ATOM   479  N  ND1 . HIS A 1 61  ? -19.987 -8.123  0.713   1.00 50.07  ? 100 HIS A ND1 1 
ATOM   480  C  CD2 . HIS A 1 61  ? -19.122 -6.106  0.929   1.00 43.79  ? 100 HIS A CD2 1 
ATOM   481  C  CE1 . HIS A 1 61  ? -20.997 -7.267  0.720   1.00 55.14  ? 100 HIS A CE1 1 
ATOM   482  N  NE2 . HIS A 1 61  ? -20.491 -6.022  0.869   1.00 43.49  ? 100 HIS A NE2 1 
ATOM   483  N  N   . ARG A 1 62  ? -15.748 -10.291 2.138   1.00 45.88  ? 101 ARG A N   1 
ATOM   484  C  CA  . ARG A 1 62  ? -14.780 -11.387 1.932   1.00 45.56  ? 101 ARG A CA  1 
ATOM   485  C  C   . ARG A 1 62  ? -14.909 -11.777 0.456   1.00 42.54  ? 101 ARG A C   1 
ATOM   486  O  O   . ARG A 1 62  ? -16.068 -11.850 -0.092  1.00 46.10  ? 101 ARG A O   1 
ATOM   487  C  CB  . ARG A 1 62  ? -15.102 -12.452 2.989   1.00 58.02  ? 101 ARG A CB  1 
ATOM   488  C  CG  . ARG A 1 62  ? -14.709 -13.888 2.651   1.00 69.98  ? 101 ARG A CG  1 
ATOM   489  C  CD  . ARG A 1 62  ? -14.774 -14.802 3.870   1.00 75.31  ? 101 ARG A CD  1 
ATOM   490  N  NE  . ARG A 1 62  ? -13.800 -14.339 4.850   1.00 85.93  ? 101 ARG A NE  1 
ATOM   491  C  CZ  . ARG A 1 62  ? -12.510 -14.675 4.873   1.00 91.25  ? 101 ARG A CZ  1 
ATOM   492  N  NH1 . ARG A 1 62  ? -12.011 -15.533 3.999   1.00 87.34  ? 101 ARG A NH1 1 
ATOM   493  N  NH2 . ARG A 1 62  ? -11.717 -14.157 5.797   1.00 99.18  ? 101 ARG A NH2 1 
ATOM   494  N  N   . TRP A 1 63  ? -13.771 -11.929 -0.221  1.00 37.98  ? 102 TRP A N   1 
ATOM   495  C  CA  . TRP A 1 63  ? -13.719 -12.194 -1.673  1.00 34.20  ? 102 TRP A CA  1 
ATOM   496  C  C   . TRP A 1 63  ? -13.222 -13.640 -1.864  1.00 41.51  ? 102 TRP A C   1 
ATOM   497  O  O   . TRP A 1 63  ? -12.387 -14.069 -1.081  1.00 42.52  ? 102 TRP A O   1 
ATOM   498  C  CB  . TRP A 1 63  ? -12.793 -11.182 -2.362  1.00 38.01  ? 102 TRP A CB  1 
ATOM   499  C  CG  . TRP A 1 63  ? -13.365 -9.792  -2.413  1.00 35.30  ? 102 TRP A CG  1 
ATOM   500  C  CD1 . TRP A 1 63  ? -13.419 -8.884  -1.390  1.00 36.69  ? 102 TRP A CD1 1 
ATOM   501  C  CD2 . TRP A 1 63  ? -13.960 -9.160  -3.551  1.00 33.71  ? 102 TRP A CD2 1 
ATOM   502  N  NE1 . TRP A 1 63  ? -13.981 -7.714  -1.837  1.00 33.76  ? 102 TRP A NE1 1 
ATOM   503  C  CE2 . TRP A 1 63  ? -14.351 -7.861  -3.144  1.00 32.44  ? 102 TRP A CE2 1 
ATOM   504  C  CE3 . TRP A 1 63  ? -14.207 -9.556  -4.868  1.00 34.18  ? 102 TRP A CE3 1 
ATOM   505  C  CZ2 . TRP A 1 63  ? -14.937 -6.967  -4.024  1.00 35.15  ? 102 TRP A CZ2 1 
ATOM   506  C  CZ3 . TRP A 1 63  ? -14.782 -8.673  -5.747  1.00 36.03  ? 102 TRP A CZ3 1 
ATOM   507  C  CH2 . TRP A 1 63  ? -15.152 -7.390  -5.317  1.00 39.40  ? 102 TRP A CH2 1 
ATOM   508  N  N   . LYS A 1 64  ? -13.728 -14.332 -2.869  1.00 41.91  ? 103 LYS A N   1 
ATOM   509  C  CA  . LYS A 1 64  ? -13.354 -15.736 -3.189  1.00 48.55  ? 103 LYS A CA  1 
ATOM   510  C  C   . LYS A 1 64  ? -13.170 -15.831 -4.703  1.00 43.74  ? 103 LYS A C   1 
ATOM   511  O  O   . LYS A 1 64  ? -13.877 -15.154 -5.455  1.00 43.16  ? 103 LYS A O   1 
ATOM   512  C  CB  . LYS A 1 64  ? -14.402 -16.697 -2.615  1.00 60.56  ? 103 LYS A CB  1 
ATOM   513  C  CG  . LYS A 1 64  ? -15.766 -16.072 -2.334  1.00 76.18  ? 103 LYS A CG  1 
ATOM   514  C  CD  . LYS A 1 64  ? -16.938 -17.051 -2.290  1.00 85.16  ? 103 LYS A CD  1 
ATOM   515  C  CE  . LYS A 1 64  ? -18.287 -16.375 -2.452  1.00 87.50  ? 103 LYS A CE  1 
ATOM   516  N  NZ  . LYS A 1 64  ? -19.268 -17.252 -3.136  1.00 87.99  ? 103 LYS A NZ  1 
ATOM   517  N  N   . TYR A 1 65  ? -12.234 -16.661 -5.155  1.00 47.15  ? 104 TYR A N   1 
ATOM   518  C  CA  . TYR A 1 65  ? -11.926 -16.811 -6.593  1.00 45.74  ? 104 TYR A CA  1 
ATOM   519  C  C   . TYR A 1 65  ? -12.771 -18.007 -7.043  1.00 47.33  ? 104 TYR A C   1 
ATOM   520  O  O   . TYR A 1 65  ? -12.520 -19.098 -6.559  1.00 49.64  ? 104 TYR A O   1 
ATOM   521  C  CB  . TYR A 1 65  ? -10.410 -16.923 -6.794  1.00 42.17  ? 104 TYR A CB  1 
ATOM   522  C  CG  . TYR A 1 65  ? -9.938  -16.791 -8.218  1.00 42.29  ? 104 TYR A CG  1 
ATOM   523  C  CD1 . TYR A 1 65  ? -9.974  -15.592 -8.888  1.00 40.86  ? 104 TYR A CD1 1 
ATOM   524  C  CD2 . TYR A 1 65  ? -9.426  -17.887 -8.907  1.00 48.72  ? 104 TYR A CD2 1 
ATOM   525  C  CE1 . TYR A 1 65  ? -9.514  -15.465 -10.187 1.00 46.26  ? 104 TYR A CE1 1 
ATOM   526  C  CE2 . TYR A 1 65  ? -8.974  -17.774 -10.214 1.00 42.83  ? 104 TYR A CE2 1 
ATOM   527  C  CZ  . TYR A 1 65  ? -8.999  -16.563 -10.855 1.00 43.73  ? 104 TYR A CZ  1 
ATOM   528  O  OH  . TYR A 1 65  ? -8.563  -16.429 -12.145 1.00 46.91  ? 104 TYR A OH  1 
ATOM   529  N  N   . VAL A 1 66  ? -13.836 -17.732 -7.791  1.00 51.48  ? 105 VAL A N   1 
ATOM   530  C  CA  . VAL A 1 66  ? -14.917 -18.705 -8.127  1.00 59.28  ? 105 VAL A CA  1 
ATOM   531  C  C   . VAL A 1 66  ? -14.927 -18.834 -9.643  1.00 56.81  ? 105 VAL A C   1 
ATOM   532  O  O   . VAL A 1 66  ? -15.280 -17.830 -10.341 1.00 52.93  ? 105 VAL A O   1 
ATOM   533  C  CB  . VAL A 1 66  ? -16.296 -18.275 -7.580  1.00 54.12  ? 105 VAL A CB  1 
ATOM   534  C  CG1 . VAL A 1 66  ? -17.441 -19.037 -8.243  1.00 58.77  ? 105 VAL A CG1 1 
ATOM   535  C  CG2 . VAL A 1 66  ? -16.366 -18.436 -6.073  1.00 50.81  ? 105 VAL A CG2 1 
ATOM   536  N  N   . ASN A 1 67  ? -14.510 -20.007 -10.126 1.00 63.02  ? 106 ASN A N   1 
ATOM   537  C  CA  . ASN A 1 67  ? -14.467 -20.318 -11.573 1.00 67.68  ? 106 ASN A CA  1 
ATOM   538  C  C   . ASN A 1 67  ? -13.783 -19.163 -12.288 1.00 61.07  ? 106 ASN A C   1 
ATOM   539  O  O   . ASN A 1 67  ? -14.440 -18.548 -13.129 1.00 53.61  ? 106 ASN A O   1 
ATOM   540  C  CB  . ASN A 1 67  ? -15.872 -20.554 -12.130 1.00 78.05  ? 106 ASN A CB  1 
ATOM   541  C  CG  . ASN A 1 67  ? -16.494 -21.796 -11.532 1.00 79.73  ? 106 ASN A CG  1 
ATOM   542  O  OD1 . ASN A 1 67  ? -15.976 -22.893 -11.713 1.00 85.17  ? 106 ASN A OD1 1 
ATOM   543  N  ND2 . ASN A 1 67  ? -17.577 -21.621 -10.794 1.00 75.21  ? 106 ASN A ND2 1 
ATOM   544  N  N   . GLY A 1 68  ? -12.528 -18.873 -11.918 1.00 61.56  ? 107 GLY A N   1 
ATOM   545  C  CA  . GLY A 1 68  ? -11.650 -17.923 -12.631 1.00 55.04  ? 107 GLY A CA  1 
ATOM   546  C  C   . GLY A 1 68  ? -12.030 -16.465 -12.416 1.00 50.90  ? 107 GLY A C   1 
ATOM   547  O  O   . GLY A 1 68  ? -11.551 -15.624 -13.170 1.00 46.64  ? 107 GLY A O   1 
ATOM   548  N  N   . GLU A 1 69  ? -12.865 -16.144 -11.438 1.00 49.27  ? 108 GLU A N   1 
ATOM   549  C  CA  . GLU A 1 69  ? -13.314 -14.736 -11.264 1.00 54.88  ? 108 GLU A CA  1 
ATOM   550  C  C   . GLU A 1 69  ? -13.403 -14.447 -9.765  1.00 46.49  ? 108 GLU A C   1 
ATOM   551  O  O   . GLU A 1 69  ? -13.855 -15.312 -9.026  1.00 42.52  ? 108 GLU A O   1 
ATOM   552  C  CB  . GLU A 1 69  ? -14.586 -14.466 -12.083 1.00 62.00  ? 108 GLU A CB  1 
ATOM   553  C  CG  . GLU A 1 69  ? -15.914 -14.835 -11.406 1.00 78.90  ? 108 GLU A CG  1 
ATOM   554  C  CD  . GLU A 1 69  ? -17.184 -14.155 -11.935 1.00 87.16  ? 108 GLU A CD  1 
ATOM   555  O  OE1 . GLU A 1 69  ? -17.120 -13.459 -12.977 1.00 83.87  ? 108 GLU A OE1 1 
ATOM   556  O  OE2 . GLU A 1 69  ? -18.255 -14.321 -11.295 1.00 96.19  ? 108 GLU A OE2 1 
ATOM   557  N  N   . TRP A 1 70  ? -12.924 -13.283 -9.311  1.00 43.26  ? 109 TRP A N   1 
ATOM   558  C  CA  . TRP A 1 70  ? -13.094 -12.867 -7.896  1.00 36.72  ? 109 TRP A CA  1 
ATOM   559  C  C   . TRP A 1 70  ? -14.538 -12.373 -7.707  1.00 39.17  ? 109 TRP A C   1 
ATOM   560  O  O   . TRP A 1 70  ? -14.971 -11.545 -8.521  1.00 44.34  ? 109 TRP A O   1 
ATOM   561  C  CB  . TRP A 1 70  ? -12.104 -11.755 -7.522  1.00 40.69  ? 109 TRP A CB  1 
ATOM   562  C  CG  . TRP A 1 70  ? -10.707 -12.233 -7.308  1.00 35.02  ? 109 TRP A CG  1 
ATOM   563  C  CD1 . TRP A 1 70  ? -9.645  -12.099 -8.160  1.00 35.84  ? 109 TRP A CD1 1 
ATOM   564  C  CD2 . TRP A 1 70  ? -10.225 -12.904 -6.147  1.00 32.13  ? 109 TRP A CD2 1 
ATOM   565  N  NE1 . TRP A 1 70  ? -8.539  -12.696 -7.622  1.00 38.10  ? 109 TRP A NE1 1 
ATOM   566  C  CE2 . TRP A 1 70  ? -8.856  -13.167 -6.374  1.00 35.44  ? 109 TRP A CE2 1 
ATOM   567  C  CE3 . TRP A 1 70  ? -10.781 -13.285 -4.927  1.00 32.30  ? 109 TRP A CE3 1 
ATOM   568  C  CZ2 . TRP A 1 70  ? -8.071  -13.807 -5.428  1.00 38.27  ? 109 TRP A CZ2 1 
ATOM   569  C  CZ3 . TRP A 1 70  ? -10.006 -13.936 -3.998  1.00 39.69  ? 109 TRP A CZ3 1 
ATOM   570  C  CH2 . TRP A 1 70  ? -8.650  -14.178 -4.242  1.00 39.37  ? 109 TRP A CH2 1 
ATOM   571  N  N   . VAL A 1 71  ? -15.206 -12.813 -6.645  1.00 40.56  ? 110 VAL A N   1 
ATOM   572  C  CA  . VAL A 1 71  ? -16.639 -12.487 -6.355  1.00 43.16  ? 110 VAL A CA  1 
ATOM   573  C  C   . VAL A 1 71  ? -16.765 -12.252 -4.869  1.00 38.03  ? 110 VAL A C   1 
ATOM   574  O  O   . VAL A 1 71  ? -16.164 -12.928 -4.037  1.00 39.87  ? 110 VAL A O   1 
ATOM   575  C  CB  . VAL A 1 71  ? -17.640 -13.553 -6.847  1.00 45.99  ? 110 VAL A CB  1 
ATOM   576  C  CG1 . VAL A 1 71  ? -17.694 -13.582 -8.356  1.00 48.10  ? 110 VAL A CG1 1 
ATOM   577  C  CG2 . VAL A 1 71  ? -17.363 -14.918 -6.285  1.00 50.23  ? 110 VAL A CG2 1 
ATOM   578  N  N   . PRO A 1 72  ? -17.447 -11.164 -4.485  1.00 42.21  ? 111 PRO A N   1 
ATOM   579  C  CA  . PRO A 1 72  ? -17.581 -10.850 -3.084  1.00 43.07  ? 111 PRO A CA  1 
ATOM   580  C  C   . PRO A 1 72  ? -18.665 -11.713 -2.448  1.00 45.74  ? 111 PRO A C   1 
ATOM   581  O  O   . PRO A 1 72  ? -19.586 -12.074 -3.140  1.00 51.72  ? 111 PRO A O   1 
ATOM   582  C  CB  . PRO A 1 72  ? -17.979 -9.374  -3.101  1.00 41.49  ? 111 PRO A CB  1 
ATOM   583  C  CG  . PRO A 1 72  ? -18.733 -9.209  -4.375  1.00 39.30  ? 111 PRO A CG  1 
ATOM   584  C  CD  . PRO A 1 72  ? -18.116 -10.191 -5.358  1.00 45.68  ? 111 PRO A CD  1 
ATOM   585  N  N   . GLY A 1 73  ? -18.509 -11.943 -1.153  1.00 49.70  ? 112 GLY A N   1 
ATOM   586  C  CA  . GLY A 1 73  ? -19.510 -12.590 -0.297  1.00 52.57  ? 112 GLY A CA  1 
ATOM   587  C  C   . GLY A 1 73  ? -20.723 -11.694 -0.094  1.00 60.40  ? 112 GLY A C   1 
ATOM   588  O  O   . GLY A 1 73  ? -20.761 -10.537 -0.625  1.00 52.13  ? 112 GLY A O   1 
ATOM   589  N  N   . GLY A 1 74  ? -21.718 -12.215 0.626   1.00 56.67  ? 113 GLY A N   1 
ATOM   590  C  CA  . GLY A 1 74  ? -22.963 -11.486 0.916   1.00 59.72  ? 113 GLY A CA  1 
ATOM   591  C  C   . GLY A 1 74  ? -23.082 -11.177 2.392   1.00 61.64  ? 113 GLY A C   1 
ATOM   592  O  O   . GLY A 1 74  ? -24.210 -10.836 2.800   1.00 72.36  ? 113 GLY A O   1 
ATOM   593  N  N   . LYS A 1 75  ? -21.987 -11.297 3.167   1.00 59.58  ? 114 LYS A N   1 
ATOM   594  C  CA  . LYS A 1 75  ? -22.032 -11.121 4.645   1.00 64.31  ? 114 LYS A CA  1 
ATOM   595  C  C   . LYS A 1 75  ? -21.020 -10.079 5.101   1.00 55.31  ? 114 LYS A C   1 
ATOM   596  O  O   . LYS A 1 75  ? -20.159 -10.366 5.917   1.00 51.07  ? 114 LYS A O   1 
ATOM   597  C  CB  . LYS A 1 75  ? -21.817 -12.442 5.387   1.00 71.30  ? 114 LYS A CB  1 
ATOM   598  C  CG  . LYS A 1 75  ? -22.663 -12.582 6.649   1.00 82.65  ? 114 LYS A CG  1 
ATOM   599  C  CD  . LYS A 1 75  ? -24.128 -12.173 6.435   1.00 85.87  ? 114 LYS A CD  1 
ATOM   600  C  CE  . LYS A 1 75  ? -25.145 -12.978 7.220   1.00 91.55  ? 114 LYS A CE  1 
ATOM   601  N  NZ  . LYS A 1 75  ? -25.103 -12.663 8.664   1.00 95.91  ? 114 LYS A NZ  1 
ATOM   602  N  N   . PRO A 1 76  ? -21.150 -8.818  4.653   1.00 59.65  ? 115 PRO A N   1 
ATOM   603  C  CA  . PRO A 1 76  ? -20.237 -7.763  5.094   1.00 57.43  ? 115 PRO A CA  1 
ATOM   604  C  C   . PRO A 1 76  ? -20.126 -7.676  6.629   1.00 64.19  ? 115 PRO A C   1 
ATOM   605  O  O   . PRO A 1 76  ? -21.100 -7.916  7.316   1.00 59.68  ? 115 PRO A O   1 
ATOM   606  C  CB  . PRO A 1 76  ? -20.793 -6.456  4.496   1.00 57.67  ? 115 PRO A CB  1 
ATOM   607  C  CG  . PRO A 1 76  ? -22.116 -6.827  3.831   1.00 63.82  ? 115 PRO A CG  1 
ATOM   608  C  CD  . PRO A 1 76  ? -22.149 -8.340  3.687   1.00 60.48  ? 115 PRO A CD  1 
ATOM   609  N  N   . GLU A 1 77  ? -18.910 -7.396  7.115   1.00 58.70  ? 116 GLU A N   1 
ATOM   610  C  CA  . GLU A 1 77  ? -18.579 -7.038  8.518   1.00 61.04  ? 116 GLU A CA  1 
ATOM   611  C  C   . GLU A 1 77  ? -17.784 -5.738  8.476   1.00 62.95  ? 116 GLU A C   1 
ATOM   612  O  O   . GLU A 1 77  ? -17.135 -5.445  7.479   1.00 70.31  ? 116 GLU A O   1 
ATOM   613  C  CB  . GLU A 1 77  ? -17.750 -8.138  9.182   1.00 64.22  ? 116 GLU A CB  1 
ATOM   614  C  CG  . GLU A 1 77  ? -18.401 -9.515  9.153   1.00 74.77  ? 116 GLU A CG  1 
ATOM   615  C  CD  . GLU A 1 77  ? -17.454 -10.659 9.501   1.00 84.36  ? 116 GLU A CD  1 
ATOM   616  O  OE1 . GLU A 1 77  ? -16.467 -10.411 10.223  1.00 88.43  ? 116 GLU A OE1 1 
ATOM   617  O  OE2 . GLU A 1 77  ? -17.686 -11.797 9.038   1.00 87.84  ? 116 GLU A OE2 1 
ATOM   618  N  N   . PRO A 1 78  ? -17.740 -4.938  9.557   1.00 65.01  ? 117 PRO A N   1 
ATOM   619  C  CA  . PRO A 1 78  ? -16.995 -3.686  9.536   1.00 69.43  ? 117 PRO A CA  1 
ATOM   620  C  C   . PRO A 1 78  ? -15.508 -4.049  9.600   1.00 65.62  ? 117 PRO A C   1 
ATOM   621  O  O   . PRO A 1 78  ? -15.139 -4.988  10.279  1.00 56.86  ? 117 PRO A O   1 
ATOM   622  C  CB  . PRO A 1 78  ? -17.443 -2.901  10.776  1.00 68.94  ? 117 PRO A CB  1 
ATOM   623  C  CG  . PRO A 1 78  ? -18.323 -3.872  11.566  1.00 75.80  ? 117 PRO A CG  1 
ATOM   624  C  CD  . PRO A 1 78  ? -18.264 -5.235  10.894  1.00 72.45  ? 117 PRO A CD  1 
ATOM   625  N  N   . GLN A 1 79  ? -14.700 -3.296  8.867   1.00 64.39  ? 118 GLN A N   1 
ATOM   626  C  CA  . GLN A 1 79  ? -13.264 -3.633  8.822   1.00 77.01  ? 118 GLN A CA  1 
ATOM   627  C  C   . GLN A 1 79  ? -12.491 -2.655  9.697   1.00 81.76  ? 118 GLN A C   1 
ATOM   628  O  O   . GLN A 1 79  ? -12.482 -1.468  9.384   1.00 75.56  ? 118 GLN A O   1 
ATOM   629  C  CB  . GLN A 1 79  ? -12.809 -3.667  7.367   1.00 69.88  ? 118 GLN A CB  1 
ATOM   630  C  CG  . GLN A 1 79  ? -13.660 -4.577  6.497   1.00 71.25  ? 118 GLN A CG  1 
ATOM   631  C  CD  . GLN A 1 79  ? -13.443 -6.035  6.814   1.00 67.15  ? 118 GLN A CD  1 
ATOM   632  O  OE1 . GLN A 1 79  ? -12.353 -6.455  7.175   1.00 68.82  ? 118 GLN A OE1 1 
ATOM   633  N  NE2 . GLN A 1 79  ? -14.492 -6.819  6.689   1.00 68.43  ? 118 GLN A NE2 1 
ATOM   634  N  N   . ALA A 1 80  ? -11.864 -3.184  10.744  1.00 99.64  ? 119 ALA A N   1 
ATOM   635  C  CA  . ALA A 1 80  ? -11.049 -2.364  11.663  1.00 98.95  ? 119 ALA A CA  1 
ATOM   636  C  C   . ALA A 1 80  ? -9.897  -1.821  10.835  1.00 89.29  ? 119 ALA A C   1 
ATOM   637  O  O   . ALA A 1 80  ? -9.270  -2.615  10.141  1.00 76.05  ? 119 ALA A O   1 
ATOM   638  C  CB  . ALA A 1 80  ? -10.535 -3.217  12.793  1.00 101.00 ? 119 ALA A CB  1 
ATOM   639  N  N   . PRO A 1 81  ? -9.482  -0.556  10.998  1.00 76.98  ? 120 PRO A N   1 
ATOM   640  C  CA  . PRO A 1 81  ? -8.438  0.012   10.164  1.00 68.26  ? 120 PRO A CA  1 
ATOM   641  C  C   . PRO A 1 81  ? -7.092  -0.700  10.325  1.00 55.12  ? 120 PRO A C   1 
ATOM   642  O  O   . PRO A 1 81  ? -6.804  -1.229  11.364  1.00 51.81  ? 120 PRO A O   1 
ATOM   643  C  CB  . PRO A 1 81  ? -8.305  1.423   10.740  1.00 30.00  ? 120 PRO A CB  1 
ATOM   644  C  CG  . PRO A 1 81  ? -8.749  1.267   12.162  1.00 30.00  ? 120 PRO A CG  1 
ATOM   645  C  CD  . PRO A 1 81  ? -9.945  0.359   12.023  1.00 30.00  ? 120 PRO A CD  1 
ATOM   646  N  N   . SER A 1 82  ? -6.287  -0.695  9.267   1.00 50.90  ? 121 SER A N   1 
ATOM   647  C  CA  . SER A 1 82  ? -4.959  -1.352  9.367   1.00 46.98  ? 121 SER A CA  1 
ATOM   648  C  C   . SER A 1 82  ? -4.024  -0.485  10.188  1.00 39.38  ? 121 SER A C   1 
ATOM   649  O  O   . SER A 1 82  ? -4.225  0.704   10.272  1.00 41.04  ? 121 SER A O   1 
ATOM   650  C  CB  . SER A 1 82  ? -4.334  -1.664  8.032   1.00 30.00  ? 121 SER A CB  1 
ATOM   651  O  OG  . SER A 1 82  ? -3.346  -0.710  7.655   1.00 30.00  ? 121 SER A OG  1 
ATOM   652  N  N   . CYS A 1 83  ? -2.936  -1.093  10.634  1.00 40.54  ? 122 CYS A N   1 
ATOM   653  C  CA  . CYS A 1 83  ? -1.856  -0.378  11.344  1.00 40.69  ? 122 CYS A CA  1 
ATOM   654  C  C   . CYS A 1 83  ? -1.053  0.468   10.351  1.00 35.66  ? 122 CYS A C   1 
ATOM   655  O  O   . CYS A 1 83  ? -1.158  0.310   9.146   1.00 36.42  ? 122 CYS A O   1 
ATOM   656  C  CB  . CYS A 1 83  ? -0.933  -1.325  12.090  1.00 48.24  ? 122 CYS A CB  1 
ATOM   657  S  SG  . CYS A 1 83  ? -1.657  -1.915  13.636  1.00 58.30  ? 122 CYS A SG  1 
ATOM   658  N  N   . VAL A 1 84  ? -0.264  1.372   10.886  1.00 34.14  ? 123 VAL A N   1 
ATOM   659  C  CA  . VAL A 1 84  ? 0.492   2.291   10.009  1.00 35.34  ? 123 VAL A CA  1 
ATOM   660  C  C   . VAL A 1 84  ? 1.966   1.885   9.965   1.00 32.13  ? 123 VAL A C   1 
ATOM   661  O  O   . VAL A 1 84  ? 2.509   1.556   10.987  1.00 37.38  ? 123 VAL A O   1 
ATOM   662  C  CB  . VAL A 1 84  ? 0.302   3.730   10.509  1.00 40.28  ? 123 VAL A CB  1 
ATOM   663  C  CG1 . VAL A 1 84  ? 0.926   3.929   11.864  1.00 45.36  ? 123 VAL A CG1 1 
ATOM   664  C  CG2 . VAL A 1 84  ? 0.821   4.755   9.535   1.00 44.09  ? 123 VAL A CG2 1 
ATOM   665  N  N   . TYR A 1 85  ? 2.521   1.834   8.762   1.00 34.16  ? 124 TYR A N   1 
ATOM   666  C  CA  . TYR A 1 85  ? 3.968   1.597   8.542   1.00 31.46  ? 124 TYR A CA  1 
ATOM   667  C  C   . TYR A 1 85  ? 4.653   2.941   8.379   1.00 32.47  ? 124 TYR A C   1 
ATOM   668  O  O   . TYR A 1 85  ? 4.229   3.716   7.479   1.00 32.31  ? 124 TYR A O   1 
ATOM   669  C  CB  . TYR A 1 85  ? 4.162   0.730   7.300   1.00 33.46  ? 124 TYR A CB  1 
ATOM   670  C  CG  . TYR A 1 85  ? 5.604   0.525   6.870   1.00 35.34  ? 124 TYR A CG  1 
ATOM   671  C  CD1 . TYR A 1 85  ? 6.418   -0.431  7.479   1.00 37.01  ? 124 TYR A CD1 1 
ATOM   672  C  CD2 . TYR A 1 85  ? 6.154   1.291   5.858   1.00 33.93  ? 124 TYR A CD2 1 
ATOM   673  C  CE1 . TYR A 1 85  ? 7.734   -0.603  7.099   1.00 34.94  ? 124 TYR A CE1 1 
ATOM   674  C  CE2 . TYR A 1 85  ? 7.465   1.103   5.431   1.00 34.39  ? 124 TYR A CE2 1 
ATOM   675  C  CZ  . TYR A 1 85  ? 8.260   0.163   6.074   1.00 37.25  ? 124 TYR A CZ  1 
ATOM   676  O  OH  . TYR A 1 85  ? 9.542   -0.051  5.676   1.00 33.01  ? 124 TYR A OH  1 
ATOM   677  N  N   . ILE A 1 86  ? 5.723   3.185   9.144   1.00 29.90  ? 125 ILE A N   1 
ATOM   678  C  CA  . ILE A 1 86  ? 6.561   4.403   9.008   1.00 33.43  ? 125 ILE A CA  1 
ATOM   679  C  C   . ILE A 1 86  ? 7.680   4.135   7.993   1.00 33.05  ? 125 ILE A C   1 
ATOM   680  O  O   . ILE A 1 86  ? 8.481   3.171   8.178   1.00 32.19  ? 125 ILE A O   1 
ATOM   681  C  CB  . ILE A 1 86  ? 7.094   4.805   10.380  1.00 37.60  ? 125 ILE A CB  1 
ATOM   682  C  CG1 . ILE A 1 86  ? 5.960   4.916   11.402  1.00 43.42  ? 125 ILE A CG1 1 
ATOM   683  C  CG2 . ILE A 1 86  ? 7.872   6.097   10.286  1.00 35.79  ? 125 ILE A CG2 1 
ATOM   684  C  CD1 . ILE A 1 86  ? 6.435   4.791   12.825  1.00 51.73  ? 125 ILE A CD1 1 
ATOM   685  N  N   . HIS A 1 87  ? 7.762   4.930   6.923   1.00 31.30  ? 126 HIS A N   1 
ATOM   686  C  CA  . HIS A 1 87  ? 8.892   4.823   5.981   1.00 33.25  ? 126 HIS A CA  1 
ATOM   687  C  C   . HIS A 1 87  ? 10.152  4.907   6.831   1.00 31.47  ? 126 HIS A C   1 
ATOM   688  O  O   . HIS A 1 87  ? 10.301  5.804   7.650   1.00 28.80  ? 126 HIS A O   1 
ATOM   689  C  CB  . HIS A 1 87  ? 8.904   5.892   4.886   1.00 30.29  ? 126 HIS A CB  1 
ATOM   690  C  CG  . HIS A 1 87  ? 9.822   5.508   3.780   1.00 35.90  ? 126 HIS A CG  1 
ATOM   691  N  ND1 . HIS A 1 87  ? 11.197  5.689   3.877   1.00 33.91  ? 126 HIS A ND1 1 
ATOM   692  C  CD2 . HIS A 1 87  ? 9.609   4.863   2.614   1.00 35.90  ? 126 HIS A CD2 1 
ATOM   693  C  CE1 . HIS A 1 87  ? 11.773  5.240   2.771   1.00 35.10  ? 126 HIS A CE1 1 
ATOM   694  N  NE2 . HIS A 1 87  ? 10.831  4.736   1.978   1.00 37.34  ? 126 HIS A NE2 1 
ATOM   695  N  N   . PRO A 1 88  ? 11.117  3.987   6.662   1.00 33.46  ? 127 PRO A N   1 
ATOM   696  C  CA  . PRO A 1 88  ? 12.308  4.004   7.542   1.00 33.17  ? 127 PRO A CA  1 
ATOM   697  C  C   . PRO A 1 88  ? 13.218  5.248   7.427   1.00 35.70  ? 127 PRO A C   1 
ATOM   698  O  O   . PRO A 1 88  ? 13.973  5.557   8.371   1.00 33.26  ? 127 PRO A O   1 
ATOM   699  C  CB  . PRO A 1 88  ? 12.949  2.652   7.189   1.00 33.58  ? 127 PRO A CB  1 
ATOM   700  C  CG  . PRO A 1 88  ? 12.599  2.449   5.732   1.00 35.72  ? 127 PRO A CG  1 
ATOM   701  C  CD  . PRO A 1 88  ? 11.148  2.930   5.655   1.00 30.94  ? 127 PRO A CD  1 
ATOM   702  N  N   . ASP A 1 89  ? 13.086  6.015   6.338   0.66 34.83  ? 128 ASP A N   1 
ATOM   703  C  CA  . ASP A 1 89  ? 13.787  7.316   6.160   0.66 36.02  ? 128 ASP A CA  1 
ATOM   704  C  C   . ASP A 1 89  ? 13.214  8.372   7.117   0.66 35.60  ? 128 ASP A C   1 
ATOM   705  O  O   . ASP A 1 89  ? 13.845  9.431   7.228   0.66 35.30  ? 128 ASP A O   1 
ATOM   706  C  CB  . ASP A 1 89  ? 13.702  7.842   4.722   0.66 37.79  ? 128 ASP A CB  1 
ATOM   707  C  CG  . ASP A 1 89  ? 14.458  7.043   3.655   0.66 39.20  ? 128 ASP A CG  1 
ATOM   708  O  OD1 . ASP A 1 89  ? 14.848  5.894   3.930   0.66 41.48  ? 128 ASP A OD1 1 
ATOM   709  O  OD2 . ASP A 1 89  ? 14.551  7.550   2.510   0.66 38.61  ? 128 ASP A OD2 1 
ATOM   710  N  N   . SER A 1 90  ? 12.065  8.125   7.772   0.66 34.92  ? 129 SER A N   1 
ATOM   711  C  CA  . SER A 1 90  ? 11.355  9.115   8.630   0.66 34.06  ? 129 SER A CA  1 
ATOM   712  C  C   . SER A 1 90  ? 12.066  9.279   9.974   0.66 34.66  ? 129 SER A C   1 
ATOM   713  O  O   . SER A 1 90  ? 12.520  8.303   10.555  0.66 35.96  ? 129 SER A O   1 
ATOM   714  C  CB  . SER A 1 90  ? 9.913   8.733   8.874   0.66 33.73  ? 129 SER A CB  1 
ATOM   715  O  OG  . SER A 1 90  ? 9.292   8.230   7.699   0.66 32.31  ? 129 SER A OG  1 
ATOM   716  N  N   . PRO A 1 91  ? 12.157  10.497  10.547  0.66 37.31  ? 130 PRO A N   1 
ATOM   717  C  CA  . PRO A 1 91  ? 11.747  11.736  9.894   0.66 36.72  ? 130 PRO A CA  1 
ATOM   718  C  C   . PRO A 1 91  ? 12.861  12.261  8.987   0.66 37.21  ? 130 PRO A C   1 
ATOM   719  O  O   . PRO A 1 91  ? 14.009  11.893  9.193   0.66 37.55  ? 130 PRO A O   1 
ATOM   720  C  CB  . PRO A 1 91  ? 11.551  12.683  11.075  0.66 39.50  ? 130 PRO A CB  1 
ATOM   721  C  CG  . PRO A 1 91  ? 12.617  12.239  12.040  0.66 40.25  ? 130 PRO A CG  1 
ATOM   722  C  CD  . PRO A 1 91  ? 12.723  10.742  11.875  0.66 38.38  ? 130 PRO A CD  1 
ATOM   723  N  N   . ASN A 1 92  ? 12.517  13.106  8.018   1.00 35.28  ? 131 ASN A N   1 
ATOM   724  C  CA  . ASN A 1 92  ? 13.529  13.632  7.078   1.00 36.16  ? 131 ASN A CA  1 
ATOM   725  C  C   . ASN A 1 92  ? 13.109  14.967  6.473   1.00 39.14  ? 131 ASN A C   1 
ATOM   726  O  O   . ASN A 1 92  ? 11.953  15.364  6.602   1.00 37.55  ? 131 ASN A O   1 
ATOM   727  C  CB  . ASN A 1 92  ? 13.942  12.577  6.047   1.00 38.25  ? 131 ASN A CB  1 
ATOM   728  C  CG  . ASN A 1 92  ? 15.454  12.496  5.944   1.00 40.94  ? 131 ASN A CG  1 
ATOM   729  O  OD1 . ASN A 1 92  ? 16.100  13.533  5.882   1.00 39.18  ? 131 ASN A OD1 1 
ATOM   730  N  ND2 . ASN A 1 92  ? 16.006  11.299  5.949   1.00 36.45  ? 131 ASN A ND2 1 
ATOM   731  N  N   . PHE A 1 93  ? 14.096  15.685  5.927   1.00 38.18  ? 132 PHE A N   1 
ATOM   732  C  CA  . PHE A 1 93  ? 13.880  17.004  5.285   1.00 40.45  ? 132 PHE A CA  1 
ATOM   733  C  C   . PHE A 1 93  ? 13.022  16.797  4.032   1.00 36.05  ? 132 PHE A C   1 
ATOM   734  O  O   . PHE A 1 93  ? 13.143  15.732  3.374   1.00 38.89  ? 132 PHE A O   1 
ATOM   735  C  CB  . PHE A 1 93  ? 15.226  17.687  5.005   1.00 43.80  ? 132 PHE A CB  1 
ATOM   736  C  CG  . PHE A 1 93  ? 15.911  18.094  6.288   1.00 43.45  ? 132 PHE A CG  1 
ATOM   737  C  CD1 . PHE A 1 93  ? 15.395  19.123  7.058   1.00 45.34  ? 132 PHE A CD1 1 
ATOM   738  C  CD2 . PHE A 1 93  ? 17.017  17.406  6.760   1.00 47.58  ? 132 PHE A CD2 1 
ATOM   739  C  CE1 . PHE A 1 93  ? 15.965  19.464  8.274   1.00 50.31  ? 132 PHE A CE1 1 
ATOM   740  C  CE2 . PHE A 1 93  ? 17.611  17.769  7.968   1.00 45.51  ? 132 PHE A CE2 1 
ATOM   741  C  CZ  . PHE A 1 93  ? 17.083  18.792  8.718   1.00 44.66  ? 132 PHE A CZ  1 
ATOM   742  N  N   . GLY A 1 94  ? 12.193  17.775  3.707   1.00 41.00  ? 133 GLY A N   1 
ATOM   743  C  CA  . GLY A 1 94  ? 11.529  17.838  2.394   1.00 42.64  ? 133 GLY A CA  1 
ATOM   744  C  C   . GLY A 1 94  ? 12.466  17.514  1.241   1.00 43.10  ? 133 GLY A C   1 
ATOM   745  O  O   . GLY A 1 94  ? 12.068  16.745  0.347   1.00 42.38  ? 133 GLY A O   1 
ATOM   746  N  N   . ALA A 1 95  ? 13.675  18.089  1.221   1.00 44.50  ? 134 ALA A N   1 
ATOM   747  C  CA  . ALA A 1 95  ? 14.672  17.865  0.149   1.00 43.31  ? 134 ALA A CA  1 
ATOM   748  C  C   . ALA A 1 95  ? 14.902  16.369  -0.053  1.00 38.08  ? 134 ALA A C   1 
ATOM   749  O  O   . ALA A 1 95  ? 15.105  15.918  -1.195  1.00 43.85  ? 134 ALA A O   1 
ATOM   750  C  CB  . ALA A 1 95  ? 15.977  18.529  0.512   1.00 44.74  ? 134 ALA A CB  1 
ATOM   751  N  N   . HIS A 1 96  ? 14.947  15.630  1.054   1.00 39.20  ? 135 HIS A N   1 
ATOM   752  C  CA  . HIS A 1 96  ? 15.281  14.192  1.040   1.00 41.53  ? 135 HIS A CA  1 
ATOM   753  C  C   . HIS A 1 96  ? 14.181  13.451  0.284   1.00 39.42  ? 135 HIS A C   1 
ATOM   754  O  O   . HIS A 1 96  ? 14.456  12.578  -0.573  1.00 39.64  ? 135 HIS A O   1 
ATOM   755  C  CB  . HIS A 1 96  ? 15.401  13.648  2.460   1.00 41.51  ? 135 HIS A CB  1 
ATOM   756  C  CG  . HIS A 1 96  ? 15.589  12.178  2.474   1.00 40.59  ? 135 HIS A CG  1 
ATOM   757  N  ND1 . HIS A 1 96  ? 16.843  11.589  2.338   1.00 44.42  ? 135 HIS A ND1 1 
ATOM   758  C  CD2 . HIS A 1 96  ? 14.695  11.174  2.610   1.00 37.65  ? 135 HIS A CD2 1 
ATOM   759  C  CE1 . HIS A 1 96  ? 16.720  10.275  2.393   1.00 47.62  ? 135 HIS A CE1 1 
ATOM   760  N  NE2 . HIS A 1 96  ? 15.392  9.993   2.539   1.00 43.16  ? 135 HIS A NE2 1 
ATOM   761  N  N   . TRP A 1 97  ? 12.968  13.772  0.641   1.00 37.08  ? 136 TRP A N   1 
ATOM   762  C  CA  . TRP A 1 97  ? 11.772  13.085  0.108   1.00 35.86  ? 136 TRP A CA  1 
ATOM   763  C  C   . TRP A 1 97  ? 11.567  13.422  -1.366  1.00 40.61  ? 136 TRP A C   1 
ATOM   764  O  O   . TRP A 1 97  ? 11.047  12.564  -2.089  1.00 45.10  ? 136 TRP A O   1 
ATOM   765  C  CB  . TRP A 1 97  ? 10.559  13.506  0.908   1.00 36.89  ? 136 TRP A CB  1 
ATOM   766  C  CG  . TRP A 1 97  ? 10.620  13.111  2.341   1.00 35.00  ? 136 TRP A CG  1 
ATOM   767  C  CD1 . TRP A 1 97  ? 10.615  13.953  3.401   1.00 34.14  ? 136 TRP A CD1 1 
ATOM   768  C  CD2 . TRP A 1 97  ? 10.621  11.784  2.871   1.00 32.77  ? 136 TRP A CD2 1 
ATOM   769  N  NE1 . TRP A 1 97  ? 10.578  13.245  4.568   1.00 32.08  ? 136 TRP A NE1 1 
ATOM   770  C  CE2 . TRP A 1 97  ? 10.641  11.912  4.275   1.00 30.28  ? 136 TRP A CE2 1 
ATOM   771  C  CE3 . TRP A 1 97  ? 10.657  10.507  2.309   1.00 34.03  ? 136 TRP A CE3 1 
ATOM   772  C  CZ2 . TRP A 1 97  ? 10.610  10.818  5.121   1.00 31.27  ? 136 TRP A CZ2 1 
ATOM   773  C  CZ3 . TRP A 1 97  ? 10.636  9.421   3.148   1.00 33.85  ? 136 TRP A CZ3 1 
ATOM   774  C  CH2 . TRP A 1 97  ? 10.597  9.575   4.534   1.00 31.94  ? 136 TRP A CH2 1 
ATOM   775  N  N   . MET A 1 98  ? 11.957  14.627  -1.788  1.00 42.07  ? 137 MET A N   1 
ATOM   776  C  CA  . MET A 1 98  ? 11.701  15.132  -3.162  1.00 43.62  ? 137 MET A CA  1 
ATOM   777  C  C   . MET A 1 98  ? 12.844  14.754  -4.102  1.00 43.77  ? 137 MET A C   1 
ATOM   778  O  O   . MET A 1 98  ? 12.601  14.835  -5.289  1.00 43.67  ? 137 MET A O   1 
ATOM   779  C  CB  . MET A 1 98  ? 11.510  16.648  -3.178  1.00 43.16  ? 137 MET A CB  1 
ATOM   780  C  CG  . MET A 1 98  ? 10.231  17.080  -2.524  1.00 46.78  ? 137 MET A CG  1 
ATOM   781  S  SD  . MET A 1 98  ? 9.863   18.844  -2.794  1.00 45.09  ? 137 MET A SD  1 
ATOM   782  C  CE  . MET A 1 98  ? 11.049  19.636  -1.703  1.00 51.79  ? 137 MET A CE  1 
ATOM   783  N  N   . LYS A 1 99  ? 13.993  14.267  -3.619  1.00 45.97  ? 138 LYS A N   1 
ATOM   784  C  CA  . LYS A 1 99  ? 15.177  14.031  -4.499  1.00 46.94  ? 138 LYS A CA  1 
ATOM   785  C  C   . LYS A 1 99  ? 15.056  12.705  -5.255  1.00 50.45  ? 138 LYS A C   1 
ATOM   786  O  O   . LYS A 1 99  ? 15.776  12.518  -6.264  1.00 48.80  ? 138 LYS A O   1 
ATOM   787  C  CB  . LYS A 1 99  ? 16.491  14.145  -3.717  1.00 47.46  ? 138 LYS A CB  1 
ATOM   788  C  CG  . LYS A 1 99  ? 16.771  13.091  -2.655  1.00 51.56  ? 138 LYS A CG  1 
ATOM   789  C  CD  . LYS A 1 99  ? 18.211  13.190  -2.085  1.00 64.40  ? 138 LYS A CD  1 
ATOM   790  C  CE  . LYS A 1 99  ? 18.718  11.947  -1.369  1.00 67.48  ? 138 LYS A CE  1 
ATOM   791  N  NZ  . LYS A 1 99  ? 19.045  12.192  0.061   1.00 73.88  ? 138 LYS A NZ  1 
ATOM   792  N  N   . ALA A 1 100 ? 14.165  11.808  -4.839  1.00 48.40  ? 139 ALA A N   1 
ATOM   793  C  CA  . ALA A 1 100 ? 13.900  10.546  -5.559  1.00 44.55  ? 139 ALA A CA  1 
ATOM   794  C  C   . ALA A 1 100 ? 12.549  9.996   -5.127  1.00 40.27  ? 139 ALA A C   1 
ATOM   795  O  O   . ALA A 1 100 ? 12.064  10.377  -4.079  1.00 42.95  ? 139 ALA A O   1 
ATOM   796  C  CB  . ALA A 1 100 ? 15.008  9.558   -5.282  1.00 47.39  ? 139 ALA A CB  1 
ATOM   797  N  N   . PRO A 1 101 ? 11.906  9.120   -5.927  1.00 41.58  ? 140 PRO A N   1 
ATOM   798  C  CA  . PRO A 1 101 ? 10.629  8.538   -5.547  1.00 39.91  ? 140 PRO A CA  1 
ATOM   799  C  C   . PRO A 1 101 ? 10.748  7.913   -4.156  1.00 38.99  ? 140 PRO A C   1 
ATOM   800  O  O   . PRO A 1 101 ? 11.749  7.298   -3.857  1.00 35.55  ? 140 PRO A O   1 
ATOM   801  C  CB  . PRO A 1 101 ? 10.355  7.470   -6.608  1.00 43.49  ? 140 PRO A CB  1 
ATOM   802  C  CG  . PRO A 1 101 ? 11.117  7.946   -7.832  1.00 45.02  ? 140 PRO A CG  1 
ATOM   803  C  CD  . PRO A 1 101 ? 12.313  8.708   -7.283  1.00 48.30  ? 140 PRO A CD  1 
ATOM   804  N  N   . VAL A 1 102 ? 9.751   8.148   -3.319  1.00 34.96  ? 141 VAL A N   1 
ATOM   805  C  CA  . VAL A 1 102 ? 9.679   7.527   -1.964  1.00 36.76  ? 141 VAL A CA  1 
ATOM   806  C  C   . VAL A 1 102 ? 9.194   6.085   -2.120  1.00 35.52  ? 141 VAL A C   1 
ATOM   807  O  O   . VAL A 1 102 ? 8.051   5.842   -2.581  1.00 34.25  ? 141 VAL A O   1 
ATOM   808  C  CB  . VAL A 1 102 ? 8.790   8.340   -1.019  1.00 35.38  ? 141 VAL A CB  1 
ATOM   809  C  CG1 . VAL A 1 102 ? 8.743   7.737   0.370   1.00 34.86  ? 141 VAL A CG1 1 
ATOM   810  C  CG2 . VAL A 1 102 ? 9.202   9.809   -0.993  1.00 39.23  ? 141 VAL A CG2 1 
ATOM   811  N  N   . SER A 1 103 ? 10.053  5.140   -1.790  1.00 33.75  ? 142 SER A N   1 
ATOM   812  C  CA  . SER A 1 103 ? 9.825   3.734   -2.175  1.00 35.81  ? 142 SER A CA  1 
ATOM   813  C  C   . SER A 1 103 ? 9.554   2.903   -0.914  1.00 33.36  ? 142 SER A C   1 
ATOM   814  O  O   . SER A 1 103 ? 10.437  2.815   -0.034  1.00 36.28  ? 142 SER A O   1 
ATOM   815  C  CB  . SER A 1 103 ? 10.980  3.266   -2.983  1.00 38.05  ? 142 SER A CB  1 
ATOM   816  O  OG  . SER A 1 103 ? 10.889  1.883   -3.182  1.00 39.18  ? 142 SER A OG  1 
ATOM   817  N  N   . PHE A 1 104 ? 8.374   2.285   -0.823  1.00 31.15  ? 143 PHE A N   1 
ATOM   818  C  CA  . PHE A 1 104 ? 7.991   1.485   0.381   1.00 28.88  ? 143 PHE A CA  1 
ATOM   819  C  C   . PHE A 1 104 ? 8.410   0.015   0.187   1.00 34.99  ? 143 PHE A C   1 
ATOM   820  O  O   . PHE A 1 104 ? 7.597   -0.911  0.297   1.00 33.18  ? 143 PHE A O   1 
ATOM   821  C  CB  . PHE A 1 104 ? 6.483   1.680   0.636   1.00 31.15  ? 143 PHE A CB  1 
ATOM   822  C  CG  . PHE A 1 104 ? 6.136   3.075   1.106   1.00 30.62  ? 143 PHE A CG  1 
ATOM   823  C  CD1 . PHE A 1 104 ? 6.082   3.362   2.462   1.00 30.48  ? 143 PHE A CD1 1 
ATOM   824  C  CD2 . PHE A 1 104 ? 5.888   4.099   0.207   1.00 33.47  ? 143 PHE A CD2 1 
ATOM   825  C  CE1 . PHE A 1 104 ? 5.736   4.627   2.906   1.00 33.62  ? 143 PHE A CE1 1 
ATOM   826  C  CE2 . PHE A 1 104 ? 5.552   5.370   0.658   1.00 34.65  ? 143 PHE A CE2 1 
ATOM   827  C  CZ  . PHE A 1 104 ? 5.475   5.623   2.002   1.00 33.86  ? 143 PHE A CZ  1 
ATOM   828  N  N   . SER A 1 105 ? 9.692   -0.231  -0.071  1.00 31.28  ? 144 SER A N   1 
ATOM   829  C  CA  . SER A 1 105 ? 10.180  -1.559  -0.517  1.00 34.78  ? 144 SER A CA  1 
ATOM   830  C  C   . SER A 1 105 ? 10.276  -2.526  0.661   1.00 30.52  ? 144 SER A C   1 
ATOM   831  O  O   . SER A 1 105 ? 10.336  -3.755  0.369   1.00 38.26  ? 144 SER A O   1 
ATOM   832  C  CB  . SER A 1 105 ? 11.481  -1.424  -1.218  1.00 33.22  ? 144 SER A CB  1 
ATOM   833  O  OG  . SER A 1 105 ? 12.422  -0.947  -0.306  1.00 36.92  ? 144 SER A OG  1 
ATOM   834  N  N   . LYS A 1 106 ? 10.283  -2.026  1.894   1.00 32.30  ? 145 LYS A N   1 
ATOM   835  C  CA  . LYS A 1 106 ? 10.554  -2.843  3.117   1.00 34.70  ? 145 LYS A CA  1 
ATOM   836  C  C   . LYS A 1 106 ? 9.300   -3.134  3.951   1.00 38.35  ? 145 LYS A C   1 
ATOM   837  O  O   . LYS A 1 106 ? 9.399   -3.878  4.934   1.00 37.24  ? 145 LYS A O   1 
ATOM   838  C  CB  . LYS A 1 106 ? 11.593  -2.142  3.990   1.00 36.88  ? 145 LYS A CB  1 
ATOM   839  C  CG  . LYS A 1 106 ? 12.905  -1.858  3.295   1.00 36.06  ? 145 LYS A CG  1 
ATOM   840  C  CD  . LYS A 1 106 ? 13.526  -3.087  2.737   1.00 37.41  ? 145 LYS A CD  1 
ATOM   841  C  CE  . LYS A 1 106 ? 15.006  -2.860  2.498   1.00 36.63  ? 145 LYS A CE  1 
ATOM   842  N  NZ  . LYS A 1 106 ? 15.591  -4.119  2.003   1.00 40.91  ? 145 LYS A NZ  1 
ATOM   843  N  N   . VAL A 1 107 ? 8.124   -2.629  3.560   1.00 36.02  ? 146 VAL A N   1 
ATOM   844  C  CA  . VAL A 1 107 ? 6.884   -3.020  4.267   1.00 35.52  ? 146 VAL A CA  1 
ATOM   845  C  C   . VAL A 1 107 ? 6.625   -4.503  3.986   1.00 30.56  ? 146 VAL A C   1 
ATOM   846  O  O   . VAL A 1 107 ? 6.753   -4.943  2.848   1.00 33.42  ? 146 VAL A O   1 
ATOM   847  C  CB  . VAL A 1 107 ? 5.680   -2.117  3.909   1.00 31.26  ? 146 VAL A CB  1 
ATOM   848  C  CG1 . VAL A 1 107 ? 5.270   -2.245  2.444   1.00 33.85  ? 146 VAL A CG1 1 
ATOM   849  C  CG2 . VAL A 1 107 ? 4.516   -2.423  4.836   1.00 33.66  ? 146 VAL A CG2 1 
ATOM   850  N  N   . LYS A 1 108 ? 6.239   -5.235  5.019   1.00 32.53  ? 147 LYS A N   1 
ATOM   851  C  CA  . LYS A 1 108 ? 5.848   -6.655  4.915   1.00 35.58  ? 147 LYS A CA  1 
ATOM   852  C  C   . LYS A 1 108 ? 4.392   -6.819  5.339   1.00 34.59  ? 147 LYS A C   1 
ATOM   853  O  O   . LYS A 1 108 ? 4.013   -6.319  6.403   1.00 37.39  ? 147 LYS A O   1 
ATOM   854  C  CB  . LYS A 1 108 ? 6.711   -7.523  5.826   1.00 40.31  ? 147 LYS A CB  1 
ATOM   855  C  CG  . LYS A 1 108 ? 8.193   -7.454  5.519   1.00 47.61  ? 147 LYS A CG  1 
ATOM   856  C  CD  . LYS A 1 108 ? 9.055   -7.971  6.639   1.00 53.17  ? 147 LYS A CD  1 
ATOM   857  C  CE  . LYS A 1 108 ? 9.648   -9.326  6.349   1.00 57.13  ? 147 LYS A CE  1 
ATOM   858  N  NZ  . LYS A 1 108 ? 10.875  -9.531  7.152   1.00 54.65  ? 147 LYS A NZ  1 
ATOM   859  N  N   . LEU A 1 109 ? 3.629   -7.508  4.520   1.00 38.48  ? 148 LEU A N   1 
ATOM   860  C  CA  . LEU A 1 109 ? 2.183   -7.767  4.749   1.00 37.60  ? 148 LEU A CA  1 
ATOM   861  C  C   . LEU A 1 109 ? 2.064   -9.148  5.389   1.00 39.72  ? 148 LEU A C   1 
ATOM   862  O  O   . LEU A 1 109 ? 2.614   -10.106 4.795   1.00 36.62  ? 148 LEU A O   1 
ATOM   863  C  CB  . LEU A 1 109 ? 1.465   -7.703  3.405   1.00 34.39  ? 148 LEU A CB  1 
ATOM   864  C  CG  . LEU A 1 109 ? 1.667   -6.402  2.617   1.00 31.88  ? 148 LEU A CG  1 
ATOM   865  C  CD1 . LEU A 1 109 ? 0.824   -6.384  1.349   1.00 32.87  ? 148 LEU A CD1 1 
ATOM   866  C  CD2 . LEU A 1 109 ? 1.408   -5.200  3.515   1.00 34.77  ? 148 LEU A CD2 1 
ATOM   867  N  N   . THR A 1 110 ? 1.366   -9.236  6.515   1.00 40.68  ? 149 THR A N   1 
ATOM   868  C  CA  . THR A 1 110 ? 1.166   -10.513 7.250   1.00 44.32  ? 149 THR A CA  1 
ATOM   869  C  C   . THR A 1 110 ? -0.327  -10.757 7.455   1.00 44.82  ? 149 THR A C   1 
ATOM   870  O  O   . THR A 1 110 ? -1.121  -9.790  7.326   1.00 42.73  ? 149 THR A O   1 
ATOM   871  C  CB  . THR A 1 110 ? 1.966   -10.539 8.567   1.00 44.89  ? 149 THR A CB  1 
ATOM   872  O  OG1 . THR A 1 110 ? 1.770   -11.792 9.226   1.00 48.72  ? 149 THR A OG1 1 
ATOM   873  C  CG2 . THR A 1 110 ? 1.613   -9.452  9.553   1.00 41.61  ? 149 THR A CG2 1 
ATOM   874  N  N   . ASN A 1 111 ? -0.662  -11.978 7.884   1.00 45.21  ? 150 ASN A N   1 
ATOM   875  C  CA  . ASN A 1 111 ? -2.026  -12.368 8.337   1.00 50.13  ? 150 ASN A CA  1 
ATOM   876  C  C   . ASN A 1 111 ? -2.054  -12.632 9.851   1.00 51.54  ? 150 ASN A C   1 
ATOM   877  O  O   . ASN A 1 111 ? -3.128  -12.995 10.327  1.00 55.63  ? 150 ASN A O   1 
ATOM   878  C  CB  . ASN A 1 111 ? -2.605  -13.529 7.511   1.00 50.33  ? 150 ASN A CB  1 
ATOM   879  C  CG  . ASN A 1 111 ? -1.723  -14.759 7.367   1.00 50.24  ? 150 ASN A CG  1 
ATOM   880  O  OD1 . ASN A 1 111 ? -2.136  -15.713 6.721   1.00 59.27  ? 150 ASN A OD1 1 
ATOM   881  N  ND2 . ASN A 1 111 ? -0.528  -14.761 7.926   1.00 46.54  ? 150 ASN A ND2 1 
ATOM   882  N  N   . LYS A 1 112 ? -0.979  -12.368 10.604  1.00 54.32  ? 151 LYS A N   1 
ATOM   883  C  CA  . LYS A 1 112 ? -0.873  -12.754 12.045  1.00 65.81  ? 151 LYS A CA  1 
ATOM   884  C  C   . LYS A 1 112 ? -0.371  -11.564 12.871  1.00 68.61  ? 151 LYS A C   1 
ATOM   885  O  O   . LYS A 1 112 ? 0.607   -10.934 12.437  1.00 70.87  ? 151 LYS A O   1 
ATOM   886  C  CB  . LYS A 1 112 ? 0.074   -13.953 12.206  1.00 75.12  ? 151 LYS A CB  1 
ATOM   887  C  CG  . LYS A 1 112 ? -0.259  -15.185 11.362  1.00 79.39  ? 151 LYS A CG  1 
ATOM   888  C  CD  . LYS A 1 112 ? -1.238  -16.150 12.008  1.00 85.43  ? 151 LYS A CD  1 
ATOM   889  C  CE  . LYS A 1 112 ? -1.245  -17.523 11.367  1.00 86.24  ? 151 LYS A CE  1 
ATOM   890  N  NZ  . LYS A 1 112 ? -2.225  -18.415 12.031  1.00 89.10  ? 151 LYS A NZ  1 
ATOM   891  N  N   . LEU A 1 113 ? -1.013  -11.271 14.012  1.00 78.54  ? 152 LEU A N   1 
ATOM   892  C  CA  . LEU A 1 113 ? -0.547  -10.233 14.980  1.00 82.04  ? 152 LEU A CA  1 
ATOM   893  C  C   . LEU A 1 113 ? 0.886   -10.600 15.391  1.00 90.02  ? 152 LEU A C   1 
ATOM   894  O  O   . LEU A 1 113 ? 1.109   -11.764 15.781  1.00 92.32  ? 152 LEU A O   1 
ATOM   895  C  CB  . LEU A 1 113 ? -1.491  -10.083 16.187  1.00 80.89  ? 152 LEU A CB  1 
ATOM   896  C  CG  . LEU A 1 113 ? -2.277  -11.299 16.706  1.00 84.07  ? 152 LEU A CG  1 
ATOM   897  C  CD1 . LEU A 1 113 ? -3.572  -11.524 15.926  1.00 79.88  ? 152 LEU A CD1 1 
ATOM   898  C  CD2 . LEU A 1 113 ? -1.448  -12.584 16.775  1.00 85.96  ? 152 LEU A CD2 1 
ATOM   899  N  N   . ASN A 1 114 ? 1.829   -9.666  15.240  1.00 93.16  ? 153 ASN A N   1 
ATOM   900  C  CA  . ASN A 1 114 ? 3.285   -9.972  15.186  1.00 103.44 ? 153 ASN A CA  1 
ATOM   901  C  C   . ASN A 1 114 ? 4.090   -8.844  15.847  1.00 104.43 ? 153 ASN A C   1 
ATOM   902  O  O   . ASN A 1 114 ? 3.547   -7.722  15.962  1.00 112.55 ? 153 ASN A O   1 
ATOM   903  C  CB  . ASN A 1 114 ? 3.754   -10.201 13.743  1.00 106.12 ? 153 ASN A CB  1 
ATOM   904  C  CG  . ASN A 1 114 ? 3.329   -11.530 13.144  1.00 108.94 ? 153 ASN A CG  1 
ATOM   905  O  OD1 . ASN A 1 114 ? 3.196   -12.544 13.838  1.00 104.90 ? 153 ASN A OD1 1 
ATOM   906  N  ND2 . ASN A 1 114 ? 3.129   -11.542 11.836  1.00 98.94  ? 153 ASN A ND2 1 
ATOM   907  N  N   . GLY A 1 115 ? 5.339   -9.148  16.231  1.00 108.33 ? 154 GLY A N   1 
ATOM   908  C  CA  . GLY A 1 115 ? 6.295   -8.249  16.916  1.00 108.39 ? 154 GLY A CA  1 
ATOM   909  C  C   . GLY A 1 115 ? 6.083   -6.781  16.577  1.00 99.48  ? 154 GLY A C   1 
ATOM   910  O  O   . GLY A 1 115 ? 5.932   -5.975  17.510  1.00 97.47  ? 154 GLY A O   1 
ATOM   911  N  N   . GLY A 1 116 ? 6.054   -6.445  15.288  1.00 92.98  ? 155 GLY A N   1 
ATOM   912  C  CA  . GLY A 1 116 ? 5.928   -5.061  14.798  1.00 83.76  ? 155 GLY A CA  1 
ATOM   913  C  C   . GLY A 1 116 ? 6.757   -4.877  13.549  1.00 80.95  ? 155 GLY A C   1 
ATOM   914  O  O   . GLY A 1 116 ? 7.520   -5.788  13.196  1.00 82.34  ? 155 GLY A O   1 
ATOM   915  N  N   . GLY A 1 117 ? 6.648   -3.721  12.910  1.00 80.67  ? 156 GLY A N   1 
ATOM   916  C  CA  . GLY A 1 117 ? 7.096   -3.545  11.520  1.00 74.44  ? 156 GLY A CA  1 
ATOM   917  C  C   . GLY A 1 117 ? 6.020   -4.080  10.604  1.00 64.81  ? 156 GLY A C   1 
ATOM   918  O  O   . GLY A 1 117 ? 5.312   -3.253  10.024  1.00 69.97  ? 156 GLY A O   1 
ATOM   919  N  N   . GLN A 1 118 ? 5.831   -5.408  10.566  1.00 59.92  ? 157 GLN A N   1 
ATOM   920  C  CA  . GLN A 1 118 ? 4.836   -6.073  9.677   1.00 54.37  ? 157 GLN A CA  1 
ATOM   921  C  C   . GLN A 1 118 ? 3.463   -5.430  9.879   1.00 50.96  ? 157 GLN A C   1 
ATOM   922  O  O   . GLN A 1 118 ? 3.151   -5.025  10.998  1.00 47.44  ? 157 GLN A O   1 
ATOM   923  C  CB  . GLN A 1 118 ? 4.645   -7.571  9.928   1.00 57.37  ? 157 GLN A CB  1 
ATOM   924  C  CG  . GLN A 1 118 ? 5.869   -8.415  9.679   1.00 59.09  ? 157 GLN A CG  1 
ATOM   925  C  CD  . GLN A 1 118 ? 6.400   -8.944  10.985  1.00 64.42  ? 157 GLN A CD  1 
ATOM   926  O  OE1 . GLN A 1 118 ? 6.521   -10.149 11.177  1.00 71.24  ? 157 GLN A OE1 1 
ATOM   927  N  NE2 . GLN A 1 118 ? 6.693   -8.044  11.909  1.00 55.33  ? 157 GLN A NE2 1 
ATOM   928  N  N   . ILE A 1 119 ? 2.700   -5.317  8.799   1.00 43.32  ? 158 ILE A N   1 
ATOM   929  C  CA  . ILE A 1 119 ? 1.315   -4.794  8.823   1.00 42.11  ? 158 ILE A CA  1 
ATOM   930  C  C   . ILE A 1 119 ? 0.396   -5.986  8.595   1.00 37.59  ? 158 ILE A C   1 
ATOM   931  O  O   . ILE A 1 119 ? 0.513   -6.621  7.537   1.00 38.97  ? 158 ILE A O   1 
ATOM   932  C  CB  . ILE A 1 119 ? 1.142   -3.729  7.731   1.00 40.77  ? 158 ILE A CB  1 
ATOM   933  C  CG1 . ILE A 1 119 ? 2.108   -2.562  7.951   1.00 40.79  ? 158 ILE A CG1 1 
ATOM   934  C  CG2 . ILE A 1 119 ? -0.309  -3.311  7.610   1.00 39.97  ? 158 ILE A CG2 1 
ATOM   935  C  CD1 . ILE A 1 119 ? 2.034   -1.932  9.344   1.00 43.62  ? 158 ILE A CD1 1 
ATOM   936  N  N   . MET A 1 120 ? -0.512  -6.219  9.540   1.00 41.81  ? 159 MET A N   1 
ATOM   937  C  CA  . MET A 1 120 ? -1.490  -7.327  9.474   1.00 44.86  ? 159 MET A CA  1 
ATOM   938  C  C   . MET A 1 120 ? -2.664  -6.909  8.607   1.00 41.55  ? 159 MET A C   1 
ATOM   939  O  O   . MET A 1 120 ? -3.265  -5.848  8.859   1.00 41.38  ? 159 MET A O   1 
ATOM   940  C  CB  . MET A 1 120 ? -2.025  -7.701  10.857  1.00 51.65  ? 159 MET A CB  1 
ATOM   941  C  CG  . MET A 1 120 ? -2.907  -8.951  10.828  1.00 59.97  ? 159 MET A CG  1 
ATOM   942  S  SD  . MET A 1 120 ? -3.483  -9.350  12.485  1.00 70.97  ? 159 MET A SD  1 
ATOM   943  C  CE  . MET A 1 120 ? -4.925  -8.284  12.584  1.00 70.68  ? 159 MET A CE  1 
ATOM   944  N  N   . LEU A 1 121 ? -2.967  -7.711  7.604   1.00 36.97  ? 160 LEU A N   1 
ATOM   945  C  CA  . LEU A 1 121 ? -4.174  -7.542  6.787   1.00 36.58  ? 160 LEU A CA  1 
ATOM   946  C  C   . LEU A 1 121 ? -5.019  -8.788  6.997   1.00 43.55  ? 160 LEU A C   1 
ATOM   947  O  O   . LEU A 1 121 ? -4.451  -9.777  7.493   1.00 44.84  ? 160 LEU A O   1 
ATOM   948  C  CB  . LEU A 1 121 ? -3.781  -7.368  5.321   1.00 39.38  ? 160 LEU A CB  1 
ATOM   949  C  CG  . LEU A 1 121 ? -2.866  -6.194  5.006   1.00 34.38  ? 160 LEU A CG  1 
ATOM   950  C  CD1 . LEU A 1 121 ? -2.573  -6.114  3.527   1.00 32.07  ? 160 LEU A CD1 1 
ATOM   951  C  CD2 . LEU A 1 121 ? -3.472  -4.868  5.487   1.00 38.63  ? 160 LEU A CD2 1 
ATOM   952  N  N   . ASN A 1 122 ? -6.305  -8.711  6.647   1.00 46.95  ? 161 ASN A N   1 
ATOM   953  C  CA  . ASN A 1 122 ? -7.219  -9.880  6.582   1.00 48.28  ? 161 ASN A CA  1 
ATOM   954  C  C   . ASN A 1 122 ? -7.103  -10.496 5.189   1.00 47.51  ? 161 ASN A C   1 
ATOM   955  O  O   . ASN A 1 122 ? -7.388  -9.820  4.162   1.00 40.37  ? 161 ASN A O   1 
ATOM   956  C  CB  . ASN A 1 122 ? -8.688  -9.541  6.847   1.00 48.22  ? 161 ASN A CB  1 
ATOM   957  C  CG  . ASN A 1 122 ? -8.952  -9.048  8.252   1.00 53.70  ? 161 ASN A CG  1 
ATOM   958  O  OD1 . ASN A 1 122 ? -8.371  -9.560  9.208   1.00 55.37  ? 161 ASN A OD1 1 
ATOM   959  N  ND2 . ASN A 1 122 ? -9.827  -8.057  8.376   1.00 59.67  ? 161 ASN A ND2 1 
ATOM   960  N  N   . SER A 1 123 ? -6.735  -11.763 5.137   1.00 41.39  ? 162 SER A N   1 
ATOM   961  C  CA  . SER A 1 123 ? -6.772  -12.518 3.869   1.00 44.04  ? 162 SER A CA  1 
ATOM   962  C  C   . SER A 1 123 ? -8.162  -12.424 3.215   1.00 38.92  ? 162 SER A C   1 
ATOM   963  O  O   . SER A 1 123 ? -9.175  -12.374 3.938   1.00 38.86  ? 162 SER A O   1 
ATOM   964  C  CB  . SER A 1 123 ? -6.352  -13.937 4.105   1.00 48.67  ? 162 SER A CB  1 
ATOM   965  O  OG  . SER A 1 123 ? -6.050  -14.512 2.857   1.00 54.35  ? 162 SER A OG  1 
ATOM   966  N  N   . LEU A 1 124 ? -8.195  -12.373 1.878   1.00 38.36  ? 163 LEU A N   1 
ATOM   967  C  CA  . LEU A 1 124 ? -9.392  -12.339 0.999   1.00 36.78  ? 163 LEU A CA  1 
ATOM   968  C  C   . LEU A 1 124 ? -10.210 -11.037 1.174   1.00 36.71  ? 163 LEU A C   1 
ATOM   969  O  O   . LEU A 1 124 ? -11.395 -11.019 0.767   1.00 37.13  ? 163 LEU A O   1 
ATOM   970  C  CB  . LEU A 1 124 ? -10.230 -13.593 1.285   1.00 43.82  ? 163 LEU A CB  1 
ATOM   971  C  CG  . LEU A 1 124 ? -9.522  -14.919 0.962   1.00 43.07  ? 163 LEU A CG  1 
ATOM   972  C  CD1 . LEU A 1 124 ? -10.509 -16.071 0.896   1.00 47.99  ? 163 LEU A CD1 1 
ATOM   973  C  CD2 . LEU A 1 124 ? -8.771  -14.844 -0.357  1.00 42.09  ? 163 LEU A CD2 1 
ATOM   974  N  N   . HIS A 1 125 ? -9.612  -9.996  1.760   1.00 36.15  ? 164 HIS A N   1 
ATOM   975  C  CA  . HIS A 1 125 ? -10.172 -8.612  1.749   1.00 35.60  ? 164 HIS A CA  1 
ATOM   976  C  C   . HIS A 1 125 ? -9.413  -7.760  0.720   1.00 37.35  ? 164 HIS A C   1 
ATOM   977  O  O   . HIS A 1 125 ? -8.184  -7.996  0.449   1.00 30.00  ? 164 HIS A O   1 
ATOM   978  C  CB  . HIS A 1 125 ? -10.200 -8.019  3.155   1.00 37.63  ? 164 HIS A CB  1 
ATOM   979  C  CG  . HIS A 1 125 ? -11.211 -8.723  3.989   1.00 43.76  ? 164 HIS A CG  1 
ATOM   980  N  ND1 . HIS A 1 125 ? -11.111 -10.077 4.285   1.00 54.35  ? 164 HIS A ND1 1 
ATOM   981  C  CD2 . HIS A 1 125 ? -12.389 -8.303  4.500   1.00 45.96  ? 164 HIS A CD2 1 
ATOM   982  C  CE1 . HIS A 1 125 ? -12.173 -10.454 4.990   1.00 47.16  ? 164 HIS A CE1 1 
ATOM   983  N  NE2 . HIS A 1 125 ? -12.968 -9.386  5.137   1.00 48.81  ? 164 HIS A NE2 1 
ATOM   984  N  N   . LYS A 1 126 ? -10.125 -6.787  0.172   1.00 31.63  ? 165 LYS A N   1 
ATOM   985  C  CA  . LYS A 1 126 ? -9.585  -5.881  -0.845  1.00 32.78  ? 165 LYS A CA  1 
ATOM   986  C  C   . LYS A 1 126 ? -9.115  -4.615  -0.110  1.00 35.43  ? 165 LYS A C   1 
ATOM   987  O  O   . LYS A 1 126 ? -9.865  -4.111  0.745   1.00 30.41  ? 165 LYS A O   1 
ATOM   988  C  CB  . LYS A 1 126 ? -10.669 -5.638  -1.877  1.00 36.56  ? 165 LYS A CB  1 
ATOM   989  C  CG  . LYS A 1 126 ? -10.274 -4.727  -3.026  1.00 41.55  ? 165 LYS A CG  1 
ATOM   990  C  CD  . LYS A 1 126 ? -11.327 -4.647  -4.090  1.00 43.96  ? 165 LYS A CD  1 
ATOM   991  C  CE  . LYS A 1 126 ? -11.308 -5.847  -5.012  1.00 48.28  ? 165 LYS A CE  1 
ATOM   992  N  NZ  . LYS A 1 126 ? -12.126 -5.626  -6.225  1.00 45.99  ? 165 LYS A NZ  1 
ATOM   993  N  N   . TYR A 1 127 ? -7.980  -4.063  -0.526  1.00 30.25  ? 166 TYR A N   1 
ATOM   994  C  CA  . TYR A 1 127 ? -7.286  -2.964  0.188   1.00 27.33  ? 166 TYR A CA  1 
ATOM   995  C  C   . TYR A 1 127 ? -6.880  -1.921  -0.828  1.00 29.00  ? 166 TYR A C   1 
ATOM   996  O  O   . TYR A 1 127 ? -6.529  -2.263  -1.972  1.00 28.31  ? 166 TYR A O   1 
ATOM   997  C  CB  . TYR A 1 127 ? -6.087  -3.470  0.996   1.00 28.30  ? 166 TYR A CB  1 
ATOM   998  C  CG  . TYR A 1 127 ? -6.477  -4.289  2.198   1.00 31.84  ? 166 TYR A CG  1 
ATOM   999  C  CD1 . TYR A 1 127 ? -6.897  -3.686  3.362   1.00 32.36  ? 166 TYR A CD1 1 
ATOM   1000 C  CD2 . TYR A 1 127 ? -6.502  -5.674  2.142   1.00 33.12  ? 166 TYR A CD2 1 
ATOM   1001 C  CE1 . TYR A 1 127 ? -7.281  -4.421  4.469   1.00 33.83  ? 166 TYR A CE1 1 
ATOM   1002 C  CE2 . TYR A 1 127 ? -6.882  -6.422  3.246   1.00 32.51  ? 166 TYR A CE2 1 
ATOM   1003 C  CZ  . TYR A 1 127 ? -7.285  -5.800  4.401   1.00 37.14  ? 166 TYR A CZ  1 
ATOM   1004 O  OH  . TYR A 1 127 ? -7.681  -6.563  5.464   1.00 41.76  ? 166 TYR A OH  1 
ATOM   1005 N  N   . GLU A 1 128 ? -6.887  -0.669  -0.361  1.00 27.65  ? 167 GLU A N   1 
ATOM   1006 C  CA  . GLU A 1 128 ? -6.430  0.501   -1.138  1.00 28.99  ? 167 GLU A CA  1 
ATOM   1007 C  C   . GLU A 1 128 ? -5.320  1.154   -0.336  1.00 28.98  ? 167 GLU A C   1 
ATOM   1008 O  O   . GLU A 1 128 ? -5.553  1.728   0.724   1.00 27.55  ? 167 GLU A O   1 
ATOM   1009 C  CB  . GLU A 1 128 ? -7.573  1.506   -1.363  1.00 26.32  ? 167 GLU A CB  1 
ATOM   1010 C  CG  . GLU A 1 128 ? -7.203  2.587   -2.328  1.00 27.90  ? 167 GLU A CG  1 
ATOM   1011 C  CD  . GLU A 1 128 ? -8.414  3.418   -2.760  1.00 24.97  ? 167 GLU A CD  1 
ATOM   1012 O  OE1 . GLU A 1 128 ? -8.748  4.333   -1.941  1.00 27.04  ? 167 GLU A OE1 1 
ATOM   1013 O  OE2 . GLU A 1 128 ? -8.835  3.248   -3.897  1.00 24.14  ? 167 GLU A OE2 1 
ATOM   1014 N  N   . PRO A 1 129 ? -4.059  1.001   -0.800  1.00 26.54  ? 168 PRO A N   1 
ATOM   1015 C  CA  . PRO A 1 129 ? -2.954  1.720   -0.204  1.00 28.92  ? 168 PRO A CA  1 
ATOM   1016 C  C   . PRO A 1 129 ? -3.209  3.237   -0.133  1.00 25.70  ? 168 PRO A C   1 
ATOM   1017 O  O   . PRO A 1 129 ? -3.782  3.818   -1.040  1.00 29.02  ? 168 PRO A O   1 
ATOM   1018 C  CB  . PRO A 1 129 ? -1.754  1.392   -1.102  1.00 28.37  ? 168 PRO A CB  1 
ATOM   1019 C  CG  . PRO A 1 129 ? -2.150  0.028   -1.686  1.00 27.05  ? 168 PRO A CG  1 
ATOM   1020 C  CD  . PRO A 1 129 ? -3.657  0.136   -1.924  1.00 28.28  ? 168 PRO A CD  1 
ATOM   1021 N  N   . ARG A 1 130 ? -2.685  3.807   0.938   1.00 27.38  ? 169 ARG A N   1 
ATOM   1022 C  CA  . ARG A 1 130 ? -2.880  5.213   1.328   1.00 29.31  ? 169 ARG A CA  1 
ATOM   1023 C  C   . ARG A 1 130 ? -1.634  5.696   2.082   1.00 29.34  ? 169 ARG A C   1 
ATOM   1024 O  O   . ARG A 1 130 ? -1.115  4.984   2.966   1.00 28.87  ? 169 ARG A O   1 
ATOM   1025 C  CB  . ARG A 1 130 ? -4.178  5.358   2.123   1.00 31.54  ? 169 ARG A CB  1 
ATOM   1026 C  CG  . ARG A 1 130 ? -4.465  6.787   2.574   1.00 33.40  ? 169 ARG A CG  1 
ATOM   1027 C  CD  . ARG A 1 130 ? -5.788  6.763   3.324   1.00 28.74  ? 169 ARG A CD  1 
ATOM   1028 N  NE  . ARG A 1 130 ? -5.638  6.187   4.639   1.00 29.70  ? 169 ARG A NE  1 
ATOM   1029 C  CZ  . ARG A 1 130 ? -6.575  6.116   5.540   1.00 29.48  ? 169 ARG A CZ  1 
ATOM   1030 N  NH1 . ARG A 1 130 ? -7.783  6.605   5.281   1.00 30.75  ? 169 ARG A NH1 1 
ATOM   1031 N  NH2 . ARG A 1 130 ? -6.321  5.625   6.723   1.00 27.88  ? 169 ARG A NH2 1 
ATOM   1032 N  N   . ILE A 1 131 ? -1.154  6.879   1.733   1.00 29.73  ? 170 ILE A N   1 
ATOM   1033 C  CA  . ILE A 1 131 ? -0.031  7.462   2.504   1.00 29.39  ? 170 ILE A CA  1 
ATOM   1034 C  C   . ILE A 1 131 ? -0.528  8.681   3.269   1.00 34.54  ? 170 ILE A C   1 
ATOM   1035 O  O   . ILE A 1 131 ? -1.560  9.286   2.890   1.00 30.04  ? 170 ILE A O   1 
ATOM   1036 C  CB  . ILE A 1 131 ? 1.165   7.764   1.604   1.00 31.17  ? 170 ILE A CB  1 
ATOM   1037 C  CG1 . ILE A 1 131 ? 0.804   8.814   0.563   1.00 34.59  ? 170 ILE A CG1 1 
ATOM   1038 C  CG2 . ILE A 1 131 ? 1.720   6.492   0.978   1.00 32.82  ? 170 ILE A CG2 1 
ATOM   1039 C  CD1 . ILE A 1 131 ? 1.991   9.467   -0.098  1.00 40.88  ? 170 ILE A CD1 1 
ATOM   1040 N  N   . HIS A 1 132 ? 0.178   8.978   4.341   1.00 33.18  ? 171 HIS A N   1 
ATOM   1041 C  CA  . HIS A 1 132 ? 0.044   10.237  5.094   1.00 29.65  ? 171 HIS A CA  1 
ATOM   1042 C  C   . HIS A 1 132 ? 1.402   10.922  5.097   1.00 33.52  ? 171 HIS A C   1 
ATOM   1043 O  O   . HIS A 1 132 ? 2.422   10.252  5.402   1.00 31.88  ? 171 HIS A O   1 
ATOM   1044 C  CB  . HIS A 1 132 ? -0.435  9.947   6.495   1.00 31.30  ? 171 HIS A CB  1 
ATOM   1045 C  CG  . HIS A 1 132 ? -1.604  9.049   6.505   1.00 35.43  ? 171 HIS A CG  1 
ATOM   1046 N  ND1 . HIS A 1 132 ? -2.870  9.491   6.131   1.00 32.77  ? 171 HIS A ND1 1 
ATOM   1047 C  CD2 . HIS A 1 132 ? -1.727  7.756   6.866   1.00 35.51  ? 171 HIS A CD2 1 
ATOM   1048 C  CE1 . HIS A 1 132 ? -3.713  8.491   6.246   1.00 36.46  ? 171 HIS A CE1 1 
ATOM   1049 N  NE2 . HIS A 1 132 ? -3.033  7.404   6.673   1.00 35.82  ? 171 HIS A NE2 1 
ATOM   1050 N  N   . ILE A 1 133 ? 1.430   12.190  4.716   1.00 33.58  ? 172 ILE A N   1 
ATOM   1051 C  CA  . ILE A 1 133 ? 2.689   12.984  4.799   1.00 34.93  ? 172 ILE A CA  1 
ATOM   1052 C  C   . ILE A 1 133 ? 2.488   13.910  5.984   1.00 39.56  ? 172 ILE A C   1 
ATOM   1053 O  O   . ILE A 1 133 ? 1.543   14.742  5.928   1.00 36.35  ? 172 ILE A O   1 
ATOM   1054 C  CB  . ILE A 1 133 ? 2.995   13.746  3.510   1.00 38.21  ? 172 ILE A CB  1 
ATOM   1055 C  CG1 . ILE A 1 133 ? 3.135   12.807  2.333   1.00 33.76  ? 172 ILE A CG1 1 
ATOM   1056 C  CG2 . ILE A 1 133 ? 4.252   14.588  3.681   1.00 34.46  ? 172 ILE A CG2 1 
ATOM   1057 C  CD1 . ILE A 1 133 ? 3.149   13.508  1.016   1.00 36.82  ? 172 ILE A CD1 1 
ATOM   1058 N  N   . VAL A 1 134 ? 3.267   13.683  7.045   1.00 38.27  ? 173 VAL A N   1 
ATOM   1059 C  CA  . VAL A 1 134 ? 3.089   14.363  8.362   1.00 33.68  ? 173 VAL A CA  1 
ATOM   1060 C  C   . VAL A 1 134 ? 4.250   15.355  8.518   1.00 37.50  ? 173 VAL A C   1 
ATOM   1061 O  O   . VAL A 1 134 ? 5.433   14.902  8.511   1.00 37.05  ? 173 VAL A O   1 
ATOM   1062 C  CB  . VAL A 1 134 ? 3.019   13.375  9.529   1.00 36.00  ? 173 VAL A CB  1 
ATOM   1063 C  CG1 . VAL A 1 134 ? 2.697   14.076  10.841  1.00 37.88  ? 173 VAL A CG1 1 
ATOM   1064 C  CG2 . VAL A 1 134 ? 2.011   12.243  9.267   1.00 40.54  ? 173 VAL A CG2 1 
ATOM   1065 N  N   . ARG A 1 135 ? 3.940   16.650  8.528   1.00 38.30  ? 174 ARG A N   1 
ATOM   1066 C  CA  . ARG A 1 135 ? 4.939   17.699  8.876   1.00 44.69  ? 174 ARG A CA  1 
ATOM   1067 C  C   . ARG A 1 135 ? 5.123   17.651  10.389  1.00 45.92  ? 174 ARG A C   1 
ATOM   1068 O  O   . ARG A 1 135 ? 4.145   17.947  11.103  1.00 46.89  ? 174 ARG A O   1 
ATOM   1069 C  CB  . ARG A 1 135 ? 4.498   19.076  8.359   1.00 51.90  ? 174 ARG A CB  1 
ATOM   1070 C  CG  . ARG A 1 135 ? 5.573   20.151  8.465   1.00 53.48  ? 174 ARG A CG  1 
ATOM   1071 C  CD  . ARG A 1 135 ? 5.164   21.408  7.731   1.00 63.14  ? 174 ARG A CD  1 
ATOM   1072 N  NE  . ARG A 1 135 ? 6.121   22.492  7.956   1.00 70.68  ? 174 ARG A NE  1 
ATOM   1073 C  CZ  . ARG A 1 135 ? 6.117   23.667  7.319   1.00 73.94  ? 174 ARG A CZ  1 
ATOM   1074 N  NH1 . ARG A 1 135 ? 5.204   23.939  6.401   1.00 78.82  ? 174 ARG A NH1 1 
ATOM   1075 N  NH2 . ARG A 1 135 ? 7.039   24.571  7.589   1.00 69.48  ? 174 ARG A NH2 1 
ATOM   1076 N  N   . VAL A 1 136 ? 6.340   17.318  10.834  1.00 49.12  ? 175 VAL A N   1 
ATOM   1077 C  CA  . VAL A 1 136 ? 6.689   17.015  12.252  1.00 50.13  ? 175 VAL A CA  1 
ATOM   1078 C  C   . VAL A 1 136 ? 7.615   18.113  12.805  1.00 62.98  ? 175 VAL A C   1 
ATOM   1079 O  O   . VAL A 1 136 ? 8.321   18.778  12.012  1.00 53.48  ? 175 VAL A O   1 
ATOM   1080 C  CB  . VAL A 1 136 ? 7.375   15.634  12.332  1.00 54.30  ? 175 VAL A CB  1 
ATOM   1081 C  CG1 . VAL A 1 136 ? 6.438   14.503  11.920  1.00 57.37  ? 175 VAL A CG1 1 
ATOM   1082 C  CG2 . VAL A 1 136 ? 8.646   15.558  11.496  1.00 55.41  ? 175 VAL A CG2 1 
ATOM   1083 N  N   . GLY A 1 137 ? 7.665   18.271  14.129  1.00 75.00  ? 176 GLY A N   1 
ATOM   1084 C  CA  . GLY A 1 137 ? 8.741   19.022  14.809  1.00 87.02  ? 176 GLY A CA  1 
ATOM   1085 C  C   . GLY A 1 137 ? 8.546   20.529  14.762  1.00 94.28  ? 176 GLY A C   1 
ATOM   1086 O  O   . GLY A 1 137 ? 8.982   21.207  15.722  1.00 92.58  ? 176 GLY A O   1 
ATOM   1087 N  N   . GLY A 1 138 ? 7.950   21.037  13.676  1.00 93.98  ? 177 GLY A N   1 
ATOM   1088 C  CA  . GLY A 1 138 ? 7.582   22.455  13.511  1.00 95.85  ? 177 GLY A CA  1 
ATOM   1089 C  C   . GLY A 1 138 ? 6.506   22.886  14.504  1.00 94.50  ? 177 GLY A C   1 
ATOM   1090 O  O   . GLY A 1 138 ? 6.080   22.117  15.370  1.00 75.13  ? 177 GLY A O   1 
ATOM   1091 N  N   . PRO A 1 139 ? 6.032   24.145  14.403  1.00 102.42 ? 178 PRO A N   1 
ATOM   1092 C  CA  . PRO A 1 139 ? 4.986   24.637  15.298  1.00 100.10 ? 178 PRO A CA  1 
ATOM   1093 C  C   . PRO A 1 139 ? 3.667   23.926  14.968  1.00 95.23  ? 178 PRO A C   1 
ATOM   1094 O  O   . PRO A 1 139 ? 3.161   23.197  15.805  1.00 83.81  ? 178 PRO A O   1 
ATOM   1095 C  CB  . PRO A 1 139 ? 4.911   26.147  15.006  1.00 105.25 ? 178 PRO A CB  1 
ATOM   1096 C  CG  . PRO A 1 139 ? 5.573   26.344  13.635  1.00 102.19 ? 178 PRO A CG  1 
ATOM   1097 C  CD  . PRO A 1 139 ? 6.465   25.138  13.405  1.00 101.69 ? 178 PRO A CD  1 
ATOM   1098 N  N   . GLN A 1 140 ? 3.202   24.155  13.733  1.00 97.68  ? 179 GLN A N   1 
ATOM   1099 C  CA  . GLN A 1 140 ? 1.970   23.606  13.116  1.00 96.06  ? 179 GLN A CA  1 
ATOM   1100 C  C   . GLN A 1 140 ? 2.275   22.188  12.617  1.00 79.85  ? 179 GLN A C   1 
ATOM   1101 O  O   . GLN A 1 140 ? 2.916   22.051  11.556  1.00 67.52  ? 179 GLN A O   1 
ATOM   1102 C  CB  . GLN A 1 140 ? 1.500   24.526  11.978  1.00 105.83 ? 179 GLN A CB  1 
ATOM   1103 C  CG  . GLN A 1 140 ? 2.387   24.484  10.728  1.00 121.41 ? 179 GLN A CG  1 
ATOM   1104 C  CD  . GLN A 1 140 ? 2.573   25.811  10.026  1.00 129.84 ? 179 GLN A CD  1 
ATOM   1105 O  OE1 . GLN A 1 140 ? 1.619   26.441  9.569   1.00 130.96 ? 179 GLN A OE1 1 
ATOM   1106 N  NE2 . GLN A 1 140 ? 3.825   26.228  9.897   1.00 124.92 ? 179 GLN A NE2 1 
ATOM   1107 N  N   . ARG A 1 141 ? 1.840   21.165  13.352  1.00 67.58  ? 180 ARG A N   1 
ATOM   1108 C  CA  . ARG A 1 141 ? 1.676   19.809  12.770  1.00 64.09  ? 180 ARG A CA  1 
ATOM   1109 C  C   . ARG A 1 141 ? 0.719   19.961  11.567  1.00 59.30  ? 180 ARG A C   1 
ATOM   1110 O  O   . ARG A 1 141 ? -0.188  20.822  11.662  1.00 50.14  ? 180 ARG A O   1 
ATOM   1111 C  CB  . ARG A 1 141 ? 1.212   18.840  13.865  1.00 72.43  ? 180 ARG A CB  1 
ATOM   1112 C  CG  . ARG A 1 141 ? 0.991   17.411  13.380  1.00 81.28  ? 180 ARG A CG  1 
ATOM   1113 C  CD  . ARG A 1 141 ? 1.392   16.349  14.384  1.00 81.66  ? 180 ARG A CD  1 
ATOM   1114 N  NE  . ARG A 1 141 ? 2.823   16.077  14.317  1.00 87.83  ? 180 ARG A NE  1 
ATOM   1115 C  CZ  . ARG A 1 141 ? 3.458   15.177  15.061  1.00 87.26  ? 180 ARG A CZ  1 
ATOM   1116 N  NH1 . ARG A 1 141 ? 4.761   15.001  14.932  1.00 86.32  ? 180 ARG A NH1 1 
ATOM   1117 N  NH2 . ARG A 1 141 ? 2.794   14.465  15.948  1.00 96.96  ? 180 ARG A NH2 1 
ATOM   1118 N  N   . MET A 1 142 ? 0.978   19.265  10.442  1.00 47.39  ? 181 MET A N   1 
ATOM   1119 C  CA  . MET A 1 142 ? 0.058   19.142  9.279   1.00 43.00  ? 181 MET A CA  1 
ATOM   1120 C  C   . MET A 1 142 ? 0.129   17.706  8.735   1.00 44.11  ? 181 MET A C   1 
ATOM   1121 O  O   . MET A 1 142 ? 1.192   17.052  8.827   1.00 35.70  ? 181 MET A O   1 
ATOM   1122 C  CB  . MET A 1 142 ? 0.384   20.137  8.159   1.00 41.51  ? 181 MET A CB  1 
ATOM   1123 C  CG  . MET A 1 142 ? -0.659  20.208  7.018   1.00 47.96  ? 181 MET A CG  1 
ATOM   1124 S  SD  . MET A 1 142 ? -2.432  20.293  7.475   1.00 45.21  ? 181 MET A SD  1 
ATOM   1125 C  CE  . MET A 1 142 ? -3.194  20.010  5.876   1.00 56.45  ? 181 MET A CE  1 
ATOM   1126 N  N   . ILE A 1 143 ? -0.983  17.237  8.186   1.00 40.41  ? 182 ILE A N   1 
ATOM   1127 C  CA  . ILE A 1 143 ? -1.084  15.902  7.530   1.00 36.53  ? 182 ILE A CA  1 
ATOM   1128 C  C   . ILE A 1 143 ? -1.681  16.118  6.145   1.00 35.60  ? 182 ILE A C   1 
ATOM   1129 O  O   . ILE A 1 143 ? -2.734  16.817  6.042   1.00 35.40  ? 182 ILE A O   1 
ATOM   1130 C  CB  . ILE A 1 143 ? -1.900  14.909  8.371   1.00 34.23  ? 182 ILE A CB  1 
ATOM   1131 C  CG1 . ILE A 1 143 ? -1.227  14.649  9.710   1.00 35.75  ? 182 ILE A CG1 1 
ATOM   1132 C  CG2 . ILE A 1 143 ? -2.153  13.600  7.596   1.00 35.09  ? 182 ILE A CG2 1 
ATOM   1133 C  CD1 . ILE A 1 143 ? -2.122  14.063  10.730  1.00 42.30  ? 182 ILE A CD1 1 
ATOM   1134 N  N   . THR A 1 144 ? -1.058  15.558  5.117   1.00 35.82  ? 183 THR A N   1 
ATOM   1135 C  CA  . THR A 1 144 ? -1.681  15.436  3.775   1.00 38.29  ? 183 THR A CA  1 
ATOM   1136 C  C   . THR A 1 144 ? -1.790  13.937  3.459   1.00 38.37  ? 183 THR A C   1 
ATOM   1137 O  O   . THR A 1 144 ? -0.803  13.206  3.641   1.00 34.83  ? 183 THR A O   1 
ATOM   1138 C  CB  . THR A 1 144 ? -0.998  16.277  2.698   1.00 42.92  ? 183 THR A CB  1 
ATOM   1139 O  OG1 . THR A 1 144 ? 0.204   15.632  2.301   1.00 68.64  ? 183 THR A OG1 1 
ATOM   1140 C  CG2 . THR A 1 144 ? -0.688  17.680  3.162   1.00 39.34  ? 183 THR A CG2 1 
ATOM   1141 N  N   . SER A 1 145 ? -2.979  13.491  3.081   1.00 35.75  ? 184 SER A N   1 
ATOM   1142 C  CA  . SER A 1 145 ? -3.222  12.062  2.789   1.00 31.99  ? 184 SER A CA  1 
ATOM   1143 C  C   . SER A 1 145 ? -3.455  11.894  1.314   1.00 36.36  ? 184 SER A C   1 
ATOM   1144 O  O   . SER A 1 145 ? -3.973  12.800  0.635   1.00 34.94  ? 184 SER A O   1 
ATOM   1145 C  CB  . SER A 1 145 ? -4.327  11.512  3.577   1.00 33.95  ? 184 SER A CB  1 
ATOM   1146 O  OG  . SER A 1 145 ? -3.992  11.588  4.950   1.00 34.89  ? 184 SER A OG  1 
ATOM   1147 N  N   . HIS A 1 146 ? -3.114  10.720  0.826   1.00 29.79  ? 185 HIS A N   1 
ATOM   1148 C  CA  . HIS A 1 146 ? -3.350  10.367  -0.572  1.00 30.33  ? 185 HIS A CA  1 
ATOM   1149 C  C   . HIS A 1 146 ? -3.542  8.859   -0.729  1.00 31.28  ? 185 HIS A C   1 
ATOM   1150 O  O   . HIS A 1 146 ? -2.687  8.053   -0.292  1.00 34.35  ? 185 HIS A O   1 
ATOM   1151 C  CB  . HIS A 1 146 ? -2.201  10.864  -1.428  1.00 32.96  ? 185 HIS A CB  1 
ATOM   1152 C  CG  . HIS A 1 146 ? -2.572  11.017  -2.853  1.00 36.85  ? 185 HIS A CG  1 
ATOM   1153 N  ND1 . HIS A 1 146 ? -2.503  9.973   -3.759  1.00 43.15  ? 185 HIS A ND1 1 
ATOM   1154 C  CD2 . HIS A 1 146 ? -3.008  12.090  -3.528  1.00 39.04  ? 185 HIS A CD2 1 
ATOM   1155 C  CE1 . HIS A 1 146 ? -2.888  10.401  -4.937  1.00 40.26  ? 185 HIS A CE1 1 
ATOM   1156 N  NE2 . HIS A 1 146 ? -3.209  11.691  -4.818  1.00 43.05  ? 185 HIS A NE2 1 
ATOM   1157 N  N   A CYS A 1 147 ? -4.632  8.514   -1.416  0.25 32.13  ? 186 CYS A N   1 
ATOM   1158 N  N   B CYS A 1 147 ? -4.630  8.441   -1.362  0.25 29.76  ? 186 CYS A N   1 
ATOM   1159 C  CA  A CYS A 1 147 ? -5.022  7.140   -1.830  0.25 30.66  ? 186 CYS A CA  1 
ATOM   1160 C  CA  B CYS A 1 147 ? -4.876  7.000   -1.639  0.25 26.77  ? 186 CYS A CA  1 
ATOM   1161 C  C   A CYS A 1 147 ? -4.466  6.809   -3.190  0.25 31.16  ? 186 CYS A C   1 
ATOM   1162 C  C   B CYS A 1 147 ? -4.689  6.737   -3.130  0.25 27.41  ? 186 CYS A C   1 
ATOM   1163 O  O   A CYS A 1 147 ? -4.302  7.742   -3.998  0.25 30.26  ? 186 CYS A O   1 
ATOM   1164 O  O   B CYS A 1 147 ? -4.901  7.643   -3.945  0.25 26.15  ? 186 CYS A O   1 
ATOM   1165 C  CB  A CYS A 1 147 ? -6.523  7.044   -2.007  0.25 35.86  ? 186 CYS A CB  1 
ATOM   1166 C  CB  B CYS A 1 147 ? -6.251  6.583   -1.143  0.25 28.04  ? 186 CYS A CB  1 
ATOM   1167 S  SG  A CYS A 1 147 ? -7.364  7.197   -0.425  0.25 28.59  ? 186 CYS A SG  1 
ATOM   1168 S  SG  B CYS A 1 147 ? -7.573  7.576   -1.891  0.25 23.08  ? 186 CYS A SG  1 
ATOM   1169 N  N   . PHE A 1 148 ? -4.259  5.514   -3.459  1.00 29.88  ? 187 PHE A N   1 
ATOM   1170 C  CA  . PHE A 1 148 ? -3.794  5.114   -4.790  1.00 29.94  ? 187 PHE A CA  1 
ATOM   1171 C  C   . PHE A 1 148 ? -4.706  4.016   -5.307  1.00 30.75  ? 187 PHE A C   1 
ATOM   1172 O  O   . PHE A 1 148 ? -4.379  2.836   -5.230  1.00 31.43  ? 187 PHE A O   1 
ATOM   1173 C  CB  . PHE A 1 148 ? -2.348  4.657   -4.653  1.00 31.61  ? 187 PHE A CB  1 
ATOM   1174 C  CG  . PHE A 1 148 ? -1.414  5.765   -4.254  1.00 31.83  ? 187 PHE A CG  1 
ATOM   1175 C  CD1 . PHE A 1 148 ? -0.948  6.661   -5.211  1.00 35.58  ? 187 PHE A CD1 1 
ATOM   1176 C  CD2 . PHE A 1 148 ? -1.076  5.948   -2.926  1.00 32.89  ? 187 PHE A CD2 1 
ATOM   1177 C  CE1 . PHE A 1 148 ? -0.100  7.697   -4.838  1.00 36.98  ? 187 PHE A CE1 1 
ATOM   1178 C  CE2 . PHE A 1 148 ? -0.201  6.967   -2.557  1.00 36.95  ? 187 PHE A CE2 1 
ATOM   1179 C  CZ  . PHE A 1 148 ? 0.294   7.825   -3.520  1.00 36.37  ? 187 PHE A CZ  1 
ATOM   1180 N  N   . PRO A 1 149 ? -5.871  4.368   -5.887  1.00 30.36  ? 188 PRO A N   1 
ATOM   1181 C  CA  . PRO A 1 149 ? -6.741  3.352   -6.473  1.00 28.42  ? 188 PRO A CA  1 
ATOM   1182 C  C   . PRO A 1 149 ? -6.044  2.352   -7.415  1.00 30.52  ? 188 PRO A C   1 
ATOM   1183 O  O   . PRO A 1 149 ? -6.481  1.233   -7.457  1.00 29.93  ? 188 PRO A O   1 
ATOM   1184 C  CB  . PRO A 1 149 ? -7.754  4.192   -7.284  1.00 32.40  ? 188 PRO A CB  1 
ATOM   1185 C  CG  . PRO A 1 149 ? -7.768  5.549   -6.629  1.00 36.99  ? 188 PRO A CG  1 
ATOM   1186 C  CD  . PRO A 1 149 ? -6.413  5.728   -5.978  1.00 34.12  ? 188 PRO A CD  1 
ATOM   1187 N  N   . GLU A 1 150 ? -5.089  2.825   -8.222  1.00 30.55  ? 189 GLU A N   1 
ATOM   1188 C  CA  . GLU A 1 150 ? -4.316  2.001   -9.194  1.00 33.52  ? 189 GLU A CA  1 
ATOM   1189 C  C   . GLU A 1 150 ? -3.654  0.807   -8.496  1.00 29.94  ? 189 GLU A C   1 
ATOM   1190 O  O   . GLU A 1 150 ? -3.303  -0.169  -9.205  1.00 29.89  ? 189 GLU A O   1 
ATOM   1191 C  CB  . GLU A 1 150 ? -3.296  2.911   -9.882  1.00 37.57  ? 189 GLU A CB  1 
ATOM   1192 C  CG  . GLU A 1 150 ? -3.862  4.314   -10.174 1.00 43.47  ? 189 GLU A CG  1 
ATOM   1193 C  CD  . GLU A 1 150 ? -3.422  5.530   -9.333  1.00 42.69  ? 189 GLU A CD  1 
ATOM   1194 O  OE1 . GLU A 1 150 ? -2.919  6.482   -9.986  1.00 57.74  ? 189 GLU A OE1 1 
ATOM   1195 O  OE2 . GLU A 1 150 ? -3.568  5.584   -8.056  1.00 27.51  ? 189 GLU A OE2 1 
ATOM   1196 N  N   . THR A 1 151 ? -3.458  0.875   -7.177  1.00 30.12  ? 190 THR A N   1 
ATOM   1197 C  CA  . THR A 1 151 ? -2.611  -0.047  -6.372  1.00 29.84  ? 190 THR A CA  1 
ATOM   1198 C  C   . THR A 1 151 ? -3.500  -0.976  -5.546  1.00 30.37  ? 190 THR A C   1 
ATOM   1199 O  O   . THR A 1 151 ? -2.966  -1.704  -4.713  1.00 30.83  ? 190 THR A O   1 
ATOM   1200 C  CB  . THR A 1 151 ? -1.601  0.706   -5.489  1.00 29.40  ? 190 THR A CB  1 
ATOM   1201 O  OG1 . THR A 1 151 ? -2.264  1.366   -4.396  1.00 27.56  ? 190 THR A OG1 1 
ATOM   1202 C  CG2 . THR A 1 151 ? -0.756  1.645   -6.332  1.00 32.58  ? 190 THR A CG2 1 
ATOM   1203 N  N   . GLN A 1 152 ? -4.831  -0.865  -5.694  1.00 27.56  ? 191 GLN A N   1 
ATOM   1204 C  CA  . GLN A 1 152 ? -5.757  -1.795  -5.020  1.00 26.53  ? 191 GLN A CA  1 
ATOM   1205 C  C   . GLN A 1 152 ? -5.333  -3.254  -5.229  1.00 29.46  ? 191 GLN A C   1 
ATOM   1206 O  O   . GLN A 1 152 ? -4.941  -3.622  -6.341  1.00 31.55  ? 191 GLN A O   1 
ATOM   1207 C  CB  . GLN A 1 152 ? -7.190  -1.667  -5.524  1.00 30.34  ? 191 GLN A CB  1 
ATOM   1208 C  CG  . GLN A 1 152 ? -7.829  -0.433  -4.903  1.00 34.38  ? 191 GLN A CG  1 
ATOM   1209 C  CD  . GLN A 1 152 ? -9.308  -0.430  -5.178  1.00 45.21  ? 191 GLN A CD  1 
ATOM   1210 O  OE1 . GLN A 1 152 ? -9.835  -1.387  -5.755  1.00 46.65  ? 191 GLN A OE1 1 
ATOM   1211 N  NE2 . GLN A 1 152 ? -9.976  0.640   -4.756  1.00 48.04  ? 191 GLN A NE2 1 
ATOM   1212 N  N   . PHE A 1 153 ? -5.489  -4.048  -4.190  1.00 29.51  ? 192 PHE A N   1 
ATOM   1213 C  CA  . PHE A 1 153 ? -5.264  -5.492  -4.324  1.00 31.98  ? 192 PHE A CA  1 
ATOM   1214 C  C   . PHE A 1 153 ? -6.115  -6.256  -3.320  1.00 31.02  ? 192 PHE A C   1 
ATOM   1215 O  O   . PHE A 1 153 ? -6.535  -5.762  -2.292  1.00 32.17  ? 192 PHE A O   1 
ATOM   1216 C  CB  . PHE A 1 153 ? -3.773  -5.773  -4.065  1.00 29.36  ? 192 PHE A CB  1 
ATOM   1217 C  CG  . PHE A 1 153 ? -3.311  -5.434  -2.685  1.00 27.87  ? 192 PHE A CG  1 
ATOM   1218 C  CD1 . PHE A 1 153 ? -3.471  -6.327  -1.647  1.00 28.07  ? 192 PHE A CD1 1 
ATOM   1219 C  CD2 . PHE A 1 153 ? -2.741  -4.204  -2.402  1.00 26.54  ? 192 PHE A CD2 1 
ATOM   1220 C  CE1 . PHE A 1 153 ? -3.065  -6.011  -0.359  1.00 30.22  ? 192 PHE A CE1 1 
ATOM   1221 C  CE2 . PHE A 1 153 ? -2.364  -3.883  -1.110  1.00 28.21  ? 192 PHE A CE2 1 
ATOM   1222 C  CZ  . PHE A 1 153 ? -2.522  -4.780  -0.090  1.00 29.72  ? 192 PHE A CZ  1 
ATOM   1223 N  N   . ILE A 1 154 ? -6.223  -7.571  -3.563  1.00 29.94  ? 193 ILE A N   1 
ATOM   1224 C  CA  . ILE A 1 154 ? -6.772  -8.516  -2.561  1.00 29.11  ? 193 ILE A CA  1 
ATOM   1225 C  C   . ILE A 1 154 ? -5.615  -9.250  -1.920  1.00 33.55  ? 193 ILE A C   1 
ATOM   1226 O  O   . ILE A 1 154 ? -4.727  -9.646  -2.682  1.00 34.31  ? 193 ILE A O   1 
ATOM   1227 C  CB  . ILE A 1 154 ? -7.744  -9.490  -3.248  1.00 33.40  ? 193 ILE A CB  1 
ATOM   1228 C  CG1 . ILE A 1 154 ? -8.879  -8.718  -3.921  1.00 34.91  ? 193 ILE A CG1 1 
ATOM   1229 C  CG2 . ILE A 1 154 ? -8.226  -10.546 -2.264  1.00 34.69  ? 193 ILE A CG2 1 
ATOM   1230 C  CD1 . ILE A 1 154 ? -9.785  -9.539  -4.802  1.00 38.36  ? 193 ILE A CD1 1 
ATOM   1231 N  N   . ALA A 1 155 ? -5.629  -9.306  -0.599  1.00 32.29  ? 194 ALA A N   1 
ATOM   1232 C  CA  . ALA A 1 155 ? -4.664  -10.017 0.255   1.00 33.78  ? 194 ALA A CA  1 
ATOM   1233 C  C   . ALA A 1 155 ? -4.970  -11.512 0.107   1.00 35.04  ? 194 ALA A C   1 
ATOM   1234 O  O   . ALA A 1 155 ? -6.140  -11.869 0.243   1.00 36.24  ? 194 ALA A O   1 
ATOM   1235 C  CB  . ALA A 1 155 ? -4.800  -9.534  1.663   1.00 38.08  ? 194 ALA A CB  1 
ATOM   1236 N  N   . VAL A 1 156 ? -3.964  -12.323 -0.223  1.00 36.73  ? 195 VAL A N   1 
ATOM   1237 C  CA  . VAL A 1 156 ? -4.119  -13.795 -0.501  1.00 35.97  ? 195 VAL A CA  1 
ATOM   1238 C  C   . VAL A 1 156 ? -2.958  -14.545 0.158   1.00 35.95  ? 195 VAL A C   1 
ATOM   1239 O  O   . VAL A 1 156 ? -1.882  -13.961 0.288   1.00 33.14  ? 195 VAL A O   1 
ATOM   1240 C  CB  . VAL A 1 156 ? -4.232  -14.109 -2.007  1.00 35.28  ? 195 VAL A CB  1 
ATOM   1241 C  CG1 . VAL A 1 156 ? -5.435  -13.427 -2.657  1.00 37.14  ? 195 VAL A CG1 1 
ATOM   1242 C  CG2 . VAL A 1 156 ? -2.945  -13.809 -2.781  1.00 34.02  ? 195 VAL A CG2 1 
ATOM   1243 N  N   . THR A 1 157 ? -3.182  -15.777 0.641   1.00 36.87  ? 196 THR A N   1 
ATOM   1244 C  CA  . THR A 1 157 ? -2.082  -16.618 1.192   1.00 42.52  ? 196 THR A CA  1 
ATOM   1245 C  C   . THR A 1 157 ? -1.366  -17.354 0.058   1.00 41.30  ? 196 THR A C   1 
ATOM   1246 O  O   . THR A 1 157 ? -0.240  -17.779 0.323   1.00 36.80  ? 196 THR A O   1 
ATOM   1247 C  CB  . THR A 1 157 ? -2.572  -17.642 2.224   1.00 43.99  ? 196 THR A CB  1 
ATOM   1248 O  OG1 . THR A 1 157 ? -3.556  -18.407 1.543   1.00 43.68  ? 196 THR A OG1 1 
ATOM   1249 C  CG2 . THR A 1 157 ? -3.146  -17.010 3.470   1.00 45.85  ? 196 THR A CG2 1 
ATOM   1250 N  N   . ALA A 1 158 ? -1.967  -17.454 -1.135  1.00 37.71  ? 197 ALA A N   1 
ATOM   1251 C  CA  . ALA A 1 158 ? -1.308  -17.889 -2.395  1.00 41.45  ? 197 ALA A CA  1 
ATOM   1252 C  C   . ALA A 1 158 ? -2.026  -17.294 -3.599  1.00 33.27  ? 197 ALA A C   1 
ATOM   1253 O  O   . ALA A 1 158 ? -3.243  -17.132 -3.525  1.00 39.85  ? 197 ALA A O   1 
ATOM   1254 C  CB  . ALA A 1 158 ? -1.308  -19.400 -2.492  1.00 39.63  ? 197 ALA A CB  1 
ATOM   1255 N  N   . TYR A 1 159 ? -1.339  -17.054 -4.719  1.00 34.23  ? 198 TYR A N   1 
ATOM   1256 C  CA  . TYR A 1 159 ? -2.008  -16.479 -5.904  1.00 34.32  ? 198 TYR A CA  1 
ATOM   1257 C  C   . TYR A 1 159 ? -3.118  -17.398 -6.442  1.00 40.79  ? 198 TYR A C   1 
ATOM   1258 O  O   . TYR A 1 159 ? -2.926  -18.609 -6.585  1.00 36.06  ? 198 TYR A O   1 
ATOM   1259 C  CB  . TYR A 1 159 ? -1.009  -16.134 -7.005  1.00 36.02  ? 198 TYR A CB  1 
ATOM   1260 C  CG  . TYR A 1 159 ? -0.004  -15.096 -6.609  1.00 36.09  ? 198 TYR A CG  1 
ATOM   1261 C  CD1 . TYR A 1 159 ? -0.401  -13.887 -6.058  1.00 37.73  ? 198 TYR A CD1 1 
ATOM   1262 C  CD2 . TYR A 1 159 ? 1.347   -15.323 -6.782  1.00 38.15  ? 198 TYR A CD2 1 
ATOM   1263 C  CE1 . TYR A 1 159 ? 0.523   -12.940 -5.658  1.00 39.56  ? 198 TYR A CE1 1 
ATOM   1264 C  CE2 . TYR A 1 159 ? 2.284   -14.389 -6.386  1.00 39.07  ? 198 TYR A CE2 1 
ATOM   1265 C  CZ  . TYR A 1 159 ? 1.868   -13.191 -5.841  1.00 41.01  ? 198 TYR A CZ  1 
ATOM   1266 O  OH  . TYR A 1 159 ? 2.799   -12.280 -5.508  1.00 40.15  ? 198 TYR A OH  1 
ATOM   1267 N  N   . GLN A 1 160 ? -4.258  -16.812 -6.819  1.00 35.56  ? 199 GLN A N   1 
ATOM   1268 C  CA  . GLN A 1 160 ? -5.404  -17.543 -7.398  1.00 32.68  ? 199 GLN A CA  1 
ATOM   1269 C  C   . GLN A 1 160 ? -5.394  -17.401 -8.902  1.00 36.81  ? 199 GLN A C   1 
ATOM   1270 O  O   . GLN A 1 160 ? -5.565  -18.413 -9.593  1.00 36.19  ? 199 GLN A O   1 
ATOM   1271 C  CB  . GLN A 1 160 ? -6.697  -17.032 -6.790  1.00 37.20  ? 199 GLN A CB  1 
ATOM   1272 C  CG  . GLN A 1 160 ? -6.721  -17.137 -5.287  1.00 39.89  ? 199 GLN A CG  1 
ATOM   1273 C  CD  . GLN A 1 160 ? -6.551  -18.566 -4.863  1.00 46.47  ? 199 GLN A CD  1 
ATOM   1274 O  OE1 . GLN A 1 160 ? -7.325  -19.429 -5.262  1.00 52.94  ? 199 GLN A OE1 1 
ATOM   1275 N  NE2 . GLN A 1 160 ? -5.521  -18.813 -4.071  1.00 44.10  ? 199 GLN A NE2 1 
ATOM   1276 N  N   . ASN A 1 161 ? -5.149  -16.193 -9.397  1.00 33.14  ? 200 ASN A N   1 
ATOM   1277 C  CA  . ASN A 1 161 ? -5.200  -15.918 -10.842 1.00 35.02  ? 200 ASN A CA  1 
ATOM   1278 C  C   . ASN A 1 161 ? -3.774  -16.073 -11.375 1.00 36.88  ? 200 ASN A C   1 
ATOM   1279 O  O   . ASN A 1 161 ? -2.926  -15.260 -11.027 1.00 34.73  ? 200 ASN A O   1 
ATOM   1280 C  CB  . ASN A 1 161 ? -5.805  -14.546 -11.084 1.00 35.20  ? 200 ASN A CB  1 
ATOM   1281 C  CG  . ASN A 1 161 ? -5.822  -14.145 -12.532 1.00 34.91  ? 200 ASN A CG  1 
ATOM   1282 O  OD1 . ASN A 1 161 ? -5.454  -14.924 -13.403 1.00 35.71  ? 200 ASN A OD1 1 
ATOM   1283 N  ND2 . ASN A 1 161 ? -6.260  -12.924 -12.808 1.00 38.21  ? 200 ASN A ND2 1 
ATOM   1284 N  N   . GLU A 1 162 ? -3.517  -17.094 -12.205 1.00 36.34  ? 201 GLU A N   1 
ATOM   1285 C  CA  . GLU A 1 162 ? -2.137  -17.367 -12.677 1.00 35.17  ? 201 GLU A CA  1 
ATOM   1286 C  C   . GLU A 1 162 ? -1.682  -16.194 -13.557 1.00 33.66  ? 201 GLU A C   1 
ATOM   1287 O  O   . GLU A 1 162 ? -0.492  -15.999 -13.666 1.00 35.60  ? 201 GLU A O   1 
ATOM   1288 C  CB  . GLU A 1 162 ? -2.100  -18.742 -13.371 1.00 38.91  ? 201 GLU A CB  1 
ATOM   1289 C  CG  . GLU A 1 162 ? -2.570  -18.680 -14.799 1.00 46.24  ? 201 GLU A CG  1 
ATOM   1290 C  CD  . GLU A 1 162 ? -2.877  -20.004 -15.501 1.00 64.18  ? 201 GLU A CD  1 
ATOM   1291 O  OE1 . GLU A 1 162 ? -2.753  -20.054 -16.769 1.00 55.18  ? 201 GLU A OE1 1 
ATOM   1292 O  OE2 . GLU A 1 162 ? -3.266  -20.975 -14.800 1.00 78.27  ? 201 GLU A OE2 1 
ATOM   1293 N  N   . GLU A 1 163 ? -2.594  -15.394 -14.130 1.00 34.38  ? 202 GLU A N   1 
ATOM   1294 C  CA  . GLU A 1 163 ? -2.208  -14.234 -14.973 1.00 36.26  ? 202 GLU A CA  1 
ATOM   1295 C  C   . GLU A 1 163 ? -1.446  -13.221 -14.096 1.00 32.58  ? 202 GLU A C   1 
ATOM   1296 O  O   . GLU A 1 163 ? -0.565  -12.520 -14.630 1.00 33.42  ? 202 GLU A O   1 
ATOM   1297 C  CB  . GLU A 1 163 ? -3.412  -13.519 -15.598 1.00 37.02  ? 202 GLU A CB  1 
ATOM   1298 C  CG  . GLU A 1 163 ? -4.244  -14.280 -16.618 1.00 42.27  ? 202 GLU A CG  1 
ATOM   1299 C  CD  . GLU A 1 163 ? -5.600  -13.604 -16.862 1.00 52.31  ? 202 GLU A CD  1 
ATOM   1300 O  OE1 . GLU A 1 163 ? -5.957  -13.385 -18.042 1.00 59.77  ? 202 GLU A OE1 1 
ATOM   1301 O  OE2 . GLU A 1 163 ? -6.273  -13.225 -15.860 1.00 60.86  ? 202 GLU A OE2 1 
ATOM   1302 N  N   . ILE A 1 164 ? -1.822  -13.108 -12.820 1.00 32.45  ? 203 ILE A N   1 
ATOM   1303 C  CA  . ILE A 1 164 ? -1.113  -12.292 -11.786 1.00 32.82  ? 203 ILE A CA  1 
ATOM   1304 C  C   . ILE A 1 164 ? 0.252   -12.927 -11.499 1.00 32.70  ? 203 ILE A C   1 
ATOM   1305 O  O   . ILE A 1 164 ? 1.254   -12.250 -11.483 1.00 32.15  ? 203 ILE A O   1 
ATOM   1306 C  CB  . ILE A 1 164 ? -1.959  -12.156 -10.512 1.00 31.63  ? 203 ILE A CB  1 
ATOM   1307 C  CG1 . ILE A 1 164 ? -3.163  -11.256 -10.777 1.00 32.29  ? 203 ILE A CG1 1 
ATOM   1308 C  CG2 . ILE A 1 164 ? -1.138  -11.682 -9.324  1.00 36.15  ? 203 ILE A CG2 1 
ATOM   1309 C  CD1 . ILE A 1 164 ? -2.807  -9.769  -10.975 1.00 36.37  ? 203 ILE A CD1 1 
ATOM   1310 N  N   . THR A 1 165 ? 0.275   -14.222 -11.296 1.00 33.09  ? 204 THR A N   1 
ATOM   1311 C  CA  . THR A 1 165 ? 1.535   -14.939 -11.045 1.00 34.75  ? 204 THR A CA  1 
ATOM   1312 C  C   . THR A 1 165 ? 2.497   -14.612 -12.175 1.00 31.40  ? 204 THR A C   1 
ATOM   1313 O  O   . THR A 1 165 ? 3.613   -14.240 -11.858 1.00 34.55  ? 204 THR A O   1 
ATOM   1314 C  CB  . THR A 1 165 ? 1.305   -16.432 -10.879 1.00 33.53  ? 204 THR A CB  1 
ATOM   1315 O  OG1 . THR A 1 165 ? 0.205   -16.594 -9.982  1.00 34.71  ? 204 THR A OG1 1 
ATOM   1316 C  CG2 . THR A 1 165 ? 2.551   -17.104 -10.344 1.00 35.20  ? 204 THR A CG2 1 
ATOM   1317 N  N   . ALA A 1 166 ? 2.053   -14.683 -13.432 1.00 36.99  ? 205 ALA A N   1 
ATOM   1318 C  CA  . ALA A 1 166 ? 2.934   -14.513 -14.609 1.00 36.83  ? 205 ALA A CA  1 
ATOM   1319 C  C   . ALA A 1 166 ? 3.423   -13.069 -14.632 1.00 37.96  ? 205 ALA A C   1 
ATOM   1320 O  O   . ALA A 1 166 ? 4.584   -12.826 -14.963 1.00 32.98  ? 205 ALA A O   1 
ATOM   1321 C  CB  . ALA A 1 166 ? 2.240   -14.863 -15.902 1.00 40.41  ? 205 ALA A CB  1 
ATOM   1322 N  N   . LEU A 1 167 ? 2.535   -12.098 -14.380 1.00 35.05  ? 206 LEU A N   1 
ATOM   1323 C  CA  . LEU A 1 167 ? 2.964   -10.682 -14.441 1.00 32.10  ? 206 LEU A CA  1 
ATOM   1324 C  C   . LEU A 1 167 ? 3.988   -10.401 -13.359 1.00 27.76  ? 206 LEU A C   1 
ATOM   1325 O  O   . LEU A 1 167 ? 4.898   -9.616  -13.611 1.00 31.38  ? 206 LEU A O   1 
ATOM   1326 C  CB  . LEU A 1 167 ? 1.751   -9.773  -14.206 1.00 35.37  ? 206 LEU A CB  1 
ATOM   1327 C  CG  . LEU A 1 167 ? 1.195   -8.963  -15.366 1.00 46.03  ? 206 LEU A CG  1 
ATOM   1328 C  CD1 . LEU A 1 167 ? 0.542   -7.687  -14.795 1.00 41.35  ? 206 LEU A CD1 1 
ATOM   1329 C  CD2 . LEU A 1 167 ? 2.227   -8.598  -16.433 1.00 45.24  ? 206 LEU A CD2 1 
ATOM   1330 N  N   . LYS A 1 168 ? 3.781   -10.926 -12.158 1.00 29.37  ? 207 LYS A N   1 
ATOM   1331 C  CA  . LYS A 1 168 ? 4.691   -10.698 -11.014 1.00 31.05  ? 207 LYS A CA  1 
ATOM   1332 C  C   . LYS A 1 168 ? 6.097   -11.175 -11.421 1.00 37.49  ? 207 LYS A C   1 
ATOM   1333 O  O   . LYS A 1 168 ? 7.109   -10.452 -11.185 1.00 35.71  ? 207 LYS A O   1 
ATOM   1334 C  CB  . LYS A 1 168 ? 4.213   -11.446 -9.774  1.00 33.98  ? 207 LYS A CB  1 
ATOM   1335 C  CG  . LYS A 1 168 ? 2.851   -11.007 -9.236  1.00 36.74  ? 207 LYS A CG  1 
ATOM   1336 C  CD  . LYS A 1 168 ? 2.919   -10.067 -8.093  1.00 36.81  ? 207 LYS A CD  1 
ATOM   1337 C  CE  . LYS A 1 168 ? 1.523   -9.687  -7.631  1.00 36.44  ? 207 LYS A CE  1 
ATOM   1338 N  NZ  . LYS A 1 168 ? 1.573   -8.997  -6.338  1.00 37.44  ? 207 LYS A NZ  1 
ATOM   1339 N  N   . ILE A 1 169 ? 6.168   -12.358 -12.022 1.00 33.69  ? 208 ILE A N   1 
ATOM   1340 C  CA  . ILE A 1 169 ? 7.494   -12.929 -12.397 1.00 31.65  ? 208 ILE A CA  1 
ATOM   1341 C  C   . ILE A 1 169 ? 8.050   -12.102 -13.568 1.00 31.82  ? 208 ILE A C   1 
ATOM   1342 O  O   . ILE A 1 169 ? 9.247   -11.729 -13.537 1.00 33.88  ? 208 ILE A O   1 
ATOM   1343 C  CB  . ILE A 1 169 ? 7.322   -14.435 -12.695 1.00 31.33  ? 208 ILE A CB  1 
ATOM   1344 C  CG1 . ILE A 1 169 ? 7.013   -15.219 -11.423 1.00 29.96  ? 208 ILE A CG1 1 
ATOM   1345 C  CG2 . ILE A 1 169 ? 8.553   -14.997 -13.423 1.00 34.43  ? 208 ILE A CG2 1 
ATOM   1346 C  CD1 . ILE A 1 169 ? 6.471   -16.576 -11.701 1.00 36.07  ? 208 ILE A CD1 1 
ATOM   1347 N  N   . LYS A 1 170 ? 7.219   -11.759 -14.552 1.00 31.48  ? 209 LYS A N   1 
ATOM   1348 C  CA  . LYS A 1 170 ? 7.697   -11.071 -15.786 1.00 32.61  ? 209 LYS A CA  1 
ATOM   1349 C  C   . LYS A 1 170 ? 8.428   -9.783  -15.386 1.00 35.80  ? 209 LYS A C   1 
ATOM   1350 O  O   . LYS A 1 170 ? 9.485   -9.454  -16.004 1.00 32.80  ? 209 LYS A O   1 
ATOM   1351 C  CB  . LYS A 1 170 ? 6.562   -10.814 -16.781 1.00 34.55  ? 209 LYS A CB  1 
ATOM   1352 C  CG  . LYS A 1 170 ? 6.993   -10.411 -18.187 1.00 40.55  ? 209 LYS A CG  1 
ATOM   1353 C  CD  . LYS A 1 170 ? 5.850   -10.496 -19.228 1.00 41.60  ? 209 LYS A CD  1 
ATOM   1354 C  CE  . LYS A 1 170 ? 6.243   -10.187 -20.660 1.00 47.46  ? 209 LYS A CE  1 
ATOM   1355 N  NZ  . LYS A 1 170 ? 6.482   -8.734  -20.858 1.00 46.50  ? 209 LYS A NZ  1 
ATOM   1356 N  N   . TYR A 1 171 ? 7.886   -9.052  -14.413 1.00 34.85  ? 210 TYR A N   1 
ATOM   1357 C  CA  . TYR A 1 171 ? 8.349   -7.687  -14.089 1.00 36.59  ? 210 TYR A CA  1 
ATOM   1358 C  C   . TYR A 1 171 ? 9.239   -7.666  -12.857 1.00 35.81  ? 210 TYR A C   1 
ATOM   1359 O  O   . TYR A 1 171 ? 9.798   -6.608  -12.569 1.00 38.91  ? 210 TYR A O   1 
ATOM   1360 C  CB  . TYR A 1 171 ? 7.143   -6.733  -14.100 1.00 37.01  ? 210 TYR A CB  1 
ATOM   1361 C  CG  . TYR A 1 171 ? 6.713   -6.534  -15.532 1.00 36.22  ? 210 TYR A CG  1 
ATOM   1362 C  CD1 . TYR A 1 171 ? 7.570   -5.903  -16.429 1.00 41.62  ? 210 TYR A CD1 1 
ATOM   1363 C  CD2 . TYR A 1 171 ? 5.577   -7.124  -16.044 1.00 36.98  ? 210 TYR A CD2 1 
ATOM   1364 C  CE1 . TYR A 1 171 ? 7.233   -5.765  -17.768 1.00 40.51  ? 210 TYR A CE1 1 
ATOM   1365 C  CE2 . TYR A 1 171 ? 5.227   -7.016  -17.381 1.00 39.75  ? 210 TYR A CE2 1 
ATOM   1366 C  CZ  . TYR A 1 171 ? 6.077   -6.346  -18.249 1.00 41.34  ? 210 TYR A CZ  1 
ATOM   1367 O  OH  . TYR A 1 171 ? 5.751   -6.235  -19.571 1.00 43.87  ? 210 TYR A OH  1 
ATOM   1368 N  N   . ASN A 1 172 ? 9.405   -8.762  -12.134 1.00 37.82  ? 211 ASN A N   1 
ATOM   1369 C  CA  . ASN A 1 172 ? 10.270  -8.698  -10.941 1.00 38.22  ? 211 ASN A CA  1 
ATOM   1370 C  C   . ASN A 1 172 ? 11.715  -8.941  -11.423 1.00 57.56  ? 211 ASN A C   1 
ATOM   1371 O  O   . ASN A 1 172 ? 11.952  -9.228  -12.608 1.00 52.31  ? 211 ASN A O   1 
ATOM   1372 C  CB  . ASN A 1 172 ? 9.736   -9.575  -9.808  1.00 43.96  ? 211 ASN A CB  1 
ATOM   1373 C  CG  . ASN A 1 172 ? 10.027  -11.055 -9.977  1.00 49.52  ? 211 ASN A CG  1 
ATOM   1374 O  OD1 . ASN A 1 172 ? 9.493   -11.878 -9.227  1.00 53.69  ? 211 ASN A OD1 1 
ATOM   1375 N  ND2 . ASN A 1 172 ? 10.864  -11.399 -10.941 1.00 45.35  ? 211 ASN A ND2 1 
HETATM 1376 CD CD  . CD  B 2 .   ? -9.625  6.413   -0.991  0.50 28.25  ? 301 CD  A CD  1 
HETATM 1377 CD CD  . CD  C 2 .   ? -10.775 4.348   -3.746  1.00 30.58  ? 302 CD  A CD  1 
HETATM 1378 CD CD  . CD  D 2 .   ? 0.280   -3.432  14.451  1.00 68.19  ? 303 CD  A CD  1 
HETATM 1379 CD CD  . CD  E 2 .   ? -21.644 -4.180  0.931   1.00 38.96  ? 304 CD  A CD  1 
HETATM 1380 CD CD  . CD  F 2 .   ? -1.325  -0.149  15.495  1.00 67.89  ? 305 CD  A CD  1 
HETATM 1381 C  C01 . JFP G 3 .   ? 4.967   11.221  12.484  0.66 55.00  ? 306 JFP A C01 1 
HETATM 1382 C  C02 . JFP G 3 .   ? 5.709   10.686  13.670  0.66 56.28  ? 306 JFP A C02 1 
HETATM 1383 C  C03 . JFP G 3 .   ? 6.884   9.806   13.291  0.66 57.71  ? 306 JFP A C03 1 
HETATM 1384 O  O04 . JFP G 3 .   ? 7.655   10.075  12.373  0.66 49.57  ? 306 JFP A O04 1 
HETATM 1385 N  N05 . JFP G 3 .   ? 7.048   8.688   14.058  0.66 58.20  ? 306 JFP A N05 1 
HETATM 1386 C  C06 . JFP G 3 .   ? 8.220   7.955   14.134  0.66 56.95  ? 306 JFP A C06 1 
HETATM 1387 N  N07 . JFP G 3 .   ? 8.395   7.063   15.067  0.66 61.95  ? 306 JFP A N07 1 
HETATM 1388 C  C08 . JFP G 3 .   ? 9.580   6.366   14.857  0.66 61.01  ? 306 JFP A C08 1 
HETATM 1389 C  C09 . JFP G 3 .   ? 10.278  6.752   13.780  0.66 58.85  ? 306 JFP A C09 1 
HETATM 1390 S  S10 . JFP G 3 .   ? 9.549   8.119   13.029  0.66 60.82  ? 306 JFP A S10 1 
HETATM 1391 C  C11 . JFP G 3 .   ? 9.956   5.287   15.818  0.66 60.91  ? 306 JFP A C11 1 
HETATM 1392 O  O   . HOH H 4 .   ? 11.064  -0.932  7.330   1.00 38.28  ? 401 HOH A O   1 
HETATM 1393 O  O   . HOH H 4 .   ? 4.686   21.453  3.955   1.00 46.00  ? 402 HOH A O   1 
HETATM 1394 O  O   . HOH H 4 .   ? 5.001   2.608   -7.841  1.00 35.80  ? 403 HOH A O   1 
HETATM 1395 O  O   . HOH H 4 .   ? 2.607   -17.967 7.032   1.00 56.78  ? 404 HOH A O   1 
HETATM 1396 O  O   . HOH H 4 .   ? -0.190  -12.456 -17.122 1.00 44.21  ? 405 HOH A O   1 
HETATM 1397 O  O   . HOH H 4 .   ? -12.676 -6.661  1.351   1.00 34.45  ? 406 HOH A O   1 
HETATM 1398 O  O   . HOH H 4 .   ? 6.676   0.494   -8.403  1.00 42.70  ? 407 HOH A O   1 
HETATM 1399 O  O   . HOH H 4 .   ? 10.575  15.893  -6.418  1.00 49.51  ? 408 HOH A O   1 
HETATM 1400 O  O   . HOH H 4 .   ? -6.423  -13.117 7.318   1.00 51.93  ? 409 HOH A O   1 
HETATM 1401 O  O   . HOH H 4 .   ? 7.316   -4.908  -21.157 1.00 44.65  ? 410 HOH A O   1 
HETATM 1402 O  O   . HOH H 4 .   ? 16.221  10.558  9.544   0.50 56.21  ? 411 HOH A O   1 
HETATM 1403 O  O   . HOH H 4 .   ? -14.407 -2.587  -3.482  1.00 34.45  ? 412 HOH A O   1 
HETATM 1404 O  O   . HOH H 4 .   ? -6.604  -11.920 -9.691  1.00 32.78  ? 413 HOH A O   1 
HETATM 1405 O  O   . HOH H 4 .   ? 6.634   -3.957  7.805   1.00 41.75  ? 414 HOH A O   1 
HETATM 1406 O  O   . HOH H 4 .   ? -4.657  3.549   9.604   1.00 46.03  ? 415 HOH A O   1 
HETATM 1407 O  O   . HOH H 4 .   ? 3.024   -8.872  -0.202  1.00 39.07  ? 416 HOH A O   1 
HETATM 1408 O  O   . HOH H 4 .   ? -6.401  9.549   -5.184  1.00 46.95  ? 417 HOH A O   1 
HETATM 1409 O  O   . HOH H 4 .   ? 13.851  -10.794 3.363   1.00 44.44  ? 418 HOH A O   1 
HETATM 1410 O  O   . HOH H 4 .   ? -3.267  -2.932  -8.410  1.00 29.43  ? 419 HOH A O   1 
HETATM 1411 O  O   . HOH H 4 .   ? 9.504   12.505  -4.530  1.00 44.14  ? 420 HOH A O   1 
HETATM 1412 O  O   . HOH H 4 .   ? -6.371  13.494  -0.521  1.00 48.42  ? 421 HOH A O   1 
HETATM 1413 O  O   . HOH H 4 .   ? 12.747  8.010   0.485   1.00 38.14  ? 422 HOH A O   1 
HETATM 1414 O  O   . HOH H 4 .   ? 7.253   -4.035  0.293   1.00 33.97  ? 423 HOH A O   1 
HETATM 1415 O  O   . HOH H 4 .   ? 10.679  -9.651  -18.486 1.00 34.68  ? 424 HOH A O   1 
HETATM 1416 O  O   . HOH H 4 .   ? -5.277  15.846  5.498   1.00 42.22  ? 425 HOH A O   1 
HETATM 1417 O  O   . HOH H 4 .   ? -6.705  -4.752  -8.261  1.00 33.33  ? 426 HOH A O   1 
HETATM 1418 O  O   . HOH H 4 .   ? -5.044  15.349  2.768   1.00 38.02  ? 427 HOH A O   1 
HETATM 1419 O  O   . HOH H 4 .   ? 12.713  5.616   -0.994  1.00 34.75  ? 428 HOH A O   1 
HETATM 1420 O  O   . HOH H 4 .   ? -2.441  -3.922  10.743  1.00 46.76  ? 429 HOH A O   1 
HETATM 1421 O  O   . HOH H 4 .   ? -11.821 -11.476 -11.217 1.00 41.56  ? 430 HOH A O   1 
HETATM 1422 O  O   . HOH H 4 .   ? 1.263   -18.200 -4.919  1.00 41.35  ? 431 HOH A O   1 
HETATM 1423 O  O   . HOH H 4 .   ? 15.585  3.724   2.234   1.00 39.20  ? 432 HOH A O   1 
HETATM 1424 O  O   . HOH H 4 .   ? 13.283  10.118  -1.443  1.00 39.93  ? 433 HOH A O   1 
HETATM 1425 O  O   . HOH H 4 .   ? 5.209   -1.242  -1.312  1.00 31.64  ? 434 HOH A O   1 
HETATM 1426 O  O   . HOH H 4 .   ? 9.955   0.738   2.876   1.00 31.35  ? 435 HOH A O   1 
HETATM 1427 O  O   . HOH H 4 .   ? 2.036   -18.868 -1.195  1.00 47.86  ? 436 HOH A O   1 
HETATM 1428 O  O   . HOH H 4 .   ? -5.702  -18.985 -12.830 1.00 45.88  ? 437 HOH A O   1 
HETATM 1429 O  O   . HOH H 4 .   ? 9.465   -10.707 1.754   1.00 46.41  ? 438 HOH A O   1 
HETATM 1430 O  O   . HOH H 4 .   ? 3.669   4.988   -16.051 1.00 41.95  ? 439 HOH A O   1 
HETATM 1431 O  O   . HOH H 4 .   ? -18.617 -2.384  1.607   1.00 36.50  ? 440 HOH A O   1 
HETATM 1432 O  O   . HOH H 4 .   ? 4.026   6.563   -13.724 1.00 53.38  ? 441 HOH A O   1 
HETATM 1433 O  O   . HOH H 4 .   ? 15.445  7.513   10.096  1.00 43.91  ? 442 HOH A O   1 
HETATM 1434 O  O   . HOH H 4 .   ? 1.558   17.648  5.142   1.00 46.61  ? 443 HOH A O   1 
HETATM 1435 O  O   . HOH H 4 .   ? 2.629   -2.747  12.916  1.00 52.34  ? 444 HOH A O   1 
HETATM 1436 O  O   . HOH H 4 .   ? -8.975  8.017   2.856   1.00 29.81  ? 445 HOH A O   1 
HETATM 1437 O  O   . HOH H 4 .   ? 8.210   -2.273  -8.136  1.00 41.03  ? 446 HOH A O   1 
HETATM 1438 O  O   . HOH H 4 .   ? -6.045  -17.022 0.185   1.00 47.02  ? 447 HOH A O   1 
HETATM 1439 O  O   . HOH H 4 .   ? -0.215  1.652   14.037  1.00 39.16  ? 448 HOH A O   1 
HETATM 1440 O  O   . HOH H 4 .   ? -1.775  15.371  -5.281  1.00 49.01  ? 449 HOH A O   1 
HETATM 1441 O  O   . HOH H 4 .   ? 15.944  -5.896  4.615   1.00 49.07  ? 450 HOH A O   1 
HETATM 1442 O  O   . HOH H 4 .   ? -18.865 -11.030 2.350   1.00 38.02  ? 451 HOH A O   1 
HETATM 1443 O  O   . HOH H 4 .   ? 12.474  1.690   2.180   1.00 36.83  ? 452 HOH A O   1 
HETATM 1444 O  O   . HOH H 4 .   ? -7.283  2.895   -11.288 1.00 50.63  ? 453 HOH A O   1 
HETATM 1445 O  O   . HOH H 4 .   ? -6.742  10.945  -2.105  1.00 27.61  ? 454 HOH A O   1 
HETATM 1446 O  O   . HOH H 4 .   ? -0.096  -4.921  12.590  1.00 41.32  ? 455 HOH A O   1 
HETATM 1447 O  O   . HOH H 4 .   ? 13.701  3.522   0.560   1.00 41.15  ? 456 HOH A O   1 
HETATM 1448 O  O   . HOH H 4 .   ? -20.347 -2.928  -0.614  1.00 27.73  ? 457 HOH A O   1 
HETATM 1449 O  O   . HOH H 4 .   ? -9.171  5.717   1.195   0.50 27.23  ? 458 HOH A O   1 
HETATM 1450 O  O   . HOH H 4 .   ? 4.624   -15.096 -8.586  1.00 52.38  ? 459 HOH A O   1 
HETATM 1451 O  O   . HOH H 4 .   ? -23.863 -4.924  0.396   1.00 25.38  ? 460 HOH A O   1 
HETATM 1452 O  O   . HOH H 4 .   ? -12.464 2.707   -3.135  1.00 25.18  ? 461 HOH A O   1 
HETATM 1453 O  O   . HOH H 4 .   ? 2.525   -11.900 -18.115 1.00 42.56  ? 462 HOH A O   1 
HETATM 1454 O  O   . HOH H 4 .   ? -21.608 -3.113  2.963   1.00 32.08  ? 463 HOH A O   1 
HETATM 1455 O  O   . HOH H 4 .   ? 18.161  16.252  3.213   1.00 54.88  ? 464 HOH A O   1 
HETATM 1456 O  O   . HOH H 4 .   ? 9.424   -13.853 -17.229 1.00 38.54  ? 465 HOH A O   1 
HETATM 1457 O  O   . HOH H 4 .   ? -2.683  -14.194 -20.533 1.00 40.03  ? 466 HOH A O   1 
HETATM 1458 O  O   . HOH H 4 .   ? 13.764  -1.000  7.071   1.00 37.27  ? 467 HOH A O   1 
HETATM 1459 O  O   . HOH H 4 .   ? 2.504   20.144  4.944   1.00 38.63  ? 468 HOH A O   1 
HETATM 1460 O  O   . HOH H 4 .   ? 1.971   -21.478 -10.129 1.00 49.46  ? 469 HOH A O   1 
HETATM 1461 O  O   . HOH H 4 .   ? 1.039   -1.540  16.460  1.00 51.16  ? 470 HOH A O   1 
HETATM 1462 O  O   . HOH H 4 .   ? -2.120  -1.818  17.351  1.00 51.31  ? 471 HOH A O   1 
# 
